data_7JSG
#
_entry.id   7JSG
#
_cell.length_a   1.00
_cell.length_b   1.00
_cell.length_c   1.00
_cell.angle_alpha   90.00
_cell.angle_beta   90.00
_cell.angle_gamma   90.00
#
_symmetry.space_group_name_H-M   'P 1'
#
loop_
_entity.id
_entity.type
_entity.pdbx_description
1 polymer 'Protein Rep68'
2 polymer "DNA (5'-D(P*TP*TP*TP*TP*TP*TP*TP*TP*TP*TP*TP*TP*TP*TP*TP*TP*T)-3')"
#
loop_
_entity_poly.entity_id
_entity_poly.type
_entity_poly.pdbx_seq_one_letter_code
_entity_poly.pdbx_strand_id
1 'polypeptide(L)'
;GPPGFYEIVIKVPSDLDEHLPGISDSFVNWVAEKEWELPPDSDMDLNLIEQAPLTVAEKLQRDFLTEWRRVSKAPEALFF
VQFEKGESYFHMHVLVETTGVKSMVLGRFLSQIREKLIQRIYRGIEPTLPNWFAVTKTRNGAGGGNKVVDESYIPNYLLP
KTQPELQWAWTNMEQYLSACLNLTERKRLVAQHLTHVSQTQEQNKENQNPNSDAPVIRSKTSARYMELVGWLVDKGITSE
KQWIQEDQASYISFNAASNSRSQIKAALDNAGKIMSLTKTAPDYLVGQQPVEDISSNRIYKILELNGYDPQYAASVFLGW
ATKKFGKRNTIWLFGPATTGKTNIAEAIAHTVPFYGCVNWTNENFPFNDCVDKMVIWWEEGKMTAKVVESAKAILGGSKV
RVDQKCKSSAQIDPTPVIVTSNTNMCAVIDGNSTTFEHQQPLQDRMFKFELTRRLDHDFGKVTKQEVKDFFRWAKDHVVE
VEHEFYVKKGGAKKRPAPSDADISEPKRVRESVAQPSTSDAEASINYADRLARGHSL
;
A,B,C,D,E,F,G
2 'polydeoxyribonucleotide' (DT)(DT)(DT)(DT)(DT)(DT)(DT)(DT)(DT)(DT)(DT)(DT)(DT)(DT)(DT)(DT)(DT) N
#
loop_
_chem_comp.id
_chem_comp.type
_chem_comp.name
_chem_comp.formula
DT DNA linking THYMIDINE-5'-MONOPHOSPHATE 'C10 H15 N2 O8 P'
#
# COMPACT_ATOMS: atom_id res chain seq x y z
N LYS A 220 8.67 -36.92 -0.25
CA LYS A 220 8.58 -36.51 -1.64
C LYS A 220 9.73 -35.57 -2.02
N THR A 221 9.58 -34.29 -1.68
CA THR A 221 10.60 -33.30 -1.98
C THR A 221 11.75 -33.32 -0.99
N SER A 222 11.73 -34.22 -0.01
CA SER A 222 12.81 -34.27 0.97
C SER A 222 14.14 -34.62 0.30
N ALA A 223 14.13 -35.60 -0.61
CA ALA A 223 15.35 -35.98 -1.29
C ALA A 223 15.89 -34.83 -2.15
N ARG A 224 14.99 -34.13 -2.86
CA ARG A 224 15.43 -33.00 -3.68
C ARG A 224 16.01 -31.89 -2.82
N TYR A 225 15.37 -31.60 -1.68
CA TYR A 225 15.90 -30.58 -0.78
C TYR A 225 17.26 -30.97 -0.23
N MET A 226 17.42 -32.24 0.15
CA MET A 226 18.72 -32.70 0.66
C MET A 226 19.79 -32.59 -0.42
N GLU A 227 19.46 -32.97 -1.65
CA GLU A 227 20.43 -32.86 -2.74
C GLU A 227 20.81 -31.41 -3.00
N LEU A 228 19.82 -30.52 -3.01
CA LEU A 228 20.12 -29.10 -3.22
C LEU A 228 20.99 -28.54 -2.11
N VAL A 229 20.72 -28.94 -0.87
CA VAL A 229 21.52 -28.46 0.25
C VAL A 229 22.96 -28.98 0.13
N GLY A 230 23.10 -30.27 -0.19
CA GLY A 230 24.44 -30.82 -0.36
C GLY A 230 25.21 -30.14 -1.49
N TRP A 231 24.51 -29.81 -2.57
CA TRP A 231 25.16 -29.10 -3.68
C TRP A 231 25.60 -27.71 -3.25
N LEU A 232 24.69 -26.94 -2.65
CA LEU A 232 25.04 -25.61 -2.19
C LEU A 232 26.16 -25.65 -1.16
N VAL A 233 26.31 -26.76 -0.45
CA VAL A 233 27.36 -26.87 0.56
C VAL A 233 28.70 -27.19 -0.08
N ASP A 234 28.77 -28.30 -0.82
CA ASP A 234 30.04 -28.77 -1.36
C ASP A 234 30.10 -28.66 -2.88
N LYS A 235 29.64 -27.52 -3.43
CA LYS A 235 29.73 -27.27 -4.85
C LYS A 235 30.27 -25.90 -5.21
N GLY A 236 30.48 -25.01 -4.23
CA GLY A 236 30.99 -23.68 -4.51
C GLY A 236 29.89 -22.70 -4.87
N ILE A 237 28.73 -22.84 -4.24
CA ILE A 237 27.57 -21.97 -4.47
C ILE A 237 27.35 -21.14 -3.22
N THR A 238 27.37 -19.82 -3.37
CA THR A 238 27.14 -18.92 -2.23
C THR A 238 26.27 -17.72 -2.57
N SER A 239 26.12 -17.33 -3.83
CA SER A 239 25.29 -16.20 -4.21
C SER A 239 24.53 -16.57 -5.48
N GLU A 240 23.73 -15.62 -5.96
CA GLU A 240 22.95 -15.86 -7.18
C GLU A 240 23.86 -16.00 -8.39
N LYS A 241 24.80 -15.07 -8.57
CA LYS A 241 25.71 -15.15 -9.71
C LYS A 241 26.60 -16.39 -9.62
N GLN A 242 27.09 -16.70 -8.41
CA GLN A 242 27.93 -17.89 -8.25
C GLN A 242 27.16 -19.15 -8.57
N TRP A 243 25.90 -19.25 -8.11
CA TRP A 243 25.10 -20.43 -8.40
C TRP A 243 24.77 -20.53 -9.87
N ILE A 244 24.52 -19.39 -10.53
CA ILE A 244 24.22 -19.41 -11.95
C ILE A 244 25.44 -19.81 -12.76
N GLN A 245 26.63 -19.41 -12.32
CA GLN A 245 27.85 -19.77 -13.04
C GLN A 245 28.27 -21.21 -12.79
N GLU A 246 27.99 -21.74 -11.59
CA GLU A 246 28.35 -23.11 -11.26
C GLU A 246 27.59 -24.09 -12.14
N ASP A 247 26.44 -24.55 -11.65
CA ASP A 247 25.59 -25.51 -12.37
C ASP A 247 24.47 -24.73 -13.05
N GLN A 248 24.60 -24.50 -14.35
CA GLN A 248 23.57 -23.76 -15.09
C GLN A 248 22.34 -24.63 -15.34
N ALA A 249 22.53 -25.92 -15.60
CA ALA A 249 21.40 -26.80 -15.86
C ALA A 249 20.60 -27.06 -14.59
N SER A 250 21.24 -26.96 -13.41
CA SER A 250 20.53 -27.20 -12.17
C SER A 250 19.43 -26.17 -11.96
N TYR A 251 19.68 -24.91 -12.34
CA TYR A 251 18.68 -23.87 -12.20
C TYR A 251 17.44 -24.18 -13.03
N ILE A 252 17.65 -24.55 -14.30
CA ILE A 252 16.52 -24.87 -15.17
C ILE A 252 15.79 -26.11 -14.67
N SER A 253 16.55 -27.10 -14.17
CA SER A 253 15.92 -28.31 -13.66
C SER A 253 15.04 -27.99 -12.44
N PHE A 254 15.53 -27.16 -11.54
CA PHE A 254 14.75 -26.79 -10.36
C PHE A 254 13.53 -25.97 -10.75
N ASN A 255 13.68 -25.09 -11.75
CA ASN A 255 12.55 -24.29 -12.20
C ASN A 255 11.47 -25.16 -12.86
N ALA A 256 11.90 -26.20 -13.58
CA ALA A 256 10.93 -27.08 -14.23
C ALA A 256 10.26 -28.01 -13.22
N ALA A 257 11.02 -28.51 -12.24
CA ALA A 257 10.44 -29.39 -11.24
C ALA A 257 9.49 -28.65 -10.32
N SER A 258 9.69 -27.35 -10.13
CA SER A 258 8.83 -26.55 -9.27
C SER A 258 9.03 -25.08 -9.60
N ASN A 259 7.91 -24.36 -9.75
CA ASN A 259 7.94 -22.94 -10.09
C ASN A 259 8.03 -22.06 -8.84
N SER A 260 8.46 -22.60 -7.72
CA SER A 260 8.59 -21.86 -6.47
C SER A 260 10.06 -21.83 -6.07
N ARG A 261 10.62 -20.63 -5.96
CA ARG A 261 12.02 -20.45 -5.59
C ARG A 261 12.21 -20.34 -4.08
N SER A 262 11.16 -20.56 -3.29
CA SER A 262 11.30 -20.47 -1.84
C SER A 262 12.26 -21.53 -1.32
N GLN A 263 12.18 -22.75 -1.87
CA GLN A 263 13.04 -23.83 -1.40
C GLN A 263 14.51 -23.50 -1.64
N ILE A 264 14.84 -23.10 -2.88
CA ILE A 264 16.24 -22.78 -3.19
C ILE A 264 16.70 -21.55 -2.42
N LYS A 265 15.80 -20.59 -2.21
CA LYS A 265 16.16 -19.41 -1.42
C LYS A 265 16.51 -19.79 0.01
N ALA A 266 15.68 -20.62 0.64
CA ALA A 266 15.96 -21.07 2.00
C ALA A 266 17.24 -21.90 2.06
N ALA A 267 17.48 -22.74 1.04
CA ALA A 267 18.71 -23.52 1.02
C ALA A 267 19.93 -22.63 0.93
N LEU A 268 19.89 -21.62 0.05
CA LEU A 268 21.01 -20.70 -0.07
C LEU A 268 21.22 -19.91 1.22
N ASP A 269 20.13 -19.49 1.85
CA ASP A 269 20.26 -18.76 3.11
C ASP A 269 20.89 -19.62 4.19
N ASN A 270 20.45 -20.89 4.30
CA ASN A 270 21.04 -21.78 5.29
C ASN A 270 22.50 -22.04 5.00
N ALA A 271 22.86 -22.23 3.72
CA ALA A 271 24.26 -22.44 3.37
C ALA A 271 25.10 -21.23 3.74
N GLY A 272 24.62 -20.03 3.41
CA GLY A 272 25.36 -18.83 3.77
C GLY A 272 25.52 -18.67 5.27
N LYS A 273 24.45 -18.96 6.03
CA LYS A 273 24.53 -18.86 7.48
C LYS A 273 25.55 -19.86 8.03
N ILE A 274 25.52 -21.10 7.54
CA ILE A 274 26.46 -22.11 8.04
C ILE A 274 27.89 -21.75 7.66
N MET A 275 28.08 -21.08 6.51
CA MET A 275 29.43 -20.74 6.08
C MET A 275 29.95 -19.49 6.77
N SER A 276 29.07 -18.60 7.22
CA SER A 276 29.49 -17.35 7.86
C SER A 276 29.57 -17.51 9.37
N LEU A 277 28.45 -17.84 10.02
CA LEU A 277 28.40 -17.95 11.48
C LEU A 277 29.41 -18.96 11.99
N THR A 278 29.03 -20.24 12.01
CA THR A 278 29.91 -21.27 12.53
C THR A 278 31.20 -21.35 11.72
N LYS A 279 31.08 -21.51 10.41
CA LYS A 279 32.26 -21.58 9.55
C LYS A 279 33.02 -20.27 9.57
N THR A 280 34.28 -20.32 10.00
CA THR A 280 35.11 -19.13 10.05
C THR A 280 35.48 -18.66 8.65
N ALA A 281 36.75 -18.80 8.28
CA ALA A 281 37.20 -18.40 6.96
C ALA A 281 38.48 -19.14 6.58
N PRO A 282 39.56 -19.00 7.36
CA PRO A 282 40.80 -19.69 7.02
C PRO A 282 40.63 -21.18 6.81
N ASP A 283 39.69 -21.81 7.52
CA ASP A 283 39.49 -23.25 7.38
C ASP A 283 39.24 -23.64 5.93
N TYR A 284 38.68 -22.73 5.13
CA TYR A 284 38.43 -23.01 3.71
C TYR A 284 39.22 -22.08 2.80
N LEU A 285 40.22 -21.36 3.32
CA LEU A 285 41.05 -20.49 2.51
C LEU A 285 42.53 -20.65 2.85
N VAL A 286 42.92 -21.77 3.45
CA VAL A 286 44.30 -22.05 3.81
C VAL A 286 44.68 -23.36 3.12
N GLY A 287 45.44 -23.26 2.04
CA GLY A 287 45.84 -24.46 1.32
C GLY A 287 46.70 -25.36 2.18
N GLN A 288 46.63 -26.67 1.87
CA GLN A 288 47.40 -27.66 2.62
C GLN A 288 48.83 -27.81 2.12
N GLN A 289 49.21 -27.08 1.06
CA GLN A 289 50.55 -27.17 0.52
C GLN A 289 51.31 -25.87 0.75
N PRO A 290 52.59 -25.96 1.12
CA PRO A 290 53.38 -24.74 1.36
C PRO A 290 53.51 -23.90 0.10
N VAL A 291 54.12 -22.73 0.26
CA VAL A 291 54.33 -21.80 -0.86
C VAL A 291 55.69 -22.10 -1.50
N GLU A 292 56.39 -23.11 -0.99
CA GLU A 292 57.70 -23.47 -1.52
C GLU A 292 58.68 -22.32 -1.33
N ASP A 293 58.60 -21.31 -2.19
CA ASP A 293 59.47 -20.15 -2.12
C ASP A 293 58.63 -18.88 -2.03
N ILE A 294 59.07 -17.94 -1.19
CA ILE A 294 58.33 -16.71 -1.03
C ILE A 294 58.35 -15.88 -2.31
N SER A 295 59.37 -16.06 -3.14
CA SER A 295 59.48 -15.33 -4.41
C SER A 295 58.77 -16.10 -5.53
N SER A 296 57.46 -16.24 -5.37
CA SER A 296 56.63 -16.94 -6.34
C SER A 296 55.35 -16.21 -6.71
N ASN A 297 54.91 -15.23 -5.93
CA ASN A 297 53.69 -14.48 -6.21
C ASN A 297 53.98 -12.99 -6.12
N ARG A 298 53.01 -12.19 -6.56
CA ARG A 298 53.16 -10.73 -6.50
C ARG A 298 53.07 -10.20 -5.08
N ILE A 299 52.57 -11.00 -4.14
CA ILE A 299 52.47 -10.54 -2.74
C ILE A 299 53.85 -10.28 -2.18
N TYR A 300 54.83 -11.13 -2.53
CA TYR A 300 56.19 -10.93 -2.05
C TYR A 300 56.77 -9.62 -2.58
N LYS A 301 56.57 -9.35 -3.86
CA LYS A 301 57.07 -8.10 -4.44
C LYS A 301 56.37 -6.89 -3.80
N ILE A 302 55.07 -7.00 -3.55
CA ILE A 302 54.34 -5.89 -2.93
C ILE A 302 54.88 -5.64 -1.53
N LEU A 303 55.12 -6.70 -0.77
CA LEU A 303 55.66 -6.53 0.59
C LEU A 303 57.06 -5.94 0.55
N GLU A 304 57.88 -6.37 -0.42
CA GLU A 304 59.23 -5.82 -0.53
C GLU A 304 59.20 -4.35 -0.88
N LEU A 305 58.28 -3.94 -1.77
CA LEU A 305 58.18 -2.54 -2.15
C LEU A 305 57.61 -1.70 -1.02
N ASN A 306 56.72 -2.29 -0.20
CA ASN A 306 56.15 -1.55 0.91
C ASN A 306 57.08 -1.54 2.13
N GLY A 307 57.44 -2.72 2.62
CA GLY A 307 58.32 -2.82 3.76
C GLY A 307 57.70 -3.52 4.95
N TYR A 308 57.80 -4.85 4.98
CA TYR A 308 57.24 -5.64 6.07
C TYR A 308 58.11 -6.87 6.29
N ASP A 309 58.19 -7.30 7.55
CA ASP A 309 58.98 -8.47 7.88
C ASP A 309 58.25 -9.74 7.45
N PRO A 310 58.95 -10.69 6.84
CA PRO A 310 58.29 -11.92 6.38
C PRO A 310 57.64 -12.69 7.51
N GLN A 311 58.46 -13.26 8.40
CA GLN A 311 57.92 -14.06 9.49
C GLN A 311 57.06 -13.21 10.43
N TYR A 312 57.48 -11.97 10.67
CA TYR A 312 56.71 -11.09 11.55
C TYR A 312 55.32 -10.82 10.98
N ALA A 313 55.26 -10.46 9.70
CA ALA A 313 53.96 -10.20 9.07
C ALA A 313 53.12 -11.47 9.02
N ALA A 314 53.75 -12.62 8.77
CA ALA A 314 53.02 -13.88 8.75
C ALA A 314 52.39 -14.17 10.09
N SER A 315 53.17 -14.00 11.17
CA SER A 315 52.63 -14.24 12.52
C SER A 315 51.54 -13.24 12.86
N VAL A 316 51.70 -11.98 12.44
CA VAL A 316 50.67 -10.97 12.70
C VAL A 316 49.38 -11.35 12.00
N PHE A 317 49.47 -11.77 10.74
CA PHE A 317 48.28 -12.18 10.00
C PHE A 317 47.64 -13.40 10.62
N LEU A 318 48.46 -14.37 11.07
CA LEU A 318 47.91 -15.55 11.72
C LEU A 318 47.16 -15.18 12.99
N GLY A 319 47.75 -14.30 13.82
CA GLY A 319 47.09 -13.89 15.03
C GLY A 319 45.82 -13.09 14.77
N TRP A 320 45.82 -12.29 13.71
CA TRP A 320 44.63 -11.51 13.38
C TRP A 320 43.52 -12.39 12.82
N ALA A 321 43.86 -13.45 12.10
CA ALA A 321 42.84 -14.34 11.55
C ALA A 321 42.32 -15.34 12.57
N THR A 322 43.16 -15.77 13.50
CA THR A 322 42.75 -16.73 14.52
C THR A 322 42.07 -16.07 15.72
N LYS A 323 42.27 -14.77 15.91
CA LYS A 323 41.65 -14.05 17.03
C LYS A 323 42.12 -14.62 18.37
N LYS A 324 43.44 -14.74 18.52
CA LYS A 324 44.02 -15.28 19.74
C LYS A 324 44.38 -14.20 20.76
N PHE A 325 44.45 -12.94 20.35
CA PHE A 325 44.77 -11.85 21.25
C PHE A 325 43.59 -11.40 22.10
N GLY A 326 42.39 -11.93 21.84
CA GLY A 326 41.21 -11.53 22.60
C GLY A 326 40.59 -10.22 22.19
N LYS A 327 41.41 -9.18 21.99
CA LYS A 327 40.91 -7.88 21.58
C LYS A 327 41.70 -7.23 20.46
N ARG A 328 42.87 -7.74 20.11
CA ARG A 328 43.69 -7.15 19.04
C ARG A 328 43.41 -7.89 17.73
N ASN A 329 42.21 -7.63 17.20
CA ASN A 329 41.74 -8.25 15.96
C ASN A 329 41.23 -7.16 15.01
N THR A 330 42.12 -6.25 14.64
CA THR A 330 41.78 -5.15 13.74
C THR A 330 43.03 -4.72 12.98
N ILE A 331 42.83 -4.33 11.73
CA ILE A 331 43.91 -3.89 10.86
C ILE A 331 43.47 -2.62 10.13
N TRP A 332 44.35 -1.63 10.09
CA TRP A 332 44.09 -0.37 9.40
C TRP A 332 45.29 -0.01 8.55
N LEU A 333 45.03 0.54 7.37
CA LEU A 333 46.07 0.92 6.42
C LEU A 333 45.99 2.42 6.13
N PHE A 334 47.14 3.08 6.10
CA PHE A 334 47.24 4.51 5.82
C PHE A 334 48.11 4.68 4.57
N GLY A 335 47.49 4.58 3.40
CA GLY A 335 48.19 4.72 2.15
C GLY A 335 47.25 4.91 0.98
N PRO A 336 47.74 5.59 -0.06
CA PRO A 336 46.90 5.82 -1.24
C PRO A 336 46.48 4.51 -1.90
N ALA A 337 45.57 4.63 -2.86
CA ALA A 337 45.08 3.46 -3.58
C ALA A 337 46.07 2.96 -4.62
N THR A 338 46.96 3.84 -5.10
CA THR A 338 47.94 3.44 -6.11
C THR A 338 49.01 2.52 -5.53
N THR A 339 49.14 2.44 -4.20
CA THR A 339 50.15 1.58 -3.59
C THR A 339 49.85 0.11 -3.86
N GLY A 340 48.58 -0.23 -4.11
CA GLY A 340 48.20 -1.60 -4.37
C GLY A 340 47.16 -2.12 -3.40
N LYS A 341 46.55 -1.21 -2.62
CA LYS A 341 45.54 -1.62 -1.67
C LYS A 341 44.24 -2.02 -2.37
N THR A 342 43.89 -1.32 -3.44
CA THR A 342 42.66 -1.64 -4.17
C THR A 342 42.74 -3.04 -4.77
N ASN A 343 43.87 -3.38 -5.39
CA ASN A 343 44.02 -4.70 -5.98
C ASN A 343 44.00 -5.79 -4.91
N ILE A 344 44.64 -5.55 -3.78
CA ILE A 344 44.64 -6.52 -2.69
C ILE A 344 43.22 -6.73 -2.17
N ALA A 345 42.47 -5.64 -1.99
CA ALA A 345 41.09 -5.76 -1.52
C ALA A 345 40.23 -6.52 -2.53
N GLU A 346 40.41 -6.23 -3.82
CA GLU A 346 39.65 -6.95 -4.84
C GLU A 346 39.98 -8.44 -4.83
N ALA A 347 41.26 -8.77 -4.71
CA ALA A 347 41.65 -10.19 -4.66
C ALA A 347 41.08 -10.87 -3.43
N ILE A 348 41.09 -10.19 -2.29
CA ILE A 348 40.55 -10.78 -1.06
C ILE A 348 39.06 -10.99 -1.21
N ALA A 349 38.35 -10.04 -1.82
CA ALA A 349 36.91 -10.19 -2.01
C ALA A 349 36.60 -11.32 -2.98
N HIS A 350 37.42 -11.48 -4.02
CA HIS A 350 37.19 -12.55 -4.99
C HIS A 350 37.52 -13.91 -4.41
N THR A 351 38.48 -13.97 -3.49
CA THR A 351 38.87 -15.24 -2.87
C THR A 351 37.71 -15.83 -2.09
N VAL A 352 37.44 -15.29 -0.91
CA VAL A 352 36.33 -15.80 -0.08
C VAL A 352 35.01 -15.51 -0.78
N PRO A 353 34.09 -16.46 -0.85
CA PRO A 353 32.81 -16.20 -1.51
C PRO A 353 31.95 -15.19 -0.77
N PHE A 354 31.98 -15.19 0.56
CA PHE A 354 31.20 -14.26 1.37
C PHE A 354 32.10 -13.14 1.88
N TYR A 355 31.50 -11.97 2.07
CA TYR A 355 32.22 -10.80 2.55
C TYR A 355 31.28 -9.63 2.79
N GLY A 356 31.54 -8.86 3.84
CA GLY A 356 30.71 -7.70 4.16
C GLY A 356 31.28 -6.43 3.57
N CYS A 357 30.38 -5.55 3.11
CA CYS A 357 30.75 -4.27 2.50
C CYS A 357 29.96 -3.18 3.21
N VAL A 358 30.58 -2.54 4.20
CA VAL A 358 29.94 -1.47 4.96
C VAL A 358 30.14 -0.16 4.20
N ASN A 359 29.05 0.53 3.90
CA ASN A 359 29.07 1.80 3.19
C ASN A 359 28.43 2.86 4.06
N TRP A 360 29.18 3.90 4.40
CA TRP A 360 28.70 5.00 5.23
C TRP A 360 27.99 6.08 4.41
N THR A 361 27.41 5.72 3.28
CA THR A 361 26.71 6.72 2.46
C THR A 361 25.46 7.24 3.15
N ASN A 362 24.86 6.44 4.02
CA ASN A 362 23.65 6.82 4.75
C ASN A 362 23.93 6.72 6.25
N GLU A 363 23.80 7.84 6.95
CA GLU A 363 24.06 7.84 8.39
C GLU A 363 23.03 7.00 9.15
N ASN A 364 21.81 6.88 8.61
CA ASN A 364 20.78 6.10 9.27
C ASN A 364 21.06 4.60 9.21
N PHE A 365 21.87 4.14 8.27
CA PHE A 365 22.21 2.73 8.11
C PHE A 365 23.72 2.60 7.97
N PRO A 366 24.45 2.72 9.08
CA PRO A 366 25.91 2.59 9.02
C PRO A 366 26.35 1.24 8.49
N PHE A 367 26.44 0.24 9.37
CA PHE A 367 26.83 -1.11 9.00
C PHE A 367 25.66 -1.78 8.30
N ASN A 368 25.74 -1.89 6.97
CA ASN A 368 24.68 -2.49 6.18
C ASN A 368 25.02 -3.90 5.70
N ASP A 369 26.26 -4.13 5.28
CA ASP A 369 26.71 -5.43 4.79
C ASP A 369 27.87 -5.90 5.67
N CYS A 370 27.54 -6.69 6.70
CA CYS A 370 28.55 -7.21 7.62
C CYS A 370 27.93 -8.15 8.62
N VAL A 371 26.60 -8.26 8.63
CA VAL A 371 25.90 -9.13 9.56
C VAL A 371 26.16 -10.57 9.15
N ASP A 372 26.76 -11.35 10.06
CA ASP A 372 27.05 -12.75 9.79
C ASP A 372 27.99 -12.90 8.61
N LYS A 373 29.28 -12.61 8.82
CA LYS A 373 30.27 -12.71 7.76
C LYS A 373 31.61 -13.09 8.40
N MET A 374 32.64 -13.12 7.57
CA MET A 374 33.99 -13.45 8.01
C MET A 374 34.99 -12.32 7.83
N VAL A 375 34.92 -11.60 6.71
CA VAL A 375 35.81 -10.48 6.43
C VAL A 375 34.95 -9.30 5.98
N ILE A 376 35.22 -8.12 6.54
CA ILE A 376 34.50 -6.90 6.19
C ILE A 376 35.49 -5.94 5.54
N TRP A 377 35.03 -5.22 4.52
CA TRP A 377 35.84 -4.27 3.78
C TRP A 377 35.19 -2.89 3.85
N TRP A 378 35.95 -1.91 4.35
CA TRP A 378 35.48 -0.54 4.46
C TRP A 378 35.89 0.23 3.21
N GLU A 379 34.92 0.47 2.32
CA GLU A 379 35.19 1.19 1.07
C GLU A 379 35.59 2.63 1.36
N GLU A 380 34.64 3.55 1.27
CA GLU A 380 34.86 4.96 1.50
C GLU A 380 34.08 5.41 2.72
N GLY A 381 34.31 6.66 3.12
CA GLY A 381 33.64 7.24 4.26
C GLY A 381 34.25 6.80 5.58
N LYS A 382 33.98 7.58 6.61
CA LYS A 382 34.47 7.33 7.96
C LYS A 382 33.34 6.87 8.86
N MET A 383 33.71 6.33 10.02
CA MET A 383 32.74 5.84 10.98
C MET A 383 32.20 7.00 11.81
N THR A 384 30.88 7.02 12.00
CA THR A 384 30.23 8.07 12.78
C THR A 384 30.43 7.80 14.27
N ALA A 385 29.71 8.55 15.11
CA ALA A 385 29.80 8.40 16.56
C ALA A 385 28.48 7.98 17.18
N LYS A 386 27.49 7.59 16.37
CA LYS A 386 26.20 7.19 16.90
C LYS A 386 26.23 5.75 17.44
N VAL A 387 27.01 4.88 16.82
CA VAL A 387 27.10 3.49 17.25
C VAL A 387 28.56 3.09 17.34
N VAL A 388 29.36 3.85 18.09
CA VAL A 388 30.78 3.54 18.23
C VAL A 388 30.97 2.28 19.04
N GLU A 389 30.04 1.97 19.95
CA GLU A 389 30.17 0.76 20.76
C GLU A 389 30.14 -0.49 19.88
N SER A 390 29.29 -0.50 18.85
CA SER A 390 29.23 -1.64 17.97
C SER A 390 30.56 -1.88 17.27
N ALA A 391 31.16 -0.81 16.74
CA ALA A 391 32.45 -0.95 16.07
C ALA A 391 33.54 -1.38 17.05
N LYS A 392 33.52 -0.82 18.27
CA LYS A 392 34.51 -1.20 19.26
C LYS A 392 34.39 -2.66 19.65
N ALA A 393 33.17 -3.18 19.72
CA ALA A 393 32.97 -4.58 20.07
C ALA A 393 33.32 -5.49 18.90
N ILE A 394 33.06 -5.05 17.66
CA ILE A 394 33.38 -5.86 16.50
C ILE A 394 34.89 -5.96 16.31
N LEU A 395 35.57 -4.82 16.29
CA LEU A 395 37.03 -4.81 16.11
C LEU A 395 37.76 -5.37 17.33
N GLY A 396 37.12 -5.38 18.49
CA GLY A 396 37.73 -5.87 19.71
C GLY A 396 37.48 -7.34 20.00
N GLY A 397 36.80 -8.05 19.11
CA GLY A 397 36.52 -9.46 19.32
C GLY A 397 35.24 -9.76 20.06
N SER A 398 34.31 -8.81 20.13
CA SER A 398 33.04 -9.03 20.82
C SER A 398 31.86 -8.82 19.88
N LYS A 399 30.67 -8.63 20.43
CA LYS A 399 29.48 -8.41 19.63
C LYS A 399 28.52 -7.53 20.40
N VAL A 400 27.53 -6.99 19.68
CA VAL A 400 26.54 -6.09 20.27
C VAL A 400 25.49 -5.75 19.22
N ARG A 401 24.26 -5.51 19.66
CA ARG A 401 23.19 -5.17 18.74
C ARG A 401 23.49 -3.86 18.02
N VAL A 402 23.27 -3.83 16.71
CA VAL A 402 23.52 -2.66 15.89
C VAL A 402 22.27 -2.35 15.07
N ASP A 403 21.91 -1.08 15.00
CA ASP A 403 20.74 -0.68 14.23
C ASP A 403 21.04 -0.75 12.73
N GLN A 404 20.22 -1.49 12.01
CA GLN A 404 20.36 -1.68 10.57
C GLN A 404 19.18 -1.01 9.88
N LYS A 405 18.60 -1.60 8.83
CA LYS A 405 17.47 -1.01 8.12
C LYS A 405 16.16 -1.36 8.83
N CYS A 406 15.05 -0.86 8.28
CA CYS A 406 13.72 -1.12 8.82
C CYS A 406 13.68 -0.96 10.34
N LYS A 407 14.39 0.05 10.85
CA LYS A 407 14.47 0.32 12.29
C LYS A 407 14.61 -0.97 13.09
N SER A 408 15.42 -1.90 12.61
CA SER A 408 15.65 -3.18 13.27
C SER A 408 17.06 -3.22 13.85
N SER A 409 17.27 -4.19 14.73
CA SER A 409 18.56 -4.39 15.40
C SER A 409 19.09 -5.78 15.05
N ALA A 410 20.27 -5.82 14.44
CA ALA A 410 20.91 -7.06 14.04
C ALA A 410 22.14 -7.31 14.92
N GLN A 411 22.70 -8.51 14.77
CA GLN A 411 23.87 -8.93 15.52
C GLN A 411 25.07 -9.06 14.58
N ILE A 412 26.19 -8.47 14.97
CA ILE A 412 27.42 -8.50 14.18
C ILE A 412 28.48 -9.15 15.05
N ASP A 413 28.76 -10.42 14.80
CA ASP A 413 29.76 -11.14 15.56
C ASP A 413 31.15 -10.57 15.29
N PRO A 414 32.15 -10.95 16.10
CA PRO A 414 33.50 -10.44 15.87
C PRO A 414 34.02 -10.75 14.48
N THR A 415 33.71 -9.89 13.52
CA THR A 415 34.13 -10.08 12.14
C THR A 415 35.34 -9.21 11.84
N PRO A 416 36.47 -9.77 11.46
CA PRO A 416 37.64 -8.94 11.14
C PRO A 416 37.34 -7.97 10.01
N VAL A 417 37.68 -6.71 10.22
CA VAL A 417 37.42 -5.65 9.26
C VAL A 417 38.76 -5.07 8.78
N ILE A 418 38.77 -4.65 7.52
CA ILE A 418 39.95 -4.04 6.91
C ILE A 418 39.50 -2.82 6.11
N VAL A 419 40.28 -1.74 6.20
CA VAL A 419 39.94 -0.49 5.54
C VAL A 419 40.90 -0.29 4.36
N THR A 420 40.38 0.30 3.29
CA THR A 420 41.17 0.57 2.10
C THR A 420 41.20 2.04 1.69
N SER A 421 40.25 2.86 2.10
CA SER A 421 40.25 4.26 1.71
C SER A 421 41.51 4.96 2.21
N ASN A 422 41.80 6.12 1.62
CA ASN A 422 42.97 6.90 1.98
C ASN A 422 42.72 7.89 3.10
N THR A 423 41.46 8.24 3.37
CA THR A 423 41.14 9.19 4.43
C THR A 423 41.43 8.58 5.80
N ASN A 424 41.71 9.44 6.77
CA ASN A 424 42.00 9.01 8.12
C ASN A 424 40.75 8.42 8.75
N MET A 425 40.82 7.13 9.12
CA MET A 425 39.68 6.45 9.72
C MET A 425 39.52 6.75 11.20
N CYS A 426 40.53 7.33 11.85
CA CYS A 426 40.43 7.64 13.27
C CYS A 426 39.41 8.72 13.56
N ALA A 427 39.02 9.50 12.55
CA ALA A 427 38.05 10.57 12.75
C ALA A 427 36.68 9.97 13.04
N VAL A 428 36.05 10.42 14.13
CA VAL A 428 34.73 9.96 14.54
C VAL A 428 33.76 11.12 14.38
N ILE A 429 32.71 10.91 13.59
CA ILE A 429 31.69 11.93 13.34
C ILE A 429 30.64 11.82 14.44
N ASP A 430 30.62 12.80 15.34
CA ASP A 430 29.67 12.84 16.45
C ASP A 430 28.71 14.00 16.23
N GLY A 431 27.45 13.70 15.97
CA GLY A 431 26.45 14.72 15.74
C GLY A 431 26.79 15.63 14.58
N ASN A 432 27.61 16.66 14.84
CA ASN A 432 28.00 17.60 13.80
C ASN A 432 29.45 18.05 13.99
N SER A 433 30.29 17.19 14.56
CA SER A 433 31.68 17.52 14.79
C SER A 433 32.54 16.28 14.56
N THR A 434 33.84 16.49 14.50
CA THR A 434 34.82 15.41 14.29
C THR A 434 35.71 15.32 15.52
N THR A 435 35.59 14.21 16.25
CA THR A 435 36.38 13.98 17.45
C THR A 435 37.18 12.69 17.32
N PHE A 436 38.29 12.63 18.04
CA PHE A 436 39.16 11.46 18.04
C PHE A 436 39.43 11.00 19.47
N GLU A 437 38.40 11.01 20.31
CA GLU A 437 38.57 10.59 21.70
C GLU A 437 38.91 9.10 21.80
N HIS A 438 38.36 8.28 20.91
CA HIS A 438 38.62 6.85 20.91
C HIS A 438 40.01 6.60 20.35
N GLN A 439 41.02 6.68 21.22
CA GLN A 439 42.41 6.47 20.84
C GLN A 439 43.03 5.28 21.54
N GLN A 440 42.93 5.21 22.87
CA GLN A 440 43.50 4.09 23.59
C GLN A 440 42.88 2.75 23.18
N PRO A 441 41.56 2.60 23.14
CA PRO A 441 41.00 1.32 22.68
C PRO A 441 41.32 1.01 21.23
N LEU A 442 41.28 2.01 20.35
CA LEU A 442 41.61 1.77 18.95
C LEU A 442 43.05 1.34 18.78
N GLN A 443 43.94 1.80 19.65
CA GLN A 443 45.34 1.40 19.57
C GLN A 443 45.59 0.05 20.23
N ASP A 444 44.83 -0.29 21.27
CA ASP A 444 45.00 -1.56 21.97
C ASP A 444 44.22 -2.70 21.32
N ARG A 445 43.34 -2.41 20.36
CA ARG A 445 42.56 -3.44 19.70
C ARG A 445 42.76 -3.47 18.19
N MET A 446 43.65 -2.65 17.64
CA MET A 446 43.88 -2.61 16.21
C MET A 446 45.37 -2.48 15.94
N PHE A 447 45.74 -2.63 14.66
CA PHE A 447 47.12 -2.51 14.23
C PHE A 447 47.16 -1.62 12.99
N LYS A 448 47.89 -0.52 13.08
CA LYS A 448 47.99 0.45 11.99
C LYS A 448 49.26 0.19 11.18
N PHE A 449 49.14 0.33 9.86
CA PHE A 449 50.26 0.14 8.95
C PHE A 449 50.28 1.31 7.96
N GLU A 450 51.38 2.06 7.96
CA GLU A 450 51.52 3.21 7.06
C GLU A 450 52.24 2.78 5.78
N LEU A 451 51.72 3.22 4.64
CA LEU A 451 52.28 2.89 3.34
C LEU A 451 53.12 4.05 2.83
N THR A 452 54.11 3.73 2.00
CA THR A 452 54.99 4.74 1.43
C THR A 452 55.16 4.53 -0.07
N ARG A 453 56.06 3.63 -0.46
CA ARG A 453 56.30 3.37 -1.87
C ARG A 453 55.06 2.75 -2.51
N ARG A 454 54.87 3.05 -3.80
CA ARG A 454 53.74 2.53 -4.54
C ARG A 454 54.12 1.27 -5.32
N LEU A 455 53.62 1.13 -6.54
CA LEU A 455 53.92 -0.02 -7.38
C LEU A 455 54.18 0.48 -8.79
N ASP A 456 54.01 -0.39 -9.78
CA ASP A 456 54.22 -0.07 -11.18
C ASP A 456 52.89 -0.14 -11.93
N HIS A 457 52.93 0.34 -13.18
CA HIS A 457 51.72 0.34 -14.01
C HIS A 457 51.29 -1.09 -14.31
N ASP A 458 50.02 -1.38 -14.08
CA ASP A 458 49.48 -2.72 -14.34
C ASP A 458 50.19 -3.76 -13.49
N PHE A 459 49.80 -3.86 -12.22
CA PHE A 459 50.40 -4.82 -11.30
C PHE A 459 49.37 -5.24 -10.28
N GLY A 460 49.38 -6.52 -9.92
CA GLY A 460 48.44 -7.04 -8.94
C GLY A 460 47.66 -8.23 -9.45
N LYS A 461 46.34 -8.20 -9.29
CA LYS A 461 45.45 -9.28 -9.73
C LYS A 461 45.80 -10.58 -9.02
N VAL A 462 45.76 -10.54 -7.68
CA VAL A 462 46.08 -11.70 -6.88
C VAL A 462 45.00 -12.76 -7.07
N THR A 463 45.42 -14.01 -7.27
CA THR A 463 44.47 -15.10 -7.49
C THR A 463 44.09 -15.74 -6.16
N LYS A 464 43.82 -17.05 -6.18
CA LYS A 464 43.44 -17.79 -4.98
C LYS A 464 44.51 -18.76 -4.53
N GLN A 465 45.10 -19.53 -5.46
CA GLN A 465 46.15 -20.47 -5.08
C GLN A 465 47.34 -19.75 -4.46
N GLU A 466 47.67 -18.55 -4.97
CA GLU A 466 48.76 -17.78 -4.38
C GLU A 466 48.44 -17.38 -2.94
N VAL A 467 47.21 -16.96 -2.69
CA VAL A 467 46.82 -16.59 -1.33
C VAL A 467 46.87 -17.81 -0.42
N LYS A 468 46.41 -18.96 -0.91
CA LYS A 468 46.47 -20.17 -0.09
C LYS A 468 47.91 -20.55 0.24
N ASP A 469 48.81 -20.47 -0.75
CA ASP A 469 50.21 -20.79 -0.51
C ASP A 469 50.83 -19.81 0.48
N PHE A 470 50.51 -18.52 0.35
CA PHE A 470 51.04 -17.53 1.29
C PHE A 470 50.54 -17.80 2.70
N PHE A 471 49.25 -18.13 2.85
CA PHE A 471 48.71 -18.43 4.17
C PHE A 471 49.36 -19.68 4.76
N ARG A 472 49.59 -20.70 3.93
CA ARG A 472 50.26 -21.90 4.42
C ARG A 472 51.68 -21.60 4.87
N TRP A 473 52.41 -20.80 4.09
CA TRP A 473 53.77 -20.43 4.47
C TRP A 473 53.77 -19.63 5.77
N ALA A 474 52.79 -18.74 5.94
CA ALA A 474 52.70 -17.98 7.18
C ALA A 474 52.40 -18.89 8.37
N LYS A 475 51.48 -19.84 8.20
CA LYS A 475 51.18 -20.78 9.28
C LYS A 475 52.38 -21.66 9.60
N ASP A 476 53.21 -21.96 8.61
CA ASP A 476 54.39 -22.80 8.85
C ASP A 476 55.35 -22.13 9.83
N HIS A 477 55.67 -20.86 9.60
CA HIS A 477 56.59 -20.10 10.43
C HIS A 477 55.78 -19.11 11.28
N VAL A 478 55.67 -19.41 12.57
CA VAL A 478 54.94 -18.56 13.51
C VAL A 478 55.88 -18.22 14.66
N VAL A 479 56.07 -16.92 14.90
CA VAL A 479 56.94 -16.45 15.96
C VAL A 479 56.13 -15.68 16.98
N GLU A 480 56.77 -14.76 17.70
CA GLU A 480 56.10 -13.95 18.71
C GLU A 480 55.56 -12.67 18.08
N VAL A 481 54.36 -12.28 18.49
CA VAL A 481 53.69 -11.09 18.00
C VAL A 481 53.53 -10.12 19.16
N GLU A 482 53.87 -8.85 18.93
CA GLU A 482 53.76 -7.84 19.97
C GLU A 482 52.29 -7.48 20.20
N HIS A 483 52.07 -6.54 21.11
CA HIS A 483 50.72 -6.08 21.46
C HIS A 483 50.75 -4.56 21.53
N GLU A 484 50.30 -3.91 20.45
CA GLU A 484 50.27 -2.46 20.37
C GLU A 484 49.58 -2.08 19.06
N PHE A 485 49.48 -0.76 18.82
CA PHE A 485 48.84 -0.26 17.62
C PHE A 485 49.83 -0.12 16.46
N TYR A 486 50.97 0.53 16.70
CA TYR A 486 51.98 0.73 15.67
C TYR A 486 52.87 -0.51 15.63
N VAL A 487 52.60 -1.40 14.67
CA VAL A 487 53.37 -2.62 14.53
C VAL A 487 54.80 -2.28 14.10
N LYS A 488 55.76 -3.04 14.62
CA LYS A 488 57.17 -2.81 14.29
C LYS A 488 57.39 -2.93 12.79
N LYS A 489 57.55 -1.79 12.11
CA LYS A 489 57.77 -1.77 10.67
C LYS A 489 59.25 -2.03 10.40
N GLY A 490 59.59 -3.30 10.22
CA GLY A 490 60.97 -3.67 9.97
C GLY A 490 61.04 -5.04 9.33
N GLY A 491 62.28 -5.53 9.20
CA GLY A 491 62.53 -6.82 8.61
C GLY A 491 62.36 -6.84 7.10
N LYS B 220 9.49 -34.17 -17.78
CA LYS B 220 9.64 -33.55 -19.09
C LYS B 220 9.87 -32.06 -18.98
N THR B 221 9.70 -31.52 -17.77
CA THR B 221 9.90 -30.09 -17.56
C THR B 221 11.36 -29.71 -17.74
N SER B 222 12.28 -30.51 -17.22
CA SER B 222 13.70 -30.19 -17.36
C SER B 222 14.13 -30.24 -18.82
N ALA B 223 13.66 -31.23 -19.56
CA ALA B 223 14.02 -31.32 -20.98
C ALA B 223 13.47 -30.13 -21.76
N ARG B 224 12.23 -29.74 -21.48
CA ARG B 224 11.65 -28.58 -22.16
C ARG B 224 12.41 -27.31 -21.82
N TYR B 225 12.78 -27.13 -20.55
CA TYR B 225 13.56 -25.96 -20.16
C TYR B 225 14.90 -25.93 -20.85
N MET B 226 15.59 -27.09 -20.92
CA MET B 226 16.88 -27.14 -21.59
C MET B 226 16.75 -26.83 -23.08
N GLU B 227 15.70 -27.36 -23.72
CA GLU B 227 15.49 -27.08 -25.13
C GLU B 227 15.21 -25.61 -25.37
N LEU B 228 14.38 -24.99 -24.51
CA LEU B 228 14.10 -23.57 -24.65
C LEU B 228 15.35 -22.74 -24.46
N VAL B 229 16.18 -23.10 -23.47
CA VAL B 229 17.42 -22.36 -23.23
C VAL B 229 18.35 -22.48 -24.45
N GLY B 230 18.49 -23.70 -24.97
CA GLY B 230 19.33 -23.88 -26.14
C GLY B 230 18.83 -23.10 -27.35
N TRP B 231 17.52 -23.06 -27.54
CA TRP B 231 16.95 -22.30 -28.64
C TRP B 231 17.21 -20.80 -28.47
N LEU B 232 16.96 -20.29 -27.26
CA LEU B 232 17.21 -18.87 -27.02
C LEU B 232 18.69 -18.53 -27.16
N VAL B 233 19.57 -19.50 -26.91
CA VAL B 233 21.01 -19.23 -27.01
C VAL B 233 21.45 -19.24 -28.47
N ASP B 234 21.05 -20.27 -29.23
CA ASP B 234 21.49 -20.43 -30.60
C ASP B 234 20.66 -19.64 -31.60
N LYS B 235 19.62 -18.93 -31.14
CA LYS B 235 18.79 -18.11 -32.02
C LYS B 235 19.04 -16.61 -31.84
N GLY B 236 20.04 -16.24 -31.04
CA GLY B 236 20.33 -14.84 -30.82
C GLY B 236 19.16 -14.07 -30.22
N ILE B 237 18.74 -14.46 -29.02
CA ILE B 237 17.61 -13.86 -28.34
C ILE B 237 18.12 -13.14 -27.09
N THR B 238 17.56 -11.95 -26.83
CA THR B 238 17.94 -11.14 -25.67
C THR B 238 16.87 -11.10 -24.60
N SER B 239 15.59 -11.06 -24.98
CA SER B 239 14.51 -11.03 -24.02
C SER B 239 13.17 -11.35 -24.69
N GLU B 240 12.36 -10.34 -24.92
CA GLU B 240 11.06 -10.51 -25.58
C GLU B 240 11.00 -9.84 -26.94
N LYS B 241 11.49 -8.60 -27.06
CA LYS B 241 11.49 -7.91 -28.34
C LYS B 241 12.25 -8.70 -29.39
N GLN B 242 13.54 -8.94 -29.15
CA GLN B 242 14.34 -9.70 -30.10
C GLN B 242 13.86 -11.14 -30.21
N TRP B 243 13.35 -11.70 -29.12
CA TRP B 243 12.86 -13.07 -29.16
C TRP B 243 11.68 -13.22 -30.13
N ILE B 244 10.82 -12.21 -30.18
CA ILE B 244 9.70 -12.26 -31.12
C ILE B 244 10.14 -11.81 -32.51
N GLN B 245 11.13 -10.93 -32.61
CA GLN B 245 11.61 -10.49 -33.92
C GLN B 245 12.27 -11.63 -34.67
N GLU B 246 13.24 -12.30 -34.05
CA GLU B 246 13.94 -13.39 -34.70
C GLU B 246 12.99 -14.54 -35.04
N ASP B 247 12.39 -15.13 -34.01
CA ASP B 247 11.47 -16.25 -34.19
C ASP B 247 10.07 -15.86 -33.70
N GLN B 248 9.07 -16.56 -34.23
CA GLN B 248 7.68 -16.30 -33.86
C GLN B 248 6.99 -17.59 -33.47
N ALA B 249 7.45 -18.72 -34.02
CA ALA B 249 6.85 -20.01 -33.70
C ALA B 249 7.15 -20.45 -32.27
N SER B 250 8.15 -19.85 -31.62
CA SER B 250 8.46 -20.23 -30.24
C SER B 250 7.30 -19.91 -29.32
N TYR B 251 6.70 -18.72 -29.46
CA TYR B 251 5.57 -18.36 -28.62
C TYR B 251 4.38 -19.26 -28.88
N ILE B 252 4.14 -19.62 -30.15
CA ILE B 252 3.04 -20.52 -30.47
C ILE B 252 3.26 -21.89 -29.82
N SER B 253 4.48 -22.41 -29.92
CA SER B 253 4.78 -23.71 -29.30
C SER B 253 4.62 -23.63 -27.78
N PHE B 254 5.06 -22.53 -27.18
CA PHE B 254 4.91 -22.38 -25.73
C PHE B 254 3.44 -22.35 -25.33
N ASN B 255 2.63 -21.60 -26.08
CA ASN B 255 1.20 -21.53 -25.77
C ASN B 255 0.53 -22.89 -25.97
N ALA B 256 0.99 -23.65 -26.96
CA ALA B 256 0.44 -24.99 -27.17
C ALA B 256 0.85 -25.95 -26.07
N ALA B 257 2.04 -25.77 -25.50
CA ALA B 257 2.50 -26.64 -24.43
C ALA B 257 1.99 -26.15 -23.07
N SER B 258 2.20 -24.88 -22.75
CA SER B 258 1.77 -24.30 -21.49
C SER B 258 1.07 -22.97 -21.78
N ASN B 259 0.79 -22.22 -20.73
CA ASN B 259 0.10 -20.93 -20.86
C ASN B 259 0.80 -19.82 -20.09
N SER B 260 1.23 -20.08 -18.85
CA SER B 260 1.90 -19.06 -18.07
C SER B 260 3.22 -18.67 -18.72
N ARG B 261 3.37 -17.40 -19.05
CA ARG B 261 4.59 -16.91 -19.69
C ARG B 261 5.79 -16.87 -18.75
N SER B 262 5.63 -17.30 -17.50
CA SER B 262 6.75 -17.30 -16.57
C SER B 262 7.88 -18.20 -17.07
N GLN B 263 7.53 -19.32 -17.71
CA GLN B 263 8.56 -20.22 -18.21
C GLN B 263 9.43 -19.54 -19.26
N ILE B 264 8.81 -18.95 -20.29
CA ILE B 264 9.58 -18.28 -21.32
C ILE B 264 10.31 -17.07 -20.76
N LYS B 265 9.71 -16.37 -19.78
CA LYS B 265 10.39 -15.23 -19.18
C LYS B 265 11.67 -15.67 -18.49
N ALA B 266 11.60 -16.73 -17.67
CA ALA B 266 12.79 -17.22 -17.00
C ALA B 266 13.81 -17.75 -18.00
N ALA B 267 13.34 -18.39 -19.07
CA ALA B 267 14.26 -18.90 -20.08
C ALA B 267 15.03 -17.76 -20.73
N LEU B 268 14.32 -16.70 -21.14
CA LEU B 268 14.98 -15.57 -21.77
C LEU B 268 15.90 -14.86 -20.79
N ASP B 269 15.50 -14.75 -19.53
CA ASP B 269 16.36 -14.12 -18.52
C ASP B 269 17.66 -14.91 -18.35
N ASN B 270 17.56 -16.24 -18.26
CA ASN B 270 18.75 -17.06 -18.12
C ASN B 270 19.63 -16.97 -19.37
N ALA B 271 19.02 -16.96 -20.54
CA ALA B 271 19.79 -16.82 -21.78
C ALA B 271 20.55 -15.51 -21.81
N GLY B 272 19.88 -14.41 -21.45
CA GLY B 272 20.54 -13.12 -21.42
C GLY B 272 21.65 -13.06 -20.39
N LYS B 273 21.41 -13.63 -19.21
CA LYS B 273 22.46 -13.65 -18.19
C LYS B 273 23.67 -14.44 -18.66
N ILE B 274 23.45 -15.59 -19.30
CA ILE B 274 24.57 -16.40 -19.80
C ILE B 274 25.32 -15.65 -20.88
N MET B 275 24.59 -15.00 -21.80
CA MET B 275 25.24 -14.26 -22.87
C MET B 275 26.04 -13.08 -22.33
N SER B 276 25.57 -12.44 -21.26
CA SER B 276 26.29 -11.32 -20.68
C SER B 276 27.49 -11.77 -19.85
N LEU B 277 27.40 -12.95 -19.23
CA LEU B 277 28.51 -13.45 -18.43
C LEU B 277 29.61 -14.03 -19.31
N THR B 278 29.27 -15.04 -20.11
CA THR B 278 30.25 -15.67 -20.98
C THR B 278 30.80 -14.69 -22.01
N LYS B 279 30.07 -14.50 -23.11
CA LYS B 279 30.50 -13.58 -24.15
C LYS B 279 30.52 -12.15 -23.62
N THR B 280 31.23 -11.29 -24.35
CA THR B 280 31.35 -9.89 -23.97
C THR B 280 31.17 -8.97 -25.17
N ALA B 281 32.20 -8.20 -25.49
CA ALA B 281 32.15 -7.26 -26.61
C ALA B 281 32.81 -7.87 -27.84
N PRO B 282 34.06 -8.32 -27.74
CA PRO B 282 34.73 -8.90 -28.92
C PRO B 282 33.95 -10.02 -29.59
N ASP B 283 32.95 -10.60 -28.90
CA ASP B 283 32.15 -11.64 -29.53
C ASP B 283 31.45 -11.13 -30.78
N TYR B 284 31.12 -9.83 -30.82
CA TYR B 284 30.45 -9.25 -31.98
C TYR B 284 31.25 -8.09 -32.54
N LEU B 285 32.56 -8.29 -32.72
CA LEU B 285 33.44 -7.26 -33.25
C LEU B 285 34.19 -7.73 -34.50
N VAL B 286 34.96 -8.81 -34.40
CA VAL B 286 35.70 -9.33 -35.53
C VAL B 286 34.75 -10.08 -36.46
N GLY B 287 34.86 -9.81 -37.76
CA GLY B 287 34.01 -10.47 -38.72
C GLY B 287 34.33 -11.94 -38.89
N GLN B 288 33.46 -12.62 -39.62
CA GLN B 288 33.63 -14.05 -39.88
C GLN B 288 34.42 -14.32 -41.15
N GLN B 289 34.44 -13.39 -42.09
CA GLN B 289 35.18 -13.55 -43.35
C GLN B 289 36.09 -12.34 -43.53
N PRO B 290 37.40 -12.53 -43.62
CA PRO B 290 38.30 -11.38 -43.81
C PRO B 290 38.00 -10.66 -45.11
N VAL B 291 38.26 -9.35 -45.11
CA VAL B 291 38.04 -8.52 -46.29
C VAL B 291 39.29 -7.70 -46.57
N GLU B 292 39.84 -7.06 -45.54
CA GLU B 292 41.03 -6.25 -45.67
C GLU B 292 40.83 -5.16 -46.72
N ASP B 293 40.14 -4.09 -46.35
CA ASP B 293 39.88 -2.99 -47.26
C ASP B 293 39.28 -1.83 -46.49
N ILE B 294 39.71 -0.62 -46.82
CA ILE B 294 39.20 0.57 -46.14
C ILE B 294 37.96 1.13 -46.82
N SER B 295 37.81 0.91 -48.12
CA SER B 295 36.66 1.40 -48.88
C SER B 295 35.49 0.42 -48.87
N SER B 296 35.44 -0.49 -47.91
CA SER B 296 34.37 -1.47 -47.81
C SER B 296 33.26 -1.05 -46.86
N ASN B 297 33.47 -0.01 -46.06
CA ASN B 297 32.47 0.48 -45.12
C ASN B 297 32.38 1.99 -45.22
N ARG B 298 31.32 2.54 -44.61
CA ARG B 298 31.10 3.98 -44.59
C ARG B 298 31.76 4.67 -43.41
N ILE B 299 32.02 3.93 -42.32
CA ILE B 299 32.66 4.54 -41.15
C ILE B 299 34.05 5.04 -41.51
N TYR B 300 34.76 4.30 -42.37
CA TYR B 300 36.10 4.72 -42.78
C TYR B 300 36.04 6.03 -43.53
N LYS B 301 35.12 6.14 -44.50
CA LYS B 301 34.97 7.39 -45.24
C LYS B 301 34.55 8.54 -44.33
N ILE B 302 33.67 8.26 -43.36
CA ILE B 302 33.23 9.29 -42.44
C ILE B 302 34.41 9.81 -41.62
N LEU B 303 35.21 8.89 -41.07
CA LEU B 303 36.36 9.30 -40.27
C LEU B 303 37.41 10.02 -41.12
N GLU B 304 37.56 9.62 -42.39
CA GLU B 304 38.51 10.31 -43.26
C GLU B 304 38.04 11.72 -43.57
N LEU B 305 36.73 11.90 -43.79
CA LEU B 305 36.21 13.23 -44.06
C LEU B 305 36.24 14.11 -42.82
N ASN B 306 36.05 13.53 -41.63
CA ASN B 306 36.09 14.31 -40.40
C ASN B 306 37.50 14.77 -40.05
N GLY B 307 38.51 14.08 -40.55
CA GLY B 307 39.89 14.45 -40.27
C GLY B 307 40.51 13.61 -39.18
N TYR B 308 40.71 12.32 -39.44
CA TYR B 308 41.31 11.41 -38.48
C TYR B 308 42.06 10.32 -39.22
N ASP B 309 43.09 9.79 -38.57
CA ASP B 309 43.90 8.74 -39.16
C ASP B 309 43.16 7.40 -39.07
N PRO B 310 42.91 6.71 -40.18
CA PRO B 310 42.19 5.43 -40.10
C PRO B 310 42.92 4.40 -39.25
N GLN B 311 44.23 4.27 -39.41
CA GLN B 311 44.98 3.28 -38.64
C GLN B 311 44.94 3.60 -37.15
N TYR B 312 45.14 4.88 -36.79
CA TYR B 312 45.10 5.26 -35.39
C TYR B 312 43.72 5.05 -34.80
N ALA B 313 42.67 5.39 -35.55
CA ALA B 313 41.32 5.19 -35.05
C ALA B 313 41.03 3.70 -34.84
N ALA B 314 41.44 2.86 -35.80
CA ALA B 314 41.23 1.43 -35.66
C ALA B 314 41.98 0.87 -34.46
N SER B 315 43.22 1.34 -34.25
CA SER B 315 44.00 0.88 -33.10
C SER B 315 43.34 1.30 -31.79
N VAL B 316 42.85 2.54 -31.72
CA VAL B 316 42.18 3.01 -30.51
C VAL B 316 40.92 2.19 -30.25
N PHE B 317 40.17 1.89 -31.31
CA PHE B 317 38.95 1.11 -31.16
C PHE B 317 39.27 -0.30 -30.67
N LEU B 318 40.27 -0.95 -31.26
CA LEU B 318 40.64 -2.29 -30.82
C LEU B 318 41.16 -2.30 -29.39
N GLY B 319 41.86 -1.24 -28.98
CA GLY B 319 42.35 -1.18 -27.61
C GLY B 319 41.26 -0.88 -26.59
N TRP B 320 40.25 -0.10 -26.97
CA TRP B 320 39.17 0.21 -26.06
C TRP B 320 38.13 -0.90 -25.98
N ALA B 321 37.98 -1.68 -27.06
CA ALA B 321 37.00 -2.76 -27.04
C ALA B 321 37.39 -3.83 -26.03
N THR B 322 38.63 -4.31 -26.08
CA THR B 322 39.09 -5.33 -25.16
C THR B 322 39.41 -4.79 -23.77
N LYS B 323 39.47 -3.47 -23.61
CA LYS B 323 39.78 -2.85 -22.32
C LYS B 323 41.18 -3.25 -21.84
N LYS B 324 42.18 -2.88 -22.64
CA LYS B 324 43.56 -3.20 -22.32
C LYS B 324 44.22 -2.15 -21.44
N PHE B 325 43.66 -0.94 -21.38
CA PHE B 325 44.26 0.11 -20.53
C PHE B 325 43.79 -0.01 -19.09
N GLY B 326 42.49 -0.21 -18.89
CA GLY B 326 41.94 -0.34 -17.55
C GLY B 326 41.39 0.96 -17.00
N LYS B 327 42.27 1.90 -16.67
CA LYS B 327 41.83 3.18 -16.13
C LYS B 327 41.08 3.99 -17.17
N ARG B 328 41.68 4.17 -18.35
CA ARG B 328 41.06 4.94 -19.43
C ARG B 328 40.24 3.98 -20.28
N ASN B 329 38.91 4.18 -20.30
CA ASN B 329 38.03 3.33 -21.08
C ASN B 329 36.75 4.09 -21.44
N THR B 330 36.89 5.39 -21.68
CA THR B 330 35.75 6.24 -22.03
C THR B 330 36.24 7.39 -22.89
N ILE B 331 35.35 7.85 -23.79
CA ILE B 331 35.66 8.96 -24.69
C ILE B 331 34.41 9.83 -24.80
N TRP B 332 34.54 11.11 -24.44
CA TRP B 332 33.44 12.06 -24.51
C TRP B 332 33.47 12.74 -25.88
N LEU B 333 32.36 12.64 -26.60
CA LEU B 333 32.22 13.24 -27.93
C LEU B 333 31.25 14.41 -27.85
N PHE B 334 31.65 15.55 -28.42
CA PHE B 334 30.83 16.75 -28.44
C PHE B 334 30.82 17.31 -29.86
N GLY B 335 29.64 17.36 -30.47
CA GLY B 335 29.51 17.86 -31.81
C GLY B 335 28.08 17.76 -32.32
N PRO B 336 27.81 18.39 -33.48
CA PRO B 336 26.46 18.35 -34.04
C PRO B 336 26.03 16.93 -34.39
N ALA B 337 24.80 16.78 -34.88
CA ALA B 337 24.26 15.48 -35.26
C ALA B 337 24.39 15.18 -36.75
N THR B 338 24.41 16.22 -37.59
CA THR B 338 24.52 16.00 -39.03
C THR B 338 25.84 15.36 -39.41
N THR B 339 26.91 15.61 -38.65
CA THR B 339 28.22 15.03 -38.94
C THR B 339 28.29 13.53 -38.62
N GLY B 340 27.28 12.98 -37.93
CA GLY B 340 27.29 11.58 -37.58
C GLY B 340 27.53 11.37 -36.09
N LYS B 341 26.53 11.68 -35.28
CA LYS B 341 26.65 11.55 -33.83
C LYS B 341 25.54 10.66 -33.27
N THR B 342 24.29 11.13 -33.27
CA THR B 342 23.21 10.33 -32.71
C THR B 342 23.01 9.04 -33.49
N ASN B 343 23.08 9.12 -34.82
CA ASN B 343 22.90 7.92 -35.65
C ASN B 343 24.00 6.89 -35.37
N ILE B 344 25.25 7.35 -35.33
CA ILE B 344 26.35 6.43 -35.07
C ILE B 344 26.24 5.84 -33.68
N ALA B 345 25.83 6.65 -32.70
CA ALA B 345 25.67 6.16 -31.34
C ALA B 345 24.59 5.09 -31.26
N GLU B 346 23.44 5.34 -31.91
CA GLU B 346 22.36 4.35 -31.90
C GLU B 346 22.79 3.08 -32.62
N ALA B 347 23.55 3.21 -33.71
CA ALA B 347 24.03 2.03 -34.42
C ALA B 347 24.98 1.21 -33.55
N ILE B 348 25.91 1.88 -32.87
CA ILE B 348 26.84 1.16 -32.00
C ILE B 348 26.10 0.52 -30.84
N ALA B 349 25.04 1.16 -30.34
CA ALA B 349 24.29 0.59 -29.24
C ALA B 349 23.48 -0.63 -29.68
N HIS B 350 22.91 -0.58 -30.88
CA HIS B 350 22.13 -1.70 -31.39
C HIS B 350 22.99 -2.82 -31.94
N THR B 351 24.27 -2.55 -32.21
CA THR B 351 25.15 -3.60 -32.74
C THR B 351 25.25 -4.76 -31.75
N VAL B 352 25.32 -4.47 -30.46
CA VAL B 352 25.42 -5.51 -29.43
C VAL B 352 24.01 -5.92 -29.01
N PRO B 353 23.78 -7.19 -28.69
CA PRO B 353 22.42 -7.61 -28.29
C PRO B 353 21.99 -7.01 -26.96
N PHE B 354 22.85 -7.05 -25.96
CA PHE B 354 22.56 -6.51 -24.63
C PHE B 354 23.35 -5.23 -24.43
N TYR B 355 22.65 -4.11 -24.30
CA TYR B 355 23.29 -2.81 -24.09
C TYR B 355 22.47 -2.01 -23.10
N GLY B 356 23.13 -1.05 -22.45
CA GLY B 356 22.51 -0.19 -21.47
C GLY B 356 22.34 1.22 -22.01
N CYS B 357 21.30 1.90 -21.53
CA CYS B 357 20.98 3.27 -21.94
C CYS B 357 20.78 4.10 -20.68
N VAL B 358 21.87 4.62 -20.14
CA VAL B 358 21.81 5.45 -18.91
C VAL B 358 21.56 6.88 -19.38
N ASN B 359 20.31 7.16 -19.73
CA ASN B 359 19.90 8.47 -20.20
C ASN B 359 19.59 9.34 -18.99
N TRP B 360 20.40 10.37 -18.77
CA TRP B 360 20.21 11.29 -17.64
C TRP B 360 18.98 12.14 -17.90
N THR B 361 17.81 11.54 -17.65
CA THR B 361 16.54 12.22 -17.84
C THR B 361 15.72 12.38 -16.56
N ASN B 362 15.96 11.54 -15.55
CA ASN B 362 15.23 11.61 -14.29
C ASN B 362 16.24 11.72 -13.15
N GLU B 363 16.16 12.81 -12.38
CA GLU B 363 17.08 13.00 -11.28
C GLU B 363 16.89 11.95 -10.19
N ASN B 364 15.69 11.41 -10.06
CA ASN B 364 15.42 10.40 -9.05
C ASN B 364 16.00 9.03 -9.41
N PHE B 365 16.38 8.83 -10.67
CA PHE B 365 16.96 7.56 -11.12
C PHE B 365 18.33 7.81 -11.72
N PRO B 366 19.41 7.62 -10.96
CA PRO B 366 20.75 7.85 -11.52
C PRO B 366 21.05 6.93 -12.70
N PHE B 367 21.53 5.72 -12.42
CA PHE B 367 21.85 4.75 -13.46
C PHE B 367 20.66 3.82 -13.66
N ASN B 368 20.15 3.79 -14.88
CA ASN B 368 19.00 2.93 -15.20
C ASN B 368 19.47 1.62 -15.83
N ASP B 369 19.19 1.44 -17.12
CA ASP B 369 19.58 0.22 -17.82
C ASP B 369 21.10 0.23 -18.02
N CYS B 370 21.80 -0.61 -17.26
CA CYS B 370 23.25 -0.70 -17.37
C CYS B 370 23.79 -1.81 -16.49
N VAL B 371 22.90 -2.67 -15.99
CA VAL B 371 23.30 -3.78 -15.13
C VAL B 371 23.95 -4.87 -15.96
N ASP B 372 25.28 -4.79 -16.10
CA ASP B 372 26.03 -5.78 -16.87
C ASP B 372 25.58 -5.78 -18.33
N LYS B 373 26.21 -4.95 -19.16
CA LYS B 373 25.87 -4.86 -20.58
C LYS B 373 27.17 -4.80 -21.38
N MET B 374 27.03 -4.78 -22.70
CA MET B 374 28.17 -4.72 -23.60
C MET B 374 28.60 -3.29 -23.90
N VAL B 375 27.64 -2.40 -24.13
CA VAL B 375 27.92 -0.99 -24.41
C VAL B 375 26.89 -0.15 -23.65
N ILE B 376 27.36 0.90 -22.99
CA ILE B 376 26.51 1.82 -22.24
C ILE B 376 26.45 3.12 -23.04
N TRP B 377 25.33 3.34 -23.73
CA TRP B 377 25.15 4.52 -24.55
C TRP B 377 24.51 5.63 -23.73
N TRP B 378 25.12 6.81 -23.74
CA TRP B 378 24.62 7.98 -23.03
C TRP B 378 24.11 9.00 -24.02
N GLU B 379 22.85 9.39 -23.88
CA GLU B 379 22.24 10.37 -24.77
C GLU B 379 22.23 11.76 -24.14
N GLU B 380 21.05 12.24 -23.77
CA GLU B 380 20.89 13.55 -23.17
C GLU B 380 21.06 13.45 -21.65
N GLY B 381 21.42 14.58 -21.05
CA GLY B 381 21.62 14.66 -19.62
C GLY B 381 23.08 14.43 -19.23
N LYS B 382 23.41 14.84 -18.01
CA LYS B 382 24.75 14.71 -17.47
C LYS B 382 24.69 13.99 -16.12
N MET B 383 25.85 13.53 -15.67
CA MET B 383 25.92 12.82 -14.40
C MET B 383 25.57 13.75 -13.24
N THR B 384 24.76 13.25 -12.32
CA THR B 384 24.34 14.02 -11.16
C THR B 384 25.38 13.91 -10.05
N ALA B 385 25.60 15.03 -9.34
CA ALA B 385 26.57 15.08 -8.25
C ALA B 385 26.02 14.28 -7.07
N LYS B 386 26.14 12.95 -7.18
CA LYS B 386 25.67 12.06 -6.13
C LYS B 386 26.07 10.62 -6.44
N VAL B 387 26.22 10.29 -7.72
CA VAL B 387 26.59 8.95 -8.14
C VAL B 387 27.75 9.02 -9.12
N VAL B 388 28.54 10.10 -9.03
CA VAL B 388 29.68 10.24 -9.92
C VAL B 388 30.73 9.17 -9.65
N GLU B 389 30.83 8.71 -8.40
CA GLU B 389 31.79 7.67 -8.08
C GLU B 389 31.48 6.37 -8.82
N SER B 390 30.19 6.04 -8.94
CA SER B 390 29.80 4.84 -9.67
C SER B 390 30.20 4.93 -11.13
N ALA B 391 29.93 6.08 -11.76
CA ALA B 391 30.32 6.26 -13.16
C ALA B 391 31.83 6.20 -13.33
N LYS B 392 32.58 6.81 -12.41
CA LYS B 392 34.03 6.76 -12.49
C LYS B 392 34.55 5.34 -12.37
N ALA B 393 34.00 4.57 -11.43
CA ALA B 393 34.42 3.17 -11.27
C ALA B 393 34.05 2.34 -12.49
N ILE B 394 32.90 2.62 -13.09
CA ILE B 394 32.50 1.87 -14.28
C ILE B 394 33.40 2.20 -15.46
N LEU B 395 33.80 3.47 -15.59
CA LEU B 395 34.66 3.86 -16.69
C LEU B 395 36.09 3.38 -16.48
N GLY B 396 36.53 3.26 -15.23
CA GLY B 396 37.88 2.80 -14.94
C GLY B 396 37.98 1.29 -14.83
N GLY B 397 37.03 0.58 -15.41
CA GLY B 397 37.03 -0.87 -15.37
C GLY B 397 36.85 -1.43 -13.97
N SER B 398 35.65 -1.27 -13.41
CA SER B 398 35.36 -1.76 -12.07
C SER B 398 33.83 -1.82 -11.92
N LYS B 399 33.40 -2.34 -10.78
CA LYS B 399 31.99 -2.49 -10.46
C LYS B 399 31.58 -1.45 -9.42
N VAL B 400 30.27 -1.39 -9.17
CA VAL B 400 29.71 -0.44 -8.21
C VAL B 400 28.22 -0.73 -8.07
N ARG B 401 27.61 -0.21 -7.01
CA ARG B 401 26.20 -0.41 -6.73
C ARG B 401 25.49 0.94 -6.84
N VAL B 402 24.48 0.99 -7.70
CA VAL B 402 23.69 2.20 -7.93
C VAL B 402 22.24 1.89 -7.63
N ASP B 403 21.57 2.80 -6.91
CA ASP B 403 20.17 2.61 -6.57
C ASP B 403 19.31 2.64 -7.82
N GLN B 404 18.40 1.69 -7.94
CA GLN B 404 17.51 1.61 -9.09
C GLN B 404 16.14 2.20 -8.77
N LYS B 405 15.11 1.36 -8.80
CA LYS B 405 13.75 1.83 -8.51
C LYS B 405 13.54 1.94 -7.01
N CYS B 406 12.27 1.96 -6.58
CA CYS B 406 11.98 2.08 -5.15
C CYS B 406 12.36 0.81 -4.40
N LYS B 407 12.26 -0.35 -5.04
CA LYS B 407 12.60 -1.62 -4.41
C LYS B 407 13.43 -2.46 -5.39
N SER B 408 14.61 -1.94 -5.73
CA SER B 408 15.51 -2.62 -6.66
C SER B 408 16.83 -1.88 -6.68
N SER B 409 17.93 -2.65 -6.70
CA SER B 409 19.27 -2.07 -6.71
C SER B 409 20.32 -3.15 -6.91
N ALA B 410 20.93 -3.17 -8.09
CA ALA B 410 21.97 -4.15 -8.42
C ALA B 410 23.25 -3.44 -8.81
N GLN B 411 24.35 -4.20 -8.80
CA GLN B 411 25.65 -3.66 -9.15
C GLN B 411 25.78 -3.53 -10.67
N ILE B 412 26.90 -2.94 -11.10
CA ILE B 412 27.20 -2.74 -12.51
C ILE B 412 28.54 -3.38 -12.81
N ASP B 413 28.65 -3.99 -14.01
CA ASP B 413 29.87 -4.63 -14.45
C ASP B 413 30.69 -3.69 -15.33
N PRO B 414 32.02 -3.78 -15.27
CA PRO B 414 32.85 -2.91 -16.12
C PRO B 414 32.50 -3.03 -17.59
N THR B 415 31.63 -2.13 -18.06
CA THR B 415 31.18 -2.14 -19.45
C THR B 415 31.61 -0.86 -20.16
N PRO B 416 32.12 -0.96 -21.38
CA PRO B 416 32.52 0.24 -22.12
C PRO B 416 31.35 1.21 -22.26
N VAL B 417 31.60 2.47 -21.94
CA VAL B 417 30.58 3.52 -21.98
C VAL B 417 30.96 4.52 -23.06
N ILE B 418 29.97 4.94 -23.84
CA ILE B 418 30.15 5.93 -24.90
C ILE B 418 29.05 6.98 -24.75
N VAL B 419 29.44 8.24 -24.75
CA VAL B 419 28.50 9.34 -24.57
C VAL B 419 28.17 9.93 -25.94
N THR B 420 27.01 10.58 -26.02
CA THR B 420 26.54 11.21 -27.25
C THR B 420 25.79 12.50 -26.94
N SER B 421 26.33 13.29 -26.02
CA SER B 421 25.69 14.54 -25.64
C SER B 421 26.13 15.66 -26.56
N ASN B 422 25.19 16.56 -26.88
CA ASN B 422 25.47 17.69 -27.76
C ASN B 422 26.25 18.80 -27.07
N THR B 423 26.48 18.70 -25.76
CA THR B 423 27.22 19.72 -25.03
C THR B 423 28.46 19.12 -24.37
N ASN B 424 28.87 19.69 -23.23
CA ASN B 424 30.03 19.22 -22.50
C ASN B 424 29.56 18.22 -21.45
N MET B 425 29.75 16.93 -21.73
CA MET B 425 29.35 15.89 -20.80
C MET B 425 30.23 15.84 -19.55
N CYS B 426 31.40 16.47 -19.59
CA CYS B 426 32.29 16.46 -18.44
C CYS B 426 31.70 17.20 -17.25
N ALA B 427 30.77 18.12 -17.49
CA ALA B 427 30.15 18.86 -16.40
C ALA B 427 29.32 17.93 -15.51
N VAL B 428 29.26 18.28 -14.23
CA VAL B 428 28.52 17.51 -13.24
C VAL B 428 27.28 18.29 -12.84
N ILE B 429 26.16 17.60 -12.69
CA ILE B 429 24.89 18.20 -12.31
C ILE B 429 24.76 18.03 -10.79
N ASP B 430 24.97 19.11 -10.06
CA ASP B 430 24.87 19.11 -8.60
C ASP B 430 23.54 19.75 -8.21
N GLY B 431 22.62 18.93 -7.70
CA GLY B 431 21.32 19.40 -7.30
C GLY B 431 20.56 20.06 -8.44
N ASN B 432 20.83 21.35 -8.67
CA ASN B 432 20.17 22.09 -9.74
C ASN B 432 21.12 23.09 -10.39
N SER B 433 22.41 22.77 -10.43
CA SER B 433 23.41 23.66 -11.03
C SER B 433 24.51 22.81 -11.64
N THR B 434 25.45 23.48 -12.29
CA THR B 434 26.58 22.83 -12.95
C THR B 434 27.85 23.06 -12.13
N THR B 435 28.65 22.02 -11.99
CA THR B 435 29.90 22.08 -11.25
C THR B 435 30.95 21.23 -11.95
N PHE B 436 32.20 21.67 -11.85
CA PHE B 436 33.31 20.96 -12.47
C PHE B 436 34.27 20.44 -11.41
N GLU B 437 33.79 19.57 -10.53
CA GLU B 437 34.63 18.99 -9.48
C GLU B 437 35.33 17.72 -9.93
N HIS B 438 34.62 16.81 -10.59
CA HIS B 438 35.18 15.56 -11.08
C HIS B 438 35.62 15.65 -12.53
N GLN B 439 36.13 16.81 -12.95
CA GLN B 439 36.57 16.96 -14.33
C GLN B 439 37.93 16.33 -14.56
N GLN B 440 38.83 16.41 -13.58
CA GLN B 440 40.15 15.82 -13.72
C GLN B 440 40.09 14.32 -13.95
N PRO B 441 39.33 13.54 -13.18
CA PRO B 441 39.25 12.09 -13.46
C PRO B 441 38.64 11.78 -14.81
N LEU B 442 37.57 12.48 -15.18
CA LEU B 442 36.95 12.24 -16.48
C LEU B 442 37.88 12.59 -17.62
N GLN B 443 38.79 13.55 -17.39
CA GLN B 443 39.75 13.92 -18.43
C GLN B 443 40.93 12.96 -18.50
N ASP B 444 41.38 12.45 -17.34
CA ASP B 444 42.50 11.52 -17.34
C ASP B 444 42.09 10.10 -17.70
N ARG B 445 40.81 9.77 -17.61
CA ARG B 445 40.32 8.43 -17.94
C ARG B 445 39.52 8.38 -19.22
N MET B 446 39.23 9.52 -19.85
CA MET B 446 38.43 9.56 -21.06
C MET B 446 39.05 10.53 -22.05
N PHE B 447 39.01 10.17 -23.33
CA PHE B 447 39.51 11.03 -24.38
C PHE B 447 38.45 12.03 -24.81
N LYS B 448 38.84 12.96 -25.68
CA LYS B 448 37.96 14.00 -26.18
C LYS B 448 37.79 13.86 -27.69
N PHE B 449 36.56 14.02 -28.16
CA PHE B 449 36.25 13.95 -29.57
C PHE B 449 35.38 15.15 -29.95
N GLU B 450 35.71 15.79 -31.07
CA GLU B 450 34.98 16.94 -31.56
C GLU B 450 34.61 16.74 -33.02
N LEU B 451 33.38 17.10 -33.36
CA LEU B 451 32.86 16.98 -34.72
C LEU B 451 32.67 18.39 -35.28
N THR B 452 33.74 18.93 -35.86
CA THR B 452 33.71 20.27 -36.43
C THR B 452 33.23 20.29 -37.88
N ARG B 453 33.21 19.14 -38.55
CA ARG B 453 32.78 19.05 -39.94
C ARG B 453 31.34 18.53 -39.99
N ARG B 454 30.88 18.21 -41.20
CA ARG B 454 29.52 17.71 -41.40
C ARG B 454 29.49 16.86 -42.67
N LEU B 455 28.83 15.71 -42.59
CA LEU B 455 28.73 14.83 -43.74
C LEU B 455 27.58 15.27 -44.65
N ASP B 456 27.47 14.59 -45.79
CA ASP B 456 26.42 14.90 -46.75
C ASP B 456 25.09 14.29 -46.31
N HIS B 457 24.02 14.71 -46.98
CA HIS B 457 22.69 14.21 -46.67
C HIS B 457 22.51 12.79 -47.19
N ASP B 458 21.69 12.02 -46.48
CA ASP B 458 21.40 10.63 -46.85
C ASP B 458 22.68 9.77 -46.77
N PHE B 459 23.12 9.57 -45.53
CA PHE B 459 24.32 8.79 -45.27
C PHE B 459 24.20 8.18 -43.88
N GLY B 460 25.09 7.22 -43.61
CA GLY B 460 25.10 6.55 -42.32
C GLY B 460 24.88 5.05 -42.43
N LYS B 461 23.96 4.53 -41.62
CA LYS B 461 23.65 3.10 -41.65
C LYS B 461 24.88 2.28 -41.27
N VAL B 462 25.04 1.99 -39.98
CA VAL B 462 26.17 1.21 -39.48
C VAL B 462 25.64 -0.20 -39.24
N THR B 463 25.76 -1.05 -40.24
CA THR B 463 25.30 -2.44 -40.14
C THR B 463 26.31 -3.26 -39.34
N LYS B 464 26.08 -4.57 -39.27
CA LYS B 464 26.99 -5.44 -38.53
C LYS B 464 28.22 -5.79 -39.34
N GLN B 465 28.06 -5.99 -40.65
CA GLN B 465 29.19 -6.33 -41.50
C GLN B 465 30.21 -5.19 -41.52
N GLU B 466 29.73 -3.95 -41.52
CA GLU B 466 30.64 -2.80 -41.52
C GLU B 466 31.49 -2.79 -40.25
N VAL B 467 30.86 -2.97 -39.08
CA VAL B 467 31.60 -2.98 -37.83
C VAL B 467 32.56 -4.16 -37.78
N LYS B 468 32.13 -5.31 -38.32
CA LYS B 468 33.00 -6.48 -38.34
C LYS B 468 34.25 -6.22 -39.17
N ASP B 469 34.06 -5.64 -40.36
CA ASP B 469 35.21 -5.33 -41.22
C ASP B 469 36.10 -4.28 -40.57
N PHE B 470 35.51 -3.29 -39.90
CA PHE B 470 36.31 -2.27 -39.21
C PHE B 470 37.16 -2.90 -38.11
N PHE B 471 36.57 -3.78 -37.31
CA PHE B 471 37.31 -4.44 -36.25
C PHE B 471 38.39 -5.35 -36.82
N ARG B 472 38.11 -6.03 -37.94
CA ARG B 472 39.12 -6.87 -38.58
C ARG B 472 40.30 -6.03 -39.05
N TRP B 473 40.02 -4.91 -39.71
CA TRP B 473 41.09 -4.02 -40.16
C TRP B 473 41.88 -3.48 -38.98
N ALA B 474 41.20 -3.14 -37.89
CA ALA B 474 41.89 -2.63 -36.71
C ALA B 474 42.82 -3.69 -36.14
N LYS B 475 42.34 -4.92 -35.99
CA LYS B 475 43.17 -5.99 -35.47
C LYS B 475 44.33 -6.31 -36.40
N ASP B 476 44.13 -6.13 -37.72
CA ASP B 476 45.22 -6.38 -38.66
C ASP B 476 46.27 -5.29 -38.58
N HIS B 477 45.86 -4.04 -38.43
CA HIS B 477 46.78 -2.90 -38.32
C HIS B 477 46.75 -2.40 -36.89
N VAL B 478 47.72 -2.84 -36.08
CA VAL B 478 47.82 -2.46 -34.68
C VAL B 478 49.04 -1.58 -34.51
N VAL B 479 48.88 -0.49 -33.75
CA VAL B 479 49.98 0.44 -33.50
C VAL B 479 50.01 0.77 -32.00
N GLU B 480 50.36 2.02 -31.69
CA GLU B 480 50.44 2.48 -30.31
C GLU B 480 49.33 3.51 -30.04
N VAL B 481 48.85 3.53 -28.80
CA VAL B 481 47.80 4.43 -28.37
C VAL B 481 48.33 5.30 -27.24
N GLU B 482 48.01 6.59 -27.31
CA GLU B 482 48.42 7.55 -26.29
C GLU B 482 47.31 7.76 -25.27
N HIS B 483 47.70 8.30 -24.11
CA HIS B 483 46.77 8.55 -23.01
C HIS B 483 46.92 9.99 -22.56
N GLU B 484 45.87 10.78 -22.74
CA GLU B 484 45.87 12.17 -22.30
C GLU B 484 44.50 12.81 -22.53
N PHE B 485 44.36 14.08 -22.16
CA PHE B 485 43.08 14.78 -22.30
C PHE B 485 42.65 14.84 -23.76
N TYR B 486 43.24 15.78 -24.51
CA TYR B 486 42.87 15.94 -25.91
C TYR B 486 43.19 14.67 -26.69
N VAL B 487 42.69 14.63 -27.93
CA VAL B 487 42.91 13.48 -28.82
C VAL B 487 44.21 13.73 -29.58
N LYS B 488 45.22 12.91 -29.30
CA LYS B 488 46.53 13.03 -29.94
C LYS B 488 46.66 11.91 -30.97
N LYS B 489 46.07 12.14 -32.15
CA LYS B 489 46.10 11.18 -33.25
C LYS B 489 47.51 11.11 -33.80
N GLY B 490 48.36 10.35 -33.11
CA GLY B 490 49.75 10.19 -33.53
C GLY B 490 50.13 8.75 -33.77
N GLY B 491 49.70 8.21 -34.91
CA GLY B 491 50.00 6.83 -35.25
C GLY B 491 49.23 6.33 -36.45
N LYS C 220 -2.67 -26.70 -25.62
CA LYS C 220 -4.07 -26.58 -25.23
C LYS C 220 -4.68 -25.31 -25.80
N THR C 221 -4.05 -24.18 -25.50
CA THR C 221 -4.51 -22.87 -25.98
C THR C 221 -3.90 -22.49 -27.32
N SER C 222 -3.19 -23.41 -27.98
CA SER C 222 -2.58 -23.09 -29.27
C SER C 222 -3.64 -22.75 -30.31
N ALA C 223 -4.70 -23.55 -30.38
CA ALA C 223 -5.76 -23.29 -31.36
C ALA C 223 -6.44 -21.95 -31.09
N ARG C 224 -6.72 -21.65 -29.82
CA ARG C 224 -7.34 -20.38 -29.47
C ARG C 224 -6.44 -19.21 -29.84
N TYR C 225 -5.15 -19.32 -29.54
CA TYR C 225 -4.21 -18.25 -29.88
C TYR C 225 -4.13 -18.05 -31.39
N MET C 226 -4.08 -19.16 -32.15
CA MET C 226 -4.03 -19.05 -33.60
C MET C 226 -5.29 -18.40 -34.15
N GLU C 227 -6.45 -18.79 -33.63
CA GLU C 227 -7.71 -18.19 -34.09
C GLU C 227 -7.75 -16.70 -33.77
N LEU C 228 -7.30 -16.32 -32.56
CA LEU C 228 -7.29 -14.91 -32.20
C LEU C 228 -6.34 -14.12 -33.10
N VAL C 229 -5.16 -14.67 -33.37
CA VAL C 229 -4.21 -13.97 -34.24
C VAL C 229 -4.78 -13.83 -35.64
N GLY C 230 -5.40 -14.88 -36.17
CA GLY C 230 -6.00 -14.79 -37.49
C GLY C 230 -7.10 -13.77 -37.56
N TRP C 231 -7.97 -13.73 -36.55
CA TRP C 231 -9.06 -12.75 -36.53
C TRP C 231 -8.50 -11.34 -36.43
N LEU C 232 -7.48 -11.12 -35.60
CA LEU C 232 -6.91 -9.79 -35.47
C LEU C 232 -6.21 -9.36 -36.75
N VAL C 233 -5.61 -10.30 -37.49
CA VAL C 233 -4.95 -9.94 -38.73
C VAL C 233 -5.95 -9.71 -39.86
N ASP C 234 -7.09 -10.41 -39.83
CA ASP C 234 -8.09 -10.24 -40.87
C ASP C 234 -8.91 -8.97 -40.65
N LYS C 235 -9.58 -8.88 -39.50
CA LYS C 235 -10.42 -7.71 -39.20
C LYS C 235 -9.61 -6.47 -38.86
N GLY C 236 -8.28 -6.57 -38.80
CA GLY C 236 -7.47 -5.41 -38.45
C GLY C 236 -7.78 -4.85 -37.08
N ILE C 237 -8.09 -5.72 -36.11
CA ILE C 237 -8.43 -5.26 -34.78
C ILE C 237 -7.20 -4.66 -34.11
N THR C 238 -7.42 -3.58 -33.34
CA THR C 238 -6.33 -2.92 -32.64
C THR C 238 -6.59 -2.78 -31.14
N SER C 239 -7.72 -3.28 -30.64
CA SER C 239 -8.05 -3.18 -29.22
C SER C 239 -9.29 -4.03 -28.98
N GLU C 240 -9.78 -3.99 -27.73
CA GLU C 240 -10.96 -4.76 -27.39
C GLU C 240 -12.23 -4.20 -28.04
N LYS C 241 -12.30 -2.87 -28.18
CA LYS C 241 -13.47 -2.26 -28.81
C LYS C 241 -13.62 -2.71 -30.25
N GLN C 242 -12.52 -2.70 -31.01
CA GLN C 242 -12.57 -3.14 -32.39
C GLN C 242 -12.94 -4.61 -32.50
N TRP C 243 -12.41 -5.44 -31.59
CA TRP C 243 -12.75 -6.86 -31.61
C TRP C 243 -14.23 -7.07 -31.33
N ILE C 244 -14.78 -6.35 -30.35
CA ILE C 244 -16.20 -6.49 -30.03
C ILE C 244 -17.06 -5.97 -31.17
N GLN C 245 -16.61 -4.93 -31.87
CA GLN C 245 -17.40 -4.38 -32.98
C GLN C 245 -17.38 -5.30 -34.18
N GLU C 246 -16.24 -5.92 -34.47
CA GLU C 246 -16.11 -6.81 -35.62
C GLU C 246 -16.64 -8.20 -35.34
N ASP C 247 -16.19 -8.83 -34.24
CA ASP C 247 -16.64 -10.17 -33.89
C ASP C 247 -16.76 -10.24 -32.38
N GLN C 248 -17.98 -10.15 -31.87
CA GLN C 248 -18.23 -10.19 -30.44
C GLN C 248 -18.51 -11.60 -29.91
N ALA C 249 -18.91 -12.52 -30.79
CA ALA C 249 -19.20 -13.88 -30.35
C ALA C 249 -17.95 -14.55 -29.79
N SER C 250 -16.83 -14.45 -30.52
CA SER C 250 -15.60 -15.06 -30.05
C SER C 250 -15.14 -14.45 -28.73
N TYR C 251 -15.37 -13.15 -28.53
CA TYR C 251 -14.99 -12.50 -27.28
C TYR C 251 -15.71 -13.15 -26.10
N ILE C 252 -17.04 -13.26 -26.20
CA ILE C 252 -17.82 -13.86 -25.12
C ILE C 252 -17.46 -15.33 -24.95
N SER C 253 -17.20 -16.01 -26.05
CA SER C 253 -16.81 -17.42 -25.98
C SER C 253 -15.52 -17.60 -25.19
N PHE C 254 -14.52 -16.77 -25.50
CA PHE C 254 -13.24 -16.86 -24.78
C PHE C 254 -13.40 -16.44 -23.33
N ASN C 255 -14.25 -15.43 -23.06
CA ASN C 255 -14.46 -15.01 -21.68
C ASN C 255 -15.15 -16.09 -20.86
N ALA C 256 -16.06 -16.86 -21.48
CA ALA C 256 -16.76 -17.91 -20.76
C ALA C 256 -15.93 -19.18 -20.62
N ALA C 257 -15.09 -19.48 -21.62
CA ALA C 257 -14.26 -20.68 -21.61
C ALA C 257 -12.90 -20.46 -20.95
N SER C 258 -12.61 -19.23 -20.51
CA SER C 258 -11.32 -18.94 -19.88
C SER C 258 -11.32 -17.56 -19.26
N ASN C 259 -11.05 -17.48 -17.95
CA ASN C 259 -11.02 -16.18 -17.27
C ASN C 259 -9.70 -15.47 -17.47
N SER C 260 -8.60 -16.21 -17.66
CA SER C 260 -7.30 -15.59 -17.85
C SER C 260 -7.27 -14.83 -19.18
N ARG C 261 -6.67 -13.65 -19.15
CA ARG C 261 -6.57 -12.78 -20.32
C ARG C 261 -5.15 -12.71 -20.88
N SER C 262 -4.26 -13.59 -20.44
CA SER C 262 -2.88 -13.56 -20.94
C SER C 262 -2.83 -13.83 -22.43
N GLN C 263 -3.62 -14.80 -22.92
CA GLN C 263 -3.60 -15.13 -24.34
C GLN C 263 -4.10 -13.96 -25.17
N ILE C 264 -5.22 -13.35 -24.77
CA ILE C 264 -5.76 -12.22 -25.52
C ILE C 264 -4.81 -11.04 -25.47
N LYS C 265 -4.17 -10.81 -24.33
CA LYS C 265 -3.21 -9.72 -24.22
C LYS C 265 -2.03 -9.94 -25.15
N ALA C 266 -1.49 -11.16 -25.18
CA ALA C 266 -0.37 -11.46 -26.07
C ALA C 266 -0.79 -11.32 -27.54
N ALA C 267 -1.99 -11.77 -27.88
CA ALA C 267 -2.46 -11.63 -29.26
C ALA C 267 -2.60 -10.17 -29.65
N LEU C 268 -3.17 -9.35 -28.77
CA LEU C 268 -3.30 -7.93 -29.05
C LEU C 268 -1.94 -7.26 -29.20
N ASP C 269 -0.99 -7.62 -28.33
CA ASP C 269 0.35 -7.05 -28.43
C ASP C 269 1.02 -7.44 -29.75
N ASN C 270 0.89 -8.71 -30.14
CA ASN C 270 1.49 -9.13 -31.41
C ASN C 270 0.84 -8.42 -32.58
N ALA C 271 -0.49 -8.26 -32.55
CA ALA C 271 -1.18 -7.56 -33.64
C ALA C 271 -0.71 -6.10 -33.71
N GLY C 272 -0.64 -5.42 -32.57
CA GLY C 272 -0.16 -4.05 -32.57
C GLY C 272 1.26 -3.93 -33.07
N LYS C 273 2.13 -4.86 -32.68
CA LYS C 273 3.51 -4.83 -33.15
C LYS C 273 3.56 -5.02 -34.67
N ILE C 274 2.82 -6.00 -35.19
CA ILE C 274 2.84 -6.26 -36.62
C ILE C 274 2.23 -5.10 -37.40
N MET C 275 1.30 -4.36 -36.79
CA MET C 275 0.65 -3.26 -37.49
C MET C 275 1.43 -1.95 -37.39
N SER C 276 2.26 -1.79 -36.36
CA SER C 276 3.03 -0.55 -36.18
C SER C 276 4.45 -0.68 -36.70
N LEU C 277 5.20 -1.68 -36.21
CA LEU C 277 6.60 -1.81 -36.61
C LEU C 277 6.75 -2.04 -38.11
N THR C 278 5.91 -2.90 -38.69
CA THR C 278 5.97 -3.22 -40.11
C THR C 278 4.93 -2.43 -40.91
N LYS C 279 4.83 -1.14 -40.65
CA LYS C 279 3.89 -0.27 -41.35
C LYS C 279 4.37 1.17 -41.22
N THR C 280 3.55 2.11 -41.69
CA THR C 280 3.89 3.52 -41.62
C THR C 280 2.71 4.38 -42.04
N ALA C 281 2.95 5.34 -42.93
CA ALA C 281 1.90 6.23 -43.40
C ALA C 281 1.49 5.88 -44.82
N PRO C 282 2.44 5.82 -45.78
CA PRO C 282 2.07 5.48 -47.16
C PRO C 282 1.32 4.16 -47.27
N ASP C 283 1.52 3.23 -46.33
CA ASP C 283 0.81 1.96 -46.38
C ASP C 283 -0.69 2.16 -46.38
N TYR C 284 -1.17 3.23 -45.76
CA TYR C 284 -2.60 3.55 -45.72
C TYR C 284 -2.98 4.66 -46.69
N LEU C 285 -2.10 5.00 -47.63
CA LEU C 285 -2.40 6.07 -48.59
C LEU C 285 -3.25 5.53 -49.74
N VAL C 286 -2.63 4.76 -50.64
CA VAL C 286 -3.34 4.20 -51.79
C VAL C 286 -4.36 3.18 -51.26
N GLY C 287 -5.65 3.48 -51.43
CA GLY C 287 -6.67 2.57 -50.97
C GLY C 287 -6.71 1.28 -51.75
N GLN C 288 -7.39 0.30 -51.18
CA GLN C 288 -7.52 -1.01 -51.81
C GLN C 288 -8.70 -1.11 -52.79
N GLN C 289 -9.58 -0.12 -52.79
CA GLN C 289 -10.73 -0.10 -53.69
C GLN C 289 -10.66 1.12 -54.58
N PRO C 290 -10.55 0.97 -55.91
CA PRO C 290 -10.49 2.14 -56.78
C PRO C 290 -11.82 2.85 -56.85
N VAL C 291 -11.76 4.18 -56.88
CA VAL C 291 -12.96 5.01 -56.95
C VAL C 291 -12.75 6.12 -57.98
N GLU C 292 -11.53 6.65 -58.05
CA GLU C 292 -11.19 7.72 -58.99
C GLU C 292 -12.01 8.98 -58.71
N ASP C 293 -11.85 9.51 -57.51
CA ASP C 293 -12.55 10.70 -57.07
C ASP C 293 -11.58 11.87 -56.97
N ILE C 294 -12.04 13.05 -57.39
CA ILE C 294 -11.21 14.25 -57.35
C ILE C 294 -11.97 15.35 -56.62
N SER C 295 -12.74 16.14 -57.36
CA SER C 295 -13.52 17.24 -56.80
C SER C 295 -14.97 16.83 -56.72
N SER C 296 -15.45 16.57 -55.50
CA SER C 296 -16.83 16.16 -55.29
C SER C 296 -17.15 16.04 -53.80
N ASN C 297 -16.24 15.44 -53.04
CA ASN C 297 -16.44 15.27 -51.61
C ASN C 297 -16.15 16.59 -50.90
N ARG C 298 -16.20 16.55 -49.56
CA ARG C 298 -15.94 17.74 -48.76
C ARG C 298 -14.49 18.21 -48.85
N ILE C 299 -13.59 17.37 -49.35
CA ILE C 299 -12.20 17.79 -49.48
C ILE C 299 -12.06 18.93 -50.47
N TYR C 300 -12.76 18.84 -51.60
CA TYR C 300 -12.72 19.94 -52.58
C TYR C 300 -13.27 21.22 -51.97
N LYS C 301 -14.36 21.13 -51.21
CA LYS C 301 -14.93 22.32 -50.59
C LYS C 301 -13.97 22.94 -49.58
N ILE C 302 -13.33 22.11 -48.75
CA ILE C 302 -12.41 22.64 -47.76
C ILE C 302 -11.18 23.24 -48.43
N LEU C 303 -10.74 22.66 -49.54
CA LEU C 303 -9.60 23.23 -50.26
C LEU C 303 -9.96 24.57 -50.90
N GLU C 304 -11.17 24.66 -51.47
CA GLU C 304 -11.61 25.92 -52.06
C GLU C 304 -11.81 27.00 -51.01
N LEU C 305 -12.25 26.61 -49.81
CA LEU C 305 -12.46 27.59 -48.74
C LEU C 305 -11.15 28.01 -48.08
N ASN C 306 -10.16 27.11 -48.03
CA ASN C 306 -8.88 27.46 -47.42
C ASN C 306 -8.05 28.35 -48.33
N GLY C 307 -8.10 28.11 -49.64
CA GLY C 307 -7.35 28.91 -50.58
C GLY C 307 -5.98 28.34 -50.90
N TYR C 308 -5.95 27.13 -51.46
CA TYR C 308 -4.69 26.49 -51.81
C TYR C 308 -4.92 25.61 -53.04
N ASP C 309 -3.82 25.35 -53.75
CA ASP C 309 -3.88 24.53 -54.95
C ASP C 309 -4.14 23.07 -54.57
N PRO C 310 -5.19 22.45 -55.09
CA PRO C 310 -5.44 21.04 -54.74
C PRO C 310 -4.31 20.11 -55.13
N GLN C 311 -3.78 20.26 -56.35
CA GLN C 311 -2.69 19.40 -56.79
C GLN C 311 -1.44 19.59 -55.94
N TYR C 312 -1.09 20.85 -55.66
CA TYR C 312 0.08 21.13 -54.84
C TYR C 312 -0.09 20.59 -53.42
N ALA C 313 -1.29 20.76 -52.85
CA ALA C 313 -1.55 20.23 -51.52
C ALA C 313 -1.44 18.72 -51.49
N ALA C 314 -2.00 18.05 -52.50
CA ALA C 314 -1.92 16.59 -52.56
C ALA C 314 -0.48 16.13 -52.71
N SER C 315 0.31 16.83 -53.53
CA SER C 315 1.71 16.45 -53.69
C SER C 315 2.48 16.65 -52.40
N VAL C 316 2.22 17.75 -51.68
CA VAL C 316 2.89 17.99 -50.41
C VAL C 316 2.51 16.91 -49.40
N PHE C 317 1.24 16.54 -49.36
CA PHE C 317 0.80 15.50 -48.43
C PHE C 317 1.46 14.16 -48.76
N LEU C 318 1.54 13.83 -50.06
CA LEU C 318 2.18 12.58 -50.44
C LEU C 318 3.66 12.58 -50.08
N GLY C 319 4.35 13.70 -50.31
CA GLY C 319 5.75 13.79 -49.96
C GLY C 319 5.97 13.70 -48.46
N TRP C 320 5.06 14.28 -47.67
CA TRP C 320 5.20 14.21 -46.22
C TRP C 320 4.91 12.81 -45.70
N ALA C 321 3.97 12.10 -46.35
CA ALA C 321 3.65 10.74 -45.92
C ALA C 321 4.75 9.77 -46.31
N THR C 322 5.36 9.95 -47.48
CA THR C 322 6.42 9.07 -47.95
C THR C 322 7.76 9.36 -47.29
N LYS C 323 7.95 10.56 -46.74
CA LYS C 323 9.20 10.93 -46.10
C LYS C 323 10.35 10.88 -47.11
N LYS C 324 10.44 11.91 -47.97
CA LYS C 324 11.49 11.99 -48.97
C LYS C 324 12.14 13.37 -49.01
N PHE C 325 11.98 14.16 -47.95
CA PHE C 325 12.56 15.50 -47.88
C PHE C 325 13.53 15.65 -46.72
N GLY C 326 13.95 14.55 -46.10
CA GLY C 326 14.87 14.62 -44.98
C GLY C 326 14.28 15.30 -43.77
N LYS C 327 14.75 16.51 -43.47
CA LYS C 327 14.24 17.25 -42.32
C LYS C 327 12.80 17.69 -42.53
N ARG C 328 12.39 17.89 -43.78
CA ARG C 328 11.03 18.31 -44.09
C ARG C 328 10.11 17.11 -44.00
N ASN C 329 9.37 17.00 -42.90
CA ASN C 329 8.46 15.88 -42.71
C ASN C 329 7.37 16.25 -41.71
N THR C 330 6.70 17.38 -41.93
CA THR C 330 5.63 17.82 -41.05
C THR C 330 4.79 18.85 -41.79
N ILE C 331 3.51 18.92 -41.43
CA ILE C 331 2.57 19.86 -42.03
C ILE C 331 1.83 20.59 -40.92
N TRP C 332 1.64 21.89 -41.09
CA TRP C 332 0.94 22.72 -40.12
C TRP C 332 0.00 23.66 -40.85
N LEU C 333 -1.19 23.84 -40.30
CA LEU C 333 -2.21 24.72 -40.88
C LEU C 333 -2.82 25.56 -39.77
N PHE C 334 -2.65 26.87 -39.88
CA PHE C 334 -3.18 27.82 -38.91
C PHE C 334 -4.55 28.32 -39.33
N GLY C 335 -5.31 28.80 -38.36
CA GLY C 335 -6.64 29.32 -38.60
C GLY C 335 -7.36 29.68 -37.33
N PRO C 336 -8.57 30.24 -37.46
CA PRO C 336 -9.35 30.61 -36.27
C PRO C 336 -9.63 29.42 -35.36
N ALA C 337 -10.71 28.69 -35.63
CA ALA C 337 -11.07 27.54 -34.82
C ALA C 337 -11.55 26.39 -35.71
N THR C 338 -12.86 26.32 -35.94
CA THR C 338 -13.45 25.27 -36.77
C THR C 338 -13.38 25.66 -38.25
N THR C 339 -12.15 25.90 -38.72
CA THR C 339 -11.88 26.28 -40.10
C THR C 339 -11.43 25.10 -40.94
N GLY C 340 -12.16 23.98 -40.87
CA GLY C 340 -11.82 22.80 -41.64
C GLY C 340 -10.56 22.09 -41.19
N LYS C 341 -9.86 22.60 -40.19
CA LYS C 341 -8.64 21.94 -39.73
C LYS C 341 -8.97 20.81 -38.76
N THR C 342 -9.84 21.07 -37.78
CA THR C 342 -10.19 20.04 -36.81
C THR C 342 -10.89 18.86 -37.50
N ASN C 343 -11.73 19.14 -38.49
CA ASN C 343 -12.42 18.07 -39.19
C ASN C 343 -11.44 17.16 -39.92
N ILE C 344 -10.52 17.75 -40.67
CA ILE C 344 -9.53 16.95 -41.39
C ILE C 344 -8.64 16.19 -40.41
N ALA C 345 -8.29 16.82 -39.28
CA ALA C 345 -7.46 16.16 -38.29
C ALA C 345 -8.17 14.93 -37.72
N GLU C 346 -9.44 15.09 -37.33
CA GLU C 346 -10.19 13.96 -36.79
C GLU C 346 -10.38 12.88 -37.84
N ALA C 347 -10.59 13.27 -39.10
CA ALA C 347 -10.74 12.27 -40.16
C ALA C 347 -9.47 11.47 -40.34
N ILE C 348 -8.32 12.15 -40.37
CA ILE C 348 -7.05 11.44 -40.52
C ILE C 348 -6.76 10.58 -39.30
N ALA C 349 -7.18 11.01 -38.11
CA ALA C 349 -6.94 10.22 -36.91
C ALA C 349 -7.81 8.96 -36.90
N HIS C 350 -9.06 9.08 -37.34
CA HIS C 350 -9.96 7.94 -37.36
C HIS C 350 -9.71 7.00 -38.54
N THR C 351 -9.07 7.49 -39.61
CA THR C 351 -8.78 6.66 -40.77
C THR C 351 -7.87 5.50 -40.38
N VAL C 352 -6.63 5.81 -40.02
CA VAL C 352 -5.69 4.76 -39.63
C VAL C 352 -6.12 4.17 -38.29
N PRO C 353 -6.13 2.84 -38.15
CA PRO C 353 -6.54 2.24 -36.87
C PRO C 353 -5.50 2.35 -35.76
N PHE C 354 -4.24 2.63 -36.10
CA PHE C 354 -3.17 2.75 -35.11
C PHE C 354 -2.55 4.13 -35.21
N TYR C 355 -2.51 4.85 -34.09
CA TYR C 355 -1.94 6.19 -34.05
C TYR C 355 -1.92 6.65 -32.59
N GLY C 356 -1.13 7.68 -32.34
CA GLY C 356 -0.98 8.24 -31.01
C GLY C 356 -1.68 9.58 -30.91
N CYS C 357 -2.22 9.87 -29.72
CA CYS C 357 -2.92 11.12 -29.45
C CYS C 357 -2.13 11.89 -28.39
N VAL C 358 -0.99 12.44 -28.80
CA VAL C 358 -0.13 13.20 -27.90
C VAL C 358 -0.86 14.45 -27.44
N ASN C 359 -1.79 14.30 -26.50
CA ASN C 359 -2.53 15.43 -25.96
C ASN C 359 -1.68 16.16 -24.92
N TRP C 360 -1.70 17.49 -24.97
CA TRP C 360 -0.93 18.29 -24.04
C TRP C 360 -1.71 18.57 -22.76
N THR C 361 -2.60 17.64 -22.39
CA THR C 361 -3.36 17.82 -21.15
C THR C 361 -2.47 17.73 -19.92
N ASN C 362 -1.34 17.04 -20.04
CA ASN C 362 -0.37 16.89 -18.95
C ASN C 362 1.00 17.31 -19.48
N GLU C 363 1.40 18.54 -19.19
CA GLU C 363 2.68 19.04 -19.67
C GLU C 363 3.86 18.29 -19.08
N ASN C 364 3.66 17.57 -17.96
CA ASN C 364 4.75 16.83 -17.35
C ASN C 364 5.25 15.71 -18.26
N PHE C 365 4.36 15.06 -19.00
CA PHE C 365 4.71 13.97 -19.90
C PHE C 365 4.04 14.22 -21.25
N PRO C 366 4.59 15.15 -22.04
CA PRO C 366 4.00 15.43 -23.37
C PRO C 366 3.99 14.19 -24.26
N PHE C 367 5.13 13.86 -24.84
CA PHE C 367 5.26 12.70 -25.72
C PHE C 367 5.16 11.43 -24.87
N ASN C 368 3.94 10.96 -24.68
CA ASN C 368 3.65 9.77 -23.89
C ASN C 368 3.02 8.65 -24.70
N ASP C 369 2.00 8.97 -25.50
CA ASP C 369 1.30 8.00 -26.33
C ASP C 369 1.56 8.35 -27.79
N CYS C 370 2.63 7.77 -28.35
CA CYS C 370 3.00 8.03 -29.74
C CYS C 370 4.15 7.13 -30.16
N VAL C 371 4.58 6.25 -29.28
CA VAL C 371 5.69 5.35 -29.57
C VAL C 371 5.18 4.21 -30.44
N ASP C 372 5.83 3.99 -31.59
CA ASP C 372 5.44 2.94 -32.52
C ASP C 372 4.01 3.13 -33.01
N LYS C 373 3.75 4.33 -33.54
CA LYS C 373 2.44 4.69 -34.06
C LYS C 373 2.57 5.09 -35.53
N MET C 374 1.45 5.51 -36.12
CA MET C 374 1.41 5.93 -37.50
C MET C 374 1.11 7.41 -37.69
N VAL C 375 0.28 8.01 -36.84
CA VAL C 375 -0.06 9.42 -36.92
C VAL C 375 -0.13 9.99 -35.52
N ILE C 376 0.54 11.12 -35.29
CA ILE C 376 0.56 11.78 -34.00
C ILE C 376 -0.42 12.94 -34.07
N TRP C 377 -1.53 12.84 -33.34
CA TRP C 377 -2.58 13.84 -33.36
C TRP C 377 -2.31 14.89 -32.28
N TRP C 378 -2.38 16.16 -32.67
CA TRP C 378 -2.21 17.28 -31.74
C TRP C 378 -3.46 18.16 -31.82
N GLU C 379 -4.39 17.94 -30.89
CA GLU C 379 -5.64 18.67 -30.87
C GLU C 379 -5.59 19.93 -30.01
N GLU C 380 -4.53 20.13 -29.23
CA GLU C 380 -4.42 21.31 -28.38
C GLU C 380 -3.00 21.45 -27.84
N GLY C 381 -2.85 22.20 -26.74
CA GLY C 381 -1.56 22.40 -26.14
C GLY C 381 -0.59 23.16 -27.03
N LYS C 382 0.65 23.31 -26.57
CA LYS C 382 1.69 24.00 -27.32
C LYS C 382 2.99 23.20 -27.25
N MET C 383 4.02 23.71 -27.88
CA MET C 383 5.32 23.04 -27.91
C MET C 383 6.12 23.41 -26.67
N THR C 384 6.58 22.39 -25.94
CA THR C 384 7.36 22.58 -24.73
C THR C 384 8.84 22.33 -25.01
N ALA C 385 9.68 22.93 -24.16
CA ALA C 385 11.12 22.79 -24.29
C ALA C 385 11.68 21.56 -23.59
N LYS C 386 10.87 20.88 -22.78
CA LYS C 386 11.34 19.69 -22.07
C LYS C 386 11.51 18.50 -23.00
N VAL C 387 10.81 18.47 -24.13
CA VAL C 387 10.90 17.36 -25.08
C VAL C 387 11.14 17.92 -26.49
N VAL C 388 12.22 18.68 -26.65
CA VAL C 388 12.53 19.25 -27.95
C VAL C 388 13.28 18.27 -28.85
N GLU C 389 14.15 17.43 -28.27
CA GLU C 389 14.89 16.46 -29.08
C GLU C 389 13.95 15.47 -29.75
N SER C 390 12.96 14.96 -29.00
CA SER C 390 12.02 14.01 -29.57
C SER C 390 11.21 14.66 -30.69
N ALA C 391 10.77 15.90 -30.50
CA ALA C 391 10.02 16.59 -31.54
C ALA C 391 10.87 16.81 -32.78
N LYS C 392 12.13 17.20 -32.59
CA LYS C 392 13.02 17.40 -33.74
C LYS C 392 13.27 16.09 -34.47
N ALA C 393 13.43 14.99 -33.74
CA ALA C 393 13.65 13.70 -34.39
C ALA C 393 12.42 13.21 -35.12
N ILE C 394 11.22 13.49 -34.58
CA ILE C 394 9.99 13.05 -35.23
C ILE C 394 9.73 13.89 -36.48
N LEU C 395 9.65 15.21 -36.32
CA LEU C 395 9.41 16.08 -37.47
C LEU C 395 10.56 16.06 -38.45
N GLY C 396 11.77 15.75 -37.98
CA GLY C 396 12.94 15.71 -38.85
C GLY C 396 13.31 14.34 -39.37
N GLY C 397 12.66 13.29 -38.88
CA GLY C 397 12.95 11.94 -39.33
C GLY C 397 14.20 11.36 -38.69
N SER C 398 14.07 10.91 -37.44
CA SER C 398 15.18 10.33 -36.71
C SER C 398 14.62 9.57 -35.50
N LYS C 399 15.50 9.18 -34.59
CA LYS C 399 15.12 8.45 -33.39
C LYS C 399 15.86 9.02 -32.20
N VAL C 400 15.18 9.02 -31.05
CA VAL C 400 15.76 9.53 -29.81
C VAL C 400 14.92 9.03 -28.65
N ARG C 401 15.58 8.71 -27.54
CA ARG C 401 14.91 8.21 -26.35
C ARG C 401 14.72 9.35 -25.35
N VAL C 402 13.54 9.38 -24.73
CA VAL C 402 13.21 10.40 -23.74
C VAL C 402 12.50 9.73 -22.57
N ASP C 403 12.76 10.22 -21.37
CA ASP C 403 12.13 9.67 -20.17
C ASP C 403 10.73 10.24 -20.01
N GLN C 404 9.76 9.34 -19.82
CA GLN C 404 8.36 9.75 -19.66
C GLN C 404 7.96 9.70 -18.18
N LYS C 405 7.22 8.67 -17.81
CA LYS C 405 6.76 8.50 -16.43
C LYS C 405 7.92 8.03 -15.56
N CYS C 406 7.62 7.62 -14.34
CA CYS C 406 8.65 7.16 -13.41
C CYS C 406 9.19 5.81 -13.88
N LYS C 407 10.50 5.78 -14.16
CA LYS C 407 11.17 4.56 -14.62
C LYS C 407 10.54 4.06 -15.94
N SER C 408 10.73 4.87 -16.97
CA SER C 408 10.19 4.55 -18.29
C SER C 408 10.80 5.45 -19.35
N SER C 409 11.36 4.86 -20.40
CA SER C 409 11.96 5.60 -21.51
C SER C 409 11.31 5.17 -22.81
N ALA C 410 10.91 6.14 -23.62
CA ALA C 410 10.24 5.88 -24.89
C ALA C 410 11.04 6.49 -26.04
N GLN C 411 11.07 5.78 -27.16
CA GLN C 411 11.79 6.23 -28.35
C GLN C 411 10.81 6.25 -29.52
N ILE C 412 10.57 7.45 -30.06
CA ILE C 412 9.65 7.64 -31.17
C ILE C 412 10.45 7.69 -32.47
N ASP C 413 9.88 7.12 -33.52
CA ASP C 413 10.50 7.08 -34.84
C ASP C 413 9.89 8.13 -35.75
N PRO C 414 10.48 8.36 -36.92
CA PRO C 414 9.92 9.36 -37.85
C PRO C 414 8.48 9.05 -38.22
N THR C 415 7.54 9.56 -37.42
CA THR C 415 6.12 9.32 -37.64
C THR C 415 5.42 10.61 -38.04
N PRO C 416 4.49 10.54 -39.00
CA PRO C 416 3.77 11.76 -39.40
C PRO C 416 3.02 12.37 -38.23
N VAL C 417 2.97 13.70 -38.21
CA VAL C 417 2.31 14.46 -37.14
C VAL C 417 1.31 15.40 -37.79
N ILE C 418 0.09 15.44 -37.24
CA ILE C 418 -0.96 16.32 -37.71
C ILE C 418 -1.50 17.10 -36.52
N VAL C 419 -1.53 18.43 -36.65
CA VAL C 419 -1.99 19.31 -35.58
C VAL C 419 -3.45 19.66 -35.81
N THR C 420 -4.18 19.82 -34.72
CA THR C 420 -5.60 20.16 -34.77
C THR C 420 -5.90 21.52 -34.18
N SER C 421 -5.24 21.91 -33.09
CA SER C 421 -5.48 23.19 -32.46
C SER C 421 -4.82 24.31 -33.27
N ASN C 422 -5.13 25.55 -32.88
CA ASN C 422 -4.60 26.75 -33.53
C ASN C 422 -4.02 27.69 -32.49
N THR C 423 -3.12 27.17 -31.66
CA THR C 423 -2.48 27.94 -30.61
C THR C 423 -1.08 28.37 -31.06
N ASN C 424 -0.35 29.01 -30.15
CA ASN C 424 1.01 29.48 -30.43
C ASN C 424 1.94 28.27 -30.46
N MET C 425 1.94 27.59 -31.61
CA MET C 425 2.80 26.41 -31.76
C MET C 425 4.26 26.80 -31.90
N CYS C 426 4.56 27.97 -32.46
CA CYS C 426 5.94 28.39 -32.62
C CYS C 426 6.59 28.68 -31.26
N ALA C 427 5.83 29.29 -30.35
CA ALA C 427 6.36 29.60 -29.03
C ALA C 427 6.61 28.31 -28.26
N VAL C 428 7.88 28.06 -27.94
CA VAL C 428 8.27 26.85 -27.21
C VAL C 428 8.22 27.14 -25.72
N ILE C 429 7.54 26.27 -24.97
CA ILE C 429 7.42 26.43 -23.52
C ILE C 429 8.71 25.91 -22.89
N ASP C 430 9.50 26.82 -22.31
CA ASP C 430 10.76 26.49 -21.67
C ASP C 430 10.69 26.87 -20.20
N GLY C 431 11.04 25.93 -19.33
CA GLY C 431 11.01 26.17 -17.90
C GLY C 431 9.66 26.64 -17.40
N ASN C 432 9.47 27.96 -17.33
CA ASN C 432 8.21 28.52 -16.88
C ASN C 432 7.76 29.71 -17.73
N SER C 433 8.24 29.81 -18.97
CA SER C 433 7.87 30.91 -19.84
C SER C 433 7.93 30.41 -21.29
N THR C 434 7.85 31.34 -22.23
CA THR C 434 7.88 31.03 -23.65
C THR C 434 9.12 31.62 -24.30
N THR C 435 9.67 30.89 -25.27
CA THR C 435 10.86 31.33 -25.97
C THR C 435 10.80 30.83 -27.42
N PHE C 436 11.44 31.57 -28.31
CA PHE C 436 11.50 31.24 -29.72
C PHE C 436 12.93 30.92 -30.16
N GLU C 437 13.67 30.22 -29.29
CA GLU C 437 15.04 29.87 -29.61
C GLU C 437 15.12 28.89 -30.78
N HIS C 438 14.12 28.04 -30.92
CA HIS C 438 14.08 27.05 -32.01
C HIS C 438 13.26 27.55 -33.19
N GLN C 439 13.52 28.80 -33.60
CA GLN C 439 12.78 29.37 -34.73
C GLN C 439 13.09 28.63 -36.02
N GLN C 440 14.39 28.50 -36.35
CA GLN C 440 14.76 27.80 -37.57
C GLN C 440 14.40 26.32 -37.51
N PRO C 441 14.77 25.57 -36.48
CA PRO C 441 14.40 24.15 -36.43
C PRO C 441 12.91 23.91 -36.50
N LEU C 442 12.10 24.87 -36.08
CA LEU C 442 10.64 24.74 -36.09
C LEU C 442 10.01 25.31 -37.34
N GLN C 443 10.73 26.10 -38.13
CA GLN C 443 10.21 26.69 -39.36
C GLN C 443 10.69 25.93 -40.60
N ASP C 444 12.00 25.81 -40.76
CA ASP C 444 12.57 25.12 -41.93
C ASP C 444 12.68 23.63 -41.65
N ARG C 445 11.52 22.98 -41.62
CA ARG C 445 11.44 21.55 -41.36
C ARG C 445 10.07 21.00 -41.69
N MET C 446 9.11 21.90 -41.95
CA MET C 446 7.75 21.49 -42.25
C MET C 446 7.12 22.54 -43.17
N PHE C 447 5.95 22.20 -43.70
CA PHE C 447 5.19 23.08 -44.58
C PHE C 447 4.07 23.74 -43.79
N LYS C 448 4.10 25.06 -43.71
CA LYS C 448 3.13 25.83 -42.96
C LYS C 448 2.17 26.54 -43.90
N PHE C 449 0.88 26.50 -43.59
CA PHE C 449 -0.15 27.15 -44.38
C PHE C 449 -1.09 27.92 -43.46
N GLU C 450 -1.77 28.90 -44.03
CA GLU C 450 -2.70 29.75 -43.30
C GLU C 450 -4.10 29.61 -43.86
N LEU C 451 -5.09 29.73 -42.98
CA LEU C 451 -6.49 29.65 -43.36
C LEU C 451 -7.24 30.85 -42.80
N THR C 452 -8.42 31.10 -43.37
CA THR C 452 -9.23 32.24 -42.95
C THR C 452 -10.72 31.90 -43.04
N ARG C 453 -11.21 31.65 -44.26
CA ARG C 453 -12.62 31.37 -44.45
C ARG C 453 -13.01 30.09 -43.71
N ARG C 454 -14.04 30.19 -42.86
CA ARG C 454 -14.51 29.05 -42.09
C ARG C 454 -15.50 28.23 -42.91
N LEU C 455 -16.26 27.36 -42.23
CA LEU C 455 -17.24 26.51 -42.90
C LEU C 455 -18.64 26.80 -42.39
N ASP C 456 -19.52 25.80 -42.45
CA ASP C 456 -20.89 25.93 -42.00
C ASP C 456 -21.14 24.92 -40.86
N HIS C 457 -22.42 24.72 -40.55
CA HIS C 457 -22.81 23.80 -39.49
C HIS C 457 -23.18 22.44 -40.07
N ASP C 458 -22.66 21.38 -39.46
CA ASP C 458 -22.92 20.01 -39.90
C ASP C 458 -22.39 19.76 -41.31
N PHE C 459 -21.32 20.47 -41.68
CA PHE C 459 -20.73 20.31 -43.00
C PHE C 459 -19.30 19.81 -42.90
N GLY C 460 -19.12 18.64 -42.29
CA GLY C 460 -17.79 18.07 -42.13
C GLY C 460 -17.81 16.57 -41.95
N LYS C 461 -16.98 16.07 -41.03
CA LYS C 461 -16.88 14.63 -40.74
C LYS C 461 -16.43 13.86 -41.98
N VAL C 462 -15.17 14.08 -42.33
CA VAL C 462 -14.58 13.42 -43.49
C VAL C 462 -14.50 11.92 -43.23
N THR C 463 -15.07 11.14 -44.15
CA THR C 463 -15.06 9.70 -44.03
C THR C 463 -13.75 9.11 -44.56
N LYS C 464 -13.67 7.79 -44.59
CA LYS C 464 -12.47 7.12 -45.07
C LYS C 464 -12.43 7.03 -46.59
N GLN C 465 -13.59 6.95 -47.24
CA GLN C 465 -13.62 6.87 -48.70
C GLN C 465 -13.04 8.13 -49.33
N GLU C 466 -13.40 9.30 -48.80
CA GLU C 466 -12.87 10.55 -49.34
C GLU C 466 -11.37 10.63 -49.15
N VAL C 467 -10.87 10.23 -47.98
CA VAL C 467 -9.43 10.26 -47.74
C VAL C 467 -8.70 9.32 -48.68
N LYS C 468 -9.26 8.12 -48.89
CA LYS C 468 -8.64 7.16 -49.80
C LYS C 468 -8.63 7.70 -51.23
N ASP C 469 -9.72 8.32 -51.66
CA ASP C 469 -9.77 8.89 -53.01
C ASP C 469 -8.76 10.02 -53.16
N PHE C 470 -8.64 10.88 -52.15
CA PHE C 470 -7.66 11.95 -52.22
C PHE C 470 -6.24 11.41 -52.27
N PHE C 471 -5.95 10.38 -51.46
CA PHE C 471 -4.62 9.78 -51.48
C PHE C 471 -4.32 9.16 -52.85
N ARG C 472 -5.30 8.47 -53.43
CA ARG C 472 -5.10 7.88 -54.75
C ARG C 472 -4.86 8.95 -55.80
N TRP C 473 -5.63 10.04 -55.74
CA TRP C 473 -5.44 11.12 -56.71
C TRP C 473 -4.07 11.77 -56.55
N ALA C 474 -3.61 11.93 -55.31
CA ALA C 474 -2.29 12.51 -55.08
C ALA C 474 -1.19 11.58 -55.58
N LYS C 475 -1.36 10.27 -55.37
CA LYS C 475 -0.36 9.32 -55.84
C LYS C 475 -0.32 9.26 -57.37
N ASP C 476 -1.48 9.40 -58.01
CA ASP C 476 -1.55 9.36 -59.47
C ASP C 476 -1.23 10.71 -60.10
N HIS C 477 -1.29 11.79 -59.34
CA HIS C 477 -0.99 13.13 -59.83
C HIS C 477 0.10 13.74 -58.97
N VAL C 478 1.32 13.77 -59.51
CA VAL C 478 2.48 14.31 -58.81
C VAL C 478 3.06 15.46 -59.63
N VAL C 479 3.37 16.56 -58.95
CA VAL C 479 3.93 17.74 -59.61
C VAL C 479 5.26 18.10 -58.95
N GLU C 480 5.65 19.37 -59.05
CA GLU C 480 6.89 19.85 -58.46
C GLU C 480 6.64 20.42 -57.08
N VAL C 481 7.52 20.10 -56.15
CA VAL C 481 7.44 20.56 -54.77
C VAL C 481 8.69 21.35 -54.45
N GLU C 482 8.52 22.59 -54.00
CA GLU C 482 9.64 23.46 -53.67
C GLU C 482 10.00 23.29 -52.20
N HIS C 483 11.28 23.07 -51.92
CA HIS C 483 11.77 22.88 -50.55
C HIS C 483 11.95 24.25 -49.91
N GLU C 484 11.00 24.64 -49.07
CA GLU C 484 11.05 25.92 -48.39
C GLU C 484 9.90 25.99 -47.38
N PHE C 485 10.15 26.70 -46.27
CA PHE C 485 9.13 26.83 -45.24
C PHE C 485 8.03 27.80 -45.68
N TYR C 486 8.42 29.03 -46.04
CA TYR C 486 7.46 30.05 -46.48
C TYR C 486 6.90 29.63 -47.83
N VAL C 487 5.91 28.74 -47.79
CA VAL C 487 5.27 28.26 -49.00
C VAL C 487 4.42 29.37 -49.61
N LYS C 488 4.51 29.52 -50.93
CA LYS C 488 3.73 30.55 -51.62
C LYS C 488 2.24 30.28 -51.48
N LYS C 489 1.48 31.34 -51.18
CA LYS C 489 0.04 31.21 -51.02
C LYS C 489 -0.62 30.80 -52.33
N GLY C 490 -0.65 29.50 -52.61
CA GLY C 490 -1.25 29.00 -53.83
C GLY C 490 -0.29 28.17 -54.67
N GLY C 491 -0.40 26.85 -54.57
CA GLY C 491 0.47 25.96 -55.33
C GLY C 491 0.27 26.06 -56.82
N LYS D 220 -21.92 -25.96 -20.01
CA LYS D 220 -22.83 -25.30 -19.09
C LYS D 220 -22.42 -23.85 -18.85
N THR D 221 -21.11 -23.64 -18.69
CA THR D 221 -20.60 -22.28 -18.45
C THR D 221 -20.88 -21.38 -19.64
N SER D 222 -20.53 -21.84 -20.85
CA SER D 222 -20.76 -21.03 -22.04
C SER D 222 -22.24 -20.78 -22.27
N ALA D 223 -23.06 -21.82 -22.11
CA ALA D 223 -24.50 -21.67 -22.30
C ALA D 223 -25.10 -20.71 -21.28
N ARG D 224 -24.67 -20.84 -20.02
CA ARG D 224 -25.17 -19.93 -18.98
C ARG D 224 -24.76 -18.49 -19.25
N TYR D 225 -23.51 -18.28 -19.69
CA TYR D 225 -23.06 -16.94 -20.00
C TYR D 225 -23.84 -16.36 -21.17
N MET D 226 -24.09 -17.17 -22.20
CA MET D 226 -24.86 -16.69 -23.34
C MET D 226 -26.29 -16.33 -22.93
N GLU D 227 -26.91 -17.17 -22.09
CA GLU D 227 -28.25 -16.87 -21.62
C GLU D 227 -28.28 -15.59 -20.79
N LEU D 228 -27.28 -15.40 -19.93
CA LEU D 228 -27.22 -14.17 -19.14
C LEU D 228 -27.05 -12.95 -20.02
N VAL D 229 -26.17 -13.04 -21.03
CA VAL D 229 -25.97 -11.92 -21.95
C VAL D 229 -27.26 -11.61 -22.70
N GLY D 230 -27.96 -12.64 -23.16
CA GLY D 230 -29.22 -12.42 -23.85
C GLY D 230 -30.27 -11.78 -22.96
N TRP D 231 -30.35 -12.23 -21.70
CA TRP D 231 -31.31 -11.63 -20.77
C TRP D 231 -30.96 -10.17 -20.51
N LEU D 232 -29.67 -9.87 -20.35
CA LEU D 232 -29.26 -8.49 -20.12
C LEU D 232 -29.56 -7.61 -21.32
N VAL D 233 -29.37 -8.14 -22.53
CA VAL D 233 -29.64 -7.35 -23.73
C VAL D 233 -31.14 -7.16 -23.92
N ASP D 234 -31.95 -8.15 -23.53
CA ASP D 234 -33.39 -8.02 -23.68
C ASP D 234 -33.98 -7.06 -22.66
N LYS D 235 -33.77 -7.35 -21.37
CA LYS D 235 -34.30 -6.51 -20.31
C LYS D 235 -33.54 -5.19 -20.14
N GLY D 236 -32.48 -4.97 -20.92
CA GLY D 236 -31.72 -3.74 -20.79
C GLY D 236 -31.09 -3.56 -19.43
N ILE D 237 -30.52 -4.62 -18.87
CA ILE D 237 -29.90 -4.55 -17.55
C ILE D 237 -28.66 -3.65 -17.63
N THR D 238 -28.48 -2.82 -16.60
CA THR D 238 -27.34 -1.92 -16.55
C THR D 238 -26.58 -2.09 -15.24
N SER D 239 -27.29 -2.10 -14.12
CA SER D 239 -26.71 -2.25 -12.80
C SER D 239 -27.11 -3.61 -12.21
N GLU D 240 -26.94 -3.76 -10.90
CA GLU D 240 -27.28 -5.00 -10.21
C GLU D 240 -28.69 -4.96 -9.63
N LYS D 241 -29.03 -3.88 -8.93
CA LYS D 241 -30.37 -3.76 -8.35
C LYS D 241 -31.44 -3.78 -9.42
N GLN D 242 -31.16 -3.21 -10.60
CA GLN D 242 -32.15 -3.21 -11.68
C GLN D 242 -32.47 -4.64 -12.11
N TRP D 243 -31.45 -5.44 -12.41
CA TRP D 243 -31.67 -6.82 -12.77
C TRP D 243 -32.30 -7.60 -11.63
N ILE D 244 -31.98 -7.23 -10.38
CA ILE D 244 -32.57 -7.91 -9.24
C ILE D 244 -34.08 -7.70 -9.21
N GLN D 245 -34.52 -6.44 -9.36
CA GLN D 245 -35.95 -6.17 -9.35
C GLN D 245 -36.63 -6.72 -10.60
N GLU D 246 -35.92 -6.79 -11.72
CA GLU D 246 -36.49 -7.30 -12.96
C GLU D 246 -36.63 -8.81 -12.90
N ASP D 247 -35.64 -9.53 -13.44
CA ASP D 247 -35.67 -10.99 -13.45
C ASP D 247 -35.14 -11.50 -12.11
N GLN D 248 -36.05 -11.56 -11.13
CA GLN D 248 -35.65 -12.02 -9.80
C GLN D 248 -35.46 -13.53 -9.77
N ALA D 249 -36.19 -14.27 -10.61
CA ALA D 249 -36.04 -15.72 -10.63
C ALA D 249 -34.68 -16.15 -11.17
N SER D 250 -34.09 -15.35 -12.06
CA SER D 250 -32.78 -15.70 -12.60
C SER D 250 -31.71 -15.72 -11.51
N TYR D 251 -31.79 -14.78 -10.57
CA TYR D 251 -30.81 -14.74 -9.49
C TYR D 251 -30.87 -16.01 -8.64
N ILE D 252 -32.08 -16.39 -8.21
CA ILE D 252 -32.22 -17.59 -7.38
C ILE D 252 -31.84 -18.83 -8.18
N SER D 253 -32.16 -18.86 -9.47
CA SER D 253 -31.79 -20.00 -10.30
C SER D 253 -30.27 -20.14 -10.39
N PHE D 254 -29.57 -19.04 -10.61
CA PHE D 254 -28.11 -19.08 -10.67
C PHE D 254 -27.51 -19.45 -9.32
N ASN D 255 -28.13 -18.98 -8.23
CA ASN D 255 -27.63 -19.31 -6.90
C ASN D 255 -27.79 -20.81 -6.60
N ALA D 256 -28.92 -21.38 -6.99
CA ALA D 256 -29.17 -22.79 -6.76
C ALA D 256 -28.39 -23.69 -7.72
N ALA D 257 -28.04 -23.19 -8.91
CA ALA D 257 -27.28 -23.99 -9.85
C ALA D 257 -25.80 -24.02 -9.52
N SER D 258 -25.22 -22.88 -9.14
CA SER D 258 -23.80 -22.80 -8.80
C SER D 258 -23.61 -21.56 -7.93
N ASN D 259 -22.34 -21.21 -7.71
CA ASN D 259 -21.99 -20.04 -6.89
C ASN D 259 -20.80 -19.35 -7.56
N SER D 260 -21.10 -18.34 -8.39
CA SER D 260 -20.06 -17.60 -9.09
C SER D 260 -20.61 -16.29 -9.64
N ARG D 261 -20.63 -15.25 -8.80
CA ARG D 261 -21.15 -13.96 -9.24
C ARG D 261 -20.23 -13.26 -10.22
N SER D 262 -18.97 -13.70 -10.33
CA SER D 262 -18.05 -13.05 -11.26
C SER D 262 -18.52 -13.21 -12.70
N GLN D 263 -19.04 -14.39 -13.05
CA GLN D 263 -19.49 -14.62 -14.42
C GLN D 263 -20.66 -13.70 -14.77
N ILE D 264 -21.66 -13.63 -13.89
CA ILE D 264 -22.81 -12.78 -14.17
C ILE D 264 -22.41 -11.32 -14.18
N LYS D 265 -21.47 -10.92 -13.31
CA LYS D 265 -21.00 -9.55 -13.30
C LYS D 265 -20.32 -9.20 -14.62
N ALA D 266 -19.43 -10.07 -15.10
CA ALA D 266 -18.77 -9.82 -16.37
C ALA D 266 -19.77 -9.79 -17.52
N ALA D 267 -20.77 -10.68 -17.49
CA ALA D 267 -21.78 -10.69 -18.54
C ALA D 267 -22.57 -9.38 -18.56
N LEU D 268 -23.00 -8.92 -17.39
CA LEU D 268 -23.74 -7.67 -17.33
C LEU D 268 -22.88 -6.49 -17.75
N ASP D 269 -21.61 -6.49 -17.36
CA ASP D 269 -20.71 -5.41 -17.78
C ASP D 269 -20.55 -5.38 -19.30
N ASN D 270 -20.34 -6.56 -19.90
CA ASN D 270 -20.21 -6.63 -21.36
C ASN D 270 -21.50 -6.18 -22.04
N ALA D 271 -22.65 -6.60 -21.53
CA ALA D 271 -23.92 -6.18 -22.12
C ALA D 271 -24.09 -4.68 -22.03
N GLY D 272 -23.77 -4.09 -20.88
CA GLY D 272 -23.87 -2.64 -20.75
C GLY D 272 -22.93 -1.91 -21.68
N LYS D 273 -21.69 -2.39 -21.79
CA LYS D 273 -20.73 -1.76 -22.70
C LYS D 273 -21.21 -1.84 -24.14
N ILE D 274 -21.76 -2.98 -24.54
CA ILE D 274 -22.25 -3.13 -25.90
C ILE D 274 -23.43 -2.19 -26.15
N MET D 275 -24.37 -2.12 -25.19
CA MET D 275 -25.51 -1.25 -25.36
C MET D 275 -25.11 0.22 -25.39
N SER D 276 -24.04 0.58 -24.67
CA SER D 276 -23.59 1.97 -24.68
C SER D 276 -22.80 2.32 -25.93
N LEU D 277 -22.05 1.36 -26.49
CA LEU D 277 -21.27 1.62 -27.68
C LEU D 277 -22.09 1.47 -28.97
N THR D 278 -23.22 0.78 -28.92
CA THR D 278 -24.07 0.59 -30.08
C THR D 278 -25.36 1.39 -30.03
N LYS D 279 -26.09 1.33 -28.92
CA LYS D 279 -27.35 2.04 -28.78
C LYS D 279 -27.10 3.51 -28.45
N THR D 280 -28.17 4.30 -28.53
CA THR D 280 -28.09 5.72 -28.24
C THR D 280 -29.33 6.21 -27.51
N ALA D 281 -29.86 7.37 -27.91
CA ALA D 281 -31.05 7.93 -27.28
C ALA D 281 -32.28 7.67 -28.13
N PRO D 282 -32.27 8.05 -29.41
CA PRO D 282 -33.46 7.81 -30.25
C PRO D 282 -33.88 6.36 -30.31
N ASP D 283 -32.98 5.42 -30.01
CA ASP D 283 -33.36 4.01 -30.02
C ASP D 283 -34.44 3.71 -28.99
N TYR D 284 -34.49 4.48 -27.90
CA TYR D 284 -35.48 4.29 -26.86
C TYR D 284 -36.50 5.41 -26.75
N LEU D 285 -36.18 6.59 -27.29
CA LEU D 285 -37.12 7.71 -27.20
C LEU D 285 -38.32 7.51 -28.14
N VAL D 286 -38.11 6.85 -29.28
CA VAL D 286 -39.20 6.63 -30.22
C VAL D 286 -40.21 5.66 -29.62
N GLY D 287 -41.49 5.98 -29.76
CA GLY D 287 -42.56 5.16 -29.23
C GLY D 287 -42.94 4.03 -30.17
N GLN D 288 -44.15 3.52 -29.97
CA GLN D 288 -44.66 2.43 -30.80
C GLN D 288 -46.15 2.55 -31.10
N GLN D 289 -46.80 3.64 -30.69
CA GLN D 289 -48.22 3.83 -30.94
C GLN D 289 -48.50 5.32 -30.94
N PRO D 290 -49.69 5.74 -31.38
CA PRO D 290 -50.00 7.16 -31.43
C PRO D 290 -49.89 7.81 -30.06
N VAL D 291 -49.64 9.12 -30.06
CA VAL D 291 -49.49 9.86 -28.82
C VAL D 291 -50.82 10.02 -28.10
N GLU D 292 -51.94 9.92 -28.82
CA GLU D 292 -53.26 10.06 -28.21
C GLU D 292 -53.44 11.46 -27.63
N ASP D 293 -52.90 11.70 -26.44
CA ASP D 293 -53.03 13.01 -25.81
C ASP D 293 -52.18 14.04 -26.54
N ILE D 294 -52.66 15.28 -26.53
CA ILE D 294 -51.96 16.38 -27.19
C ILE D 294 -51.72 17.49 -26.17
N SER D 295 -52.66 17.66 -25.23
CA SER D 295 -52.52 18.70 -24.23
C SER D 295 -53.22 18.37 -22.92
N SER D 296 -53.67 17.13 -22.72
CA SER D 296 -54.36 16.76 -21.48
C SER D 296 -53.43 16.12 -20.45
N ASN D 297 -52.30 15.58 -20.88
CA ASN D 297 -51.37 14.96 -19.95
C ASN D 297 -50.79 15.99 -18.99
N ARG D 298 -50.19 15.50 -17.91
CA ARG D 298 -49.59 16.40 -16.92
C ARG D 298 -48.46 17.21 -17.54
N ILE D 299 -47.59 16.56 -18.32
CA ILE D 299 -46.50 17.27 -18.97
C ILE D 299 -47.04 18.28 -19.97
N TYR D 300 -48.06 17.89 -20.73
CA TYR D 300 -48.66 18.81 -21.70
C TYR D 300 -49.28 20.01 -20.99
N LYS D 301 -50.00 19.77 -19.89
CA LYS D 301 -50.60 20.88 -19.14
C LYS D 301 -49.53 21.80 -18.58
N ILE D 302 -48.44 21.22 -18.07
CA ILE D 302 -47.36 22.05 -17.53
C ILE D 302 -46.73 22.90 -18.62
N LEU D 303 -46.49 22.30 -19.79
CA LEU D 303 -45.90 23.05 -20.90
C LEU D 303 -46.84 24.15 -21.38
N GLU D 304 -48.15 23.89 -21.36
CA GLU D 304 -49.11 24.89 -21.80
C GLU D 304 -49.20 26.04 -20.79
N LEU D 305 -49.14 25.73 -19.50
CA LEU D 305 -49.23 26.76 -18.48
C LEU D 305 -47.93 27.57 -18.37
N ASN D 306 -46.79 26.96 -18.70
CA ASN D 306 -45.52 27.65 -18.64
C ASN D 306 -45.32 28.65 -19.76
N GLY D 307 -46.22 28.69 -20.74
CA GLY D 307 -46.08 29.62 -21.85
C GLY D 307 -44.98 29.28 -22.81
N TYR D 308 -44.70 27.99 -23.02
CA TYR D 308 -43.66 27.54 -23.93
C TYR D 308 -44.28 26.98 -25.20
N ASP D 309 -43.60 27.19 -26.32
CA ASP D 309 -44.10 26.68 -27.60
C ASP D 309 -44.06 25.16 -27.60
N PRO D 310 -45.19 24.48 -27.79
CA PRO D 310 -45.19 23.02 -27.79
C PRO D 310 -44.41 22.43 -28.96
N GLN D 311 -44.77 22.85 -30.18
CA GLN D 311 -44.08 22.34 -31.36
C GLN D 311 -42.61 22.75 -31.37
N TYR D 312 -42.31 24.00 -31.02
CA TYR D 312 -40.93 24.45 -30.99
C TYR D 312 -40.13 23.69 -29.94
N ALA D 313 -40.69 23.50 -28.75
CA ALA D 313 -40.00 22.75 -27.71
C ALA D 313 -39.75 21.31 -28.13
N ALA D 314 -40.75 20.68 -28.75
CA ALA D 314 -40.59 19.30 -29.22
C ALA D 314 -39.49 19.22 -30.29
N SER D 315 -39.47 20.17 -31.22
CA SER D 315 -38.45 20.16 -32.26
C SER D 315 -37.06 20.37 -31.65
N VAL D 316 -36.95 21.27 -30.67
CA VAL D 316 -35.66 21.50 -30.03
C VAL D 316 -35.20 20.24 -29.30
N PHE D 317 -36.11 19.57 -28.59
CA PHE D 317 -35.76 18.34 -27.89
C PHE D 317 -35.33 17.26 -28.87
N LEU D 318 -36.04 17.13 -29.99
CA LEU D 318 -35.67 16.13 -30.98
C LEU D 318 -34.29 16.42 -31.59
N GLY D 319 -34.01 17.70 -31.86
CA GLY D 319 -32.71 18.06 -32.40
C GLY D 319 -31.59 17.89 -31.42
N TRP D 320 -31.86 18.08 -30.12
CA TRP D 320 -30.83 17.92 -29.11
C TRP D 320 -30.57 16.46 -28.77
N ALA D 321 -31.61 15.62 -28.82
CA ALA D 321 -31.47 14.22 -28.48
C ALA D 321 -31.09 13.37 -29.69
N THR D 322 -31.73 13.58 -30.84
CA THR D 322 -31.44 12.80 -32.03
C THR D 322 -30.10 13.16 -32.67
N LYS D 323 -29.38 14.15 -32.14
CA LYS D 323 -28.09 14.60 -32.65
C LYS D 323 -28.20 15.27 -34.01
N LYS D 324 -29.42 15.56 -34.48
CA LYS D 324 -29.57 16.21 -35.78
C LYS D 324 -28.96 17.61 -35.78
N PHE D 325 -28.97 18.28 -34.63
CA PHE D 325 -28.39 19.62 -34.55
C PHE D 325 -26.88 19.59 -34.67
N GLY D 326 -26.23 18.57 -34.11
CA GLY D 326 -24.79 18.46 -34.17
C GLY D 326 -24.06 19.53 -33.38
N LYS D 327 -24.08 20.76 -33.90
CA LYS D 327 -23.43 21.89 -33.23
C LYS D 327 -24.28 22.50 -32.13
N ARG D 328 -25.57 22.18 -32.07
CA ARG D 328 -26.47 22.70 -31.04
C ARG D 328 -27.03 21.51 -30.25
N ASN D 329 -26.22 20.98 -29.35
CA ASN D 329 -26.58 19.83 -28.52
C ASN D 329 -26.36 20.12 -27.04
N THR D 330 -26.76 21.32 -26.61
CA THR D 330 -26.59 21.74 -25.22
C THR D 330 -27.76 22.62 -24.82
N ILE D 331 -28.33 22.35 -23.64
CA ILE D 331 -29.44 23.11 -23.11
C ILE D 331 -29.11 23.54 -21.70
N TRP D 332 -29.42 24.80 -21.36
CA TRP D 332 -29.16 25.35 -20.04
C TRP D 332 -30.48 25.89 -19.47
N LEU D 333 -31.05 25.16 -18.52
CA LEU D 333 -32.31 25.54 -17.89
C LEU D 333 -32.00 26.33 -16.61
N PHE D 334 -32.36 27.61 -16.60
CA PHE D 334 -32.13 28.48 -15.46
C PHE D 334 -33.46 28.91 -14.86
N GLY D 335 -33.52 28.97 -13.53
CA GLY D 335 -34.71 29.36 -12.83
C GLY D 335 -34.90 28.61 -11.54
N PRO D 336 -36.00 28.89 -10.83
CA PRO D 336 -36.27 28.20 -9.57
C PRO D 336 -36.42 26.70 -9.76
N ALA D 337 -36.47 25.99 -8.64
CA ALA D 337 -36.61 24.54 -8.67
C ALA D 337 -38.06 24.09 -8.75
N THR D 338 -39.00 24.89 -8.28
CA THR D 338 -40.42 24.55 -8.32
C THR D 338 -41.04 24.72 -9.71
N THR D 339 -40.25 25.14 -10.70
CA THR D 339 -40.80 25.31 -12.04
C THR D 339 -41.22 23.98 -12.64
N GLY D 340 -40.60 22.88 -12.22
CA GLY D 340 -40.92 21.56 -12.72
C GLY D 340 -39.86 20.94 -13.61
N LYS D 341 -38.75 21.64 -13.85
CA LYS D 341 -37.71 21.07 -14.69
C LYS D 341 -36.93 19.98 -13.96
N THR D 342 -36.72 20.15 -12.65
CA THR D 342 -35.97 19.16 -11.89
C THR D 342 -36.68 17.82 -11.88
N ASN D 343 -37.99 17.82 -11.63
CA ASN D 343 -38.75 16.58 -11.60
C ASN D 343 -38.76 15.91 -12.97
N ILE D 344 -38.93 16.69 -14.03
CA ILE D 344 -38.94 16.12 -15.38
C ILE D 344 -37.58 15.51 -15.71
N ALA D 345 -36.50 16.20 -15.35
CA ALA D 345 -35.16 15.67 -15.60
C ALA D 345 -34.93 14.38 -14.82
N GLU D 346 -35.34 14.36 -13.55
CA GLU D 346 -35.18 13.15 -12.75
C GLU D 346 -35.96 11.99 -13.34
N ALA D 347 -37.20 12.24 -13.78
CA ALA D 347 -38.00 11.18 -14.38
C ALA D 347 -37.38 10.68 -15.68
N ILE D 348 -36.86 11.59 -16.50
CA ILE D 348 -36.23 11.18 -17.75
C ILE D 348 -34.98 10.36 -17.46
N ALA D 349 -34.22 10.73 -16.43
CA ALA D 349 -33.01 9.99 -16.10
C ALA D 349 -33.34 8.61 -15.54
N HIS D 350 -34.40 8.51 -14.73
CA HIS D 350 -34.78 7.23 -14.16
C HIS D 350 -35.48 6.32 -15.16
N THR D 351 -36.06 6.89 -16.22
CA THR D 351 -36.74 6.07 -17.22
C THR D 351 -35.75 5.32 -18.10
N VAL D 352 -34.83 6.04 -18.73
CA VAL D 352 -33.84 5.43 -19.62
C VAL D 352 -32.94 4.52 -18.78
N PRO D 353 -32.41 3.45 -19.38
CA PRO D 353 -31.53 2.55 -18.61
C PRO D 353 -30.20 3.19 -18.27
N PHE D 354 -29.27 3.22 -19.23
CA PHE D 354 -27.97 3.83 -19.00
C PHE D 354 -28.08 5.34 -19.02
N TYR D 355 -27.52 5.99 -18.01
CA TYR D 355 -27.56 7.45 -17.91
C TYR D 355 -26.45 7.90 -16.98
N GLY D 356 -25.87 9.05 -17.31
CA GLY D 356 -24.79 9.64 -16.53
C GLY D 356 -25.28 10.76 -15.63
N CYS D 357 -24.66 10.88 -14.47
CA CYS D 357 -25.00 11.90 -13.48
C CYS D 357 -23.75 12.75 -13.23
N VAL D 358 -23.32 13.48 -14.25
CA VAL D 358 -22.14 14.33 -14.15
C VAL D 358 -22.40 15.44 -13.14
N ASN D 359 -22.01 15.19 -11.88
CA ASN D 359 -22.18 16.17 -10.82
C ASN D 359 -20.87 16.92 -10.59
N TRP D 360 -20.91 17.88 -9.68
CA TRP D 360 -19.76 18.71 -9.33
C TRP D 360 -19.60 18.78 -7.82
N THR D 361 -19.39 17.62 -7.21
CA THR D 361 -19.22 17.53 -5.76
C THR D 361 -17.75 17.56 -5.34
N ASN D 362 -16.85 17.06 -6.19
CA ASN D 362 -15.42 17.03 -5.90
C ASN D 362 -14.67 17.84 -6.96
N GLU D 363 -13.52 18.37 -6.57
CA GLU D 363 -12.68 19.16 -7.45
C GLU D 363 -11.68 18.31 -8.23
N ASN D 364 -11.77 16.98 -8.13
CA ASN D 364 -10.87 16.08 -8.83
C ASN D 364 -11.54 15.29 -9.95
N PHE D 365 -12.76 14.79 -9.72
CA PHE D 365 -13.51 14.03 -10.72
C PHE D 365 -14.65 14.89 -11.25
N PRO D 366 -14.42 15.73 -12.25
CA PRO D 366 -15.52 16.56 -12.78
C PRO D 366 -16.68 15.74 -13.32
N PHE D 367 -16.42 14.59 -13.93
CA PHE D 367 -17.44 13.74 -14.48
C PHE D 367 -17.55 12.45 -13.67
N ASN D 368 -18.65 11.73 -13.91
CA ASN D 368 -18.89 10.47 -13.21
C ASN D 368 -19.08 9.32 -14.19
N ASP D 369 -20.30 8.80 -14.29
CA ASP D 369 -20.61 7.70 -15.20
C ASP D 369 -21.26 8.20 -16.48
N CYS D 370 -20.60 9.16 -17.15
CA CYS D 370 -21.10 9.72 -18.39
C CYS D 370 -20.48 9.10 -19.63
N VAL D 371 -19.44 8.29 -19.47
CA VAL D 371 -18.79 7.65 -20.61
C VAL D 371 -19.77 6.66 -21.22
N ASP D 372 -20.26 6.95 -22.43
CA ASP D 372 -21.20 6.09 -23.11
C ASP D 372 -22.49 5.95 -22.31
N LYS D 373 -23.44 6.85 -22.54
CA LYS D 373 -24.72 6.83 -21.84
C LYS D 373 -25.79 7.37 -22.78
N MET D 374 -27.03 7.39 -22.29
CA MET D 374 -28.16 7.88 -23.07
C MET D 374 -28.45 9.35 -22.78
N VAL D 375 -28.47 9.73 -21.50
CA VAL D 375 -28.72 11.11 -21.09
C VAL D 375 -27.75 11.46 -19.97
N ILE D 376 -27.17 12.65 -20.05
CA ILE D 376 -26.23 13.15 -19.04
C ILE D 376 -26.96 14.23 -18.26
N TRP D 377 -27.42 13.90 -17.07
CA TRP D 377 -28.18 14.83 -16.24
C TRP D 377 -27.23 15.60 -15.31
N TRP D 378 -27.36 16.92 -15.32
CA TRP D 378 -26.56 17.80 -14.46
C TRP D 378 -27.46 18.28 -13.33
N GLU D 379 -27.47 17.53 -12.23
CA GLU D 379 -28.31 17.87 -11.08
C GLU D 379 -27.90 19.21 -10.48
N GLU D 380 -26.80 19.23 -9.75
CA GLU D 380 -26.29 20.43 -9.10
C GLU D 380 -24.87 20.71 -9.56
N GLY D 381 -24.30 21.80 -9.02
CA GLY D 381 -22.95 22.18 -9.37
C GLY D 381 -22.89 23.03 -10.62
N LYS D 382 -21.66 23.39 -11.00
CA LYS D 382 -21.41 24.20 -12.17
C LYS D 382 -20.16 23.69 -12.87
N MET D 383 -19.93 24.19 -14.09
CA MET D 383 -18.78 23.76 -14.86
C MET D 383 -17.49 24.13 -14.16
N THR D 384 -16.46 23.30 -14.36
CA THR D 384 -15.16 23.51 -13.76
C THR D 384 -14.19 24.11 -14.80
N ALA D 385 -12.94 24.30 -14.37
CA ALA D 385 -11.93 24.90 -15.23
C ALA D 385 -10.75 23.97 -15.53
N LYS D 386 -10.47 22.99 -14.67
CA LYS D 386 -9.34 22.10 -14.91
C LYS D 386 -9.51 21.31 -16.20
N VAL D 387 -10.76 21.03 -16.60
CA VAL D 387 -11.03 20.28 -17.82
C VAL D 387 -12.23 20.89 -18.53
N VAL D 388 -12.05 22.10 -19.07
CA VAL D 388 -13.16 22.76 -19.77
C VAL D 388 -13.34 22.15 -21.16
N GLU D 389 -12.26 21.67 -21.77
CA GLU D 389 -12.38 21.07 -23.10
C GLU D 389 -13.26 19.83 -23.07
N SER D 390 -13.12 18.99 -22.03
CA SER D 390 -13.95 17.80 -21.93
C SER D 390 -15.42 18.17 -21.78
N ALA D 391 -15.73 19.16 -20.95
CA ALA D 391 -17.12 19.57 -20.79
C ALA D 391 -17.68 20.15 -22.09
N LYS D 392 -16.88 20.95 -22.79
CA LYS D 392 -17.33 21.52 -24.05
C LYS D 392 -17.60 20.42 -25.08
N ALA D 393 -16.72 19.42 -25.14
CA ALA D 393 -16.93 18.31 -26.09
C ALA D 393 -18.14 17.48 -25.72
N ILE D 394 -18.39 17.29 -24.42
CA ILE D 394 -19.55 16.52 -23.99
C ILE D 394 -20.84 17.28 -24.27
N LEU D 395 -20.81 18.61 -24.14
CA LEU D 395 -22.01 19.40 -24.39
C LEU D 395 -22.24 19.59 -25.89
N GLY D 396 -21.39 20.38 -26.54
CA GLY D 396 -21.57 20.62 -27.97
C GLY D 396 -21.42 19.36 -28.80
N GLY D 397 -20.38 18.58 -28.52
CA GLY D 397 -20.13 17.36 -29.27
C GLY D 397 -18.76 17.30 -29.89
N SER D 398 -17.79 17.96 -29.27
CA SER D 398 -16.42 17.98 -29.78
C SER D 398 -15.69 16.69 -29.42
N LYS D 399 -14.37 16.74 -29.38
CA LYS D 399 -13.55 15.58 -29.06
C LYS D 399 -12.36 16.02 -28.21
N VAL D 400 -11.93 15.12 -27.33
CA VAL D 400 -10.79 15.40 -26.45
C VAL D 400 -10.48 14.16 -25.62
N ARG D 401 -9.19 13.87 -25.43
CA ARG D 401 -8.75 12.72 -24.66
C ARG D 401 -8.67 13.12 -23.19
N VAL D 402 -9.72 12.80 -22.44
CA VAL D 402 -9.77 13.14 -21.02
C VAL D 402 -8.92 12.15 -20.23
N ASP D 403 -8.32 12.65 -19.14
CA ASP D 403 -7.47 11.84 -18.27
C ASP D 403 -8.15 11.73 -16.91
N GLN D 404 -8.62 10.53 -16.58
CA GLN D 404 -9.30 10.30 -15.31
C GLN D 404 -8.30 10.31 -14.16
N LYS D 405 -8.21 9.21 -13.43
CA LYS D 405 -7.29 9.10 -12.29
C LYS D 405 -5.89 8.82 -12.81
N CYS D 406 -4.99 8.42 -11.92
CA CYS D 406 -3.61 8.13 -12.27
C CYS D 406 -3.41 6.68 -12.72
N LYS D 407 -4.48 5.99 -13.11
CA LYS D 407 -4.41 4.61 -13.56
C LYS D 407 -4.75 4.44 -15.03
N SER D 408 -5.84 5.05 -15.49
CA SER D 408 -6.24 4.96 -16.89
C SER D 408 -7.14 6.16 -17.20
N SER D 409 -7.72 6.16 -18.39
CA SER D 409 -8.60 7.25 -18.82
C SER D 409 -9.36 6.81 -20.05
N ALA D 410 -10.27 7.67 -20.50
CA ALA D 410 -11.08 7.39 -21.67
C ALA D 410 -11.89 8.63 -22.01
N GLN D 411 -12.39 8.67 -23.25
CA GLN D 411 -13.18 9.79 -23.71
C GLN D 411 -14.67 9.54 -23.44
N ILE D 412 -15.51 10.44 -23.92
CA ILE D 412 -16.96 10.37 -23.75
C ILE D 412 -17.62 10.39 -25.11
N ASP D 413 -18.72 9.63 -25.25
CA ASP D 413 -19.46 9.56 -26.49
C ASP D 413 -20.49 10.67 -26.56
N PRO D 414 -20.74 11.21 -27.77
CA PRO D 414 -21.73 12.29 -27.90
C PRO D 414 -23.09 11.88 -27.34
N THR D 415 -23.33 12.21 -26.08
CA THR D 415 -24.57 11.88 -25.39
C THR D 415 -25.34 13.15 -25.08
N PRO D 416 -26.65 13.20 -25.31
CA PRO D 416 -27.42 14.40 -24.99
C PRO D 416 -27.30 14.76 -23.52
N VAL D 417 -26.96 16.01 -23.25
CA VAL D 417 -26.77 16.52 -21.90
C VAL D 417 -27.90 17.48 -21.56
N ILE D 418 -28.46 17.34 -20.36
CA ILE D 418 -29.53 18.21 -19.88
C ILE D 418 -29.13 18.73 -18.50
N VAL D 419 -29.15 20.05 -18.36
CA VAL D 419 -28.76 20.71 -17.11
C VAL D 419 -30.02 20.99 -16.29
N THR D 420 -29.86 20.97 -14.96
CA THR D 420 -30.98 21.21 -14.05
C THR D 420 -30.63 22.09 -12.87
N SER D 421 -29.35 22.27 -12.53
CA SER D 421 -29.00 23.11 -11.38
C SER D 421 -29.48 24.54 -11.60
N ASN D 422 -30.18 25.07 -10.60
CA ASN D 422 -30.70 26.44 -10.69
C ASN D 422 -29.61 27.48 -10.61
N THR D 423 -28.45 27.13 -10.03
CA THR D 423 -27.36 28.09 -9.92
C THR D 423 -26.82 28.45 -11.29
N ASN D 424 -26.04 29.54 -11.34
CA ASN D 424 -25.46 30.00 -12.58
C ASN D 424 -24.46 28.99 -13.13
N MET D 425 -24.87 28.22 -14.15
CA MET D 425 -23.98 27.22 -14.72
C MET D 425 -22.80 27.85 -15.45
N CYS D 426 -22.93 29.09 -15.92
CA CYS D 426 -21.83 29.74 -16.62
C CYS D 426 -20.67 30.07 -15.70
N ALA D 427 -20.90 30.17 -14.39
CA ALA D 427 -19.85 30.47 -13.43
C ALA D 427 -18.86 29.31 -13.39
N VAL D 428 -17.74 29.46 -14.07
CA VAL D 428 -16.72 28.42 -14.11
C VAL D 428 -15.85 28.53 -12.87
N ILE D 429 -15.53 27.38 -12.27
CA ILE D 429 -14.70 27.32 -11.07
C ILE D 429 -13.26 27.18 -11.55
N ASP D 430 -12.50 28.27 -11.51
CA ASP D 430 -11.10 28.28 -11.92
C ASP D 430 -10.23 28.27 -10.66
N GLY D 431 -9.59 27.14 -10.41
CA GLY D 431 -8.75 27.00 -9.24
C GLY D 431 -9.50 27.16 -7.94
N ASN D 432 -9.89 28.39 -7.62
CA ASN D 432 -10.64 28.67 -6.41
C ASN D 432 -11.42 29.98 -6.54
N SER D 433 -11.73 30.37 -7.76
CA SER D 433 -12.46 31.61 -8.02
C SER D 433 -13.50 31.36 -9.10
N THR D 434 -14.32 32.37 -9.35
CA THR D 434 -15.38 32.31 -10.35
C THR D 434 -14.94 33.12 -11.57
N THR D 435 -14.91 32.46 -12.73
CA THR D 435 -14.53 33.09 -13.99
C THR D 435 -15.56 32.78 -15.05
N PHE D 436 -15.79 33.74 -15.94
CA PHE D 436 -16.76 33.60 -17.02
C PHE D 436 -16.10 33.69 -18.40
N GLU D 437 -14.83 33.29 -18.50
CA GLU D 437 -14.14 33.36 -19.79
C GLU D 437 -14.60 32.26 -20.73
N HIS D 438 -14.91 31.08 -20.18
CA HIS D 438 -15.36 29.96 -21.00
C HIS D 438 -16.88 30.00 -21.18
N GLN D 439 -17.39 31.13 -21.65
CA GLN D 439 -18.83 31.31 -21.85
C GLN D 439 -19.21 31.41 -23.32
N GLN D 440 -18.29 31.85 -24.19
CA GLN D 440 -18.62 31.95 -25.61
C GLN D 440 -18.92 30.59 -26.24
N PRO D 441 -18.18 29.51 -25.96
CA PRO D 441 -18.56 28.21 -26.53
C PRO D 441 -19.96 27.77 -26.11
N LEU D 442 -20.33 27.97 -24.85
CA LEU D 442 -21.66 27.61 -24.40
C LEU D 442 -22.72 28.49 -25.07
N GLN D 443 -22.47 29.79 -25.15
CA GLN D 443 -23.43 30.68 -25.81
C GLN D 443 -23.60 30.34 -27.28
N ASP D 444 -22.56 29.81 -27.92
CA ASP D 444 -22.63 29.48 -29.34
C ASP D 444 -23.23 28.10 -29.60
N ARG D 445 -23.02 27.14 -28.69
CA ARG D 445 -23.49 25.77 -28.88
C ARG D 445 -24.33 25.35 -27.67
N MET D 446 -25.39 26.12 -27.40
CA MET D 446 -26.29 25.81 -26.30
C MET D 446 -27.43 26.82 -26.22
N PHE D 447 -28.64 26.35 -25.98
CA PHE D 447 -29.81 27.20 -25.85
C PHE D 447 -30.12 27.40 -24.37
N LYS D 448 -30.30 28.66 -23.97
CA LYS D 448 -30.60 29.01 -22.59
C LYS D 448 -32.09 29.27 -22.46
N PHE D 449 -32.73 28.57 -21.52
CA PHE D 449 -34.16 28.71 -21.28
C PHE D 449 -34.37 29.07 -19.81
N GLU D 450 -35.02 30.21 -19.57
CA GLU D 450 -35.29 30.66 -18.21
C GLU D 450 -36.55 29.97 -17.70
N LEU D 451 -36.39 29.03 -16.78
CA LEU D 451 -37.50 28.28 -16.21
C LEU D 451 -37.84 28.91 -14.86
N THR D 452 -38.66 29.95 -14.90
CA THR D 452 -39.06 30.67 -13.70
C THR D 452 -40.50 30.39 -13.27
N ARG D 453 -41.41 30.17 -14.21
CA ARG D 453 -42.79 29.90 -13.87
C ARG D 453 -42.93 28.61 -13.08
N ARG D 454 -43.12 28.74 -11.77
CA ARG D 454 -43.25 27.57 -10.91
C ARG D 454 -44.52 26.79 -11.25
N LEU D 455 -44.64 25.61 -10.65
CA LEU D 455 -45.79 24.76 -10.88
C LEU D 455 -46.76 24.81 -9.70
N ASP D 456 -47.28 23.66 -9.28
CA ASP D 456 -48.21 23.60 -8.16
C ASP D 456 -47.53 23.04 -6.92
N HIS D 457 -47.94 21.85 -6.49
CA HIS D 457 -47.38 21.19 -5.30
C HIS D 457 -47.14 19.73 -5.66
N ASP D 458 -45.93 19.43 -6.11
CA ASP D 458 -45.56 18.07 -6.49
C ASP D 458 -46.45 17.57 -7.62
N PHE D 459 -46.09 17.90 -8.86
CA PHE D 459 -46.83 17.48 -10.05
C PHE D 459 -45.96 16.52 -10.85
N GLY D 460 -46.01 15.25 -10.46
CA GLY D 460 -45.23 14.22 -11.13
C GLY D 460 -46.07 13.28 -11.95
N LYS D 461 -46.00 11.98 -11.64
CA LYS D 461 -46.75 10.94 -12.35
C LYS D 461 -46.33 10.89 -13.82
N VAL D 462 -45.09 10.46 -14.02
CA VAL D 462 -44.49 10.33 -15.34
C VAL D 462 -44.14 8.87 -15.57
N THR D 463 -44.51 8.35 -16.73
CA THR D 463 -44.25 6.96 -17.11
C THR D 463 -43.46 6.93 -18.41
N LYS D 464 -43.26 5.72 -18.93
CA LYS D 464 -42.52 5.58 -20.19
C LYS D 464 -43.44 5.73 -21.40
N GLN D 465 -44.69 5.29 -21.28
CA GLN D 465 -45.62 5.41 -22.40
C GLN D 465 -45.86 6.88 -22.76
N GLU D 466 -46.00 7.73 -21.75
CA GLU D 466 -46.23 9.15 -22.01
C GLU D 466 -45.02 9.77 -22.70
N VAL D 467 -43.82 9.45 -22.25
CA VAL D 467 -42.61 9.99 -22.87
C VAL D 467 -42.50 9.49 -24.31
N LYS D 468 -42.83 8.22 -24.55
CA LYS D 468 -42.77 7.69 -25.91
C LYS D 468 -43.78 8.39 -26.81
N ASP D 469 -45.00 8.62 -26.31
CA ASP D 469 -46.00 9.32 -27.11
C ASP D 469 -45.57 10.75 -27.40
N PHE D 470 -44.99 11.42 -26.41
CA PHE D 470 -44.51 12.78 -26.64
C PHE D 470 -43.40 12.82 -27.68
N PHE D 471 -42.46 11.87 -27.60
CA PHE D 471 -41.38 11.82 -28.58
C PHE D 471 -41.92 11.53 -29.98
N ARG D 472 -42.91 10.64 -30.08
CA ARG D 472 -43.50 10.33 -31.37
C ARG D 472 -44.21 11.55 -31.95
N TRP D 473 -44.96 12.27 -31.12
CA TRP D 473 -45.62 13.49 -31.59
C TRP D 473 -44.60 14.53 -32.03
N ALA D 474 -43.52 14.67 -31.28
CA ALA D 474 -42.47 15.62 -31.67
C ALA D 474 -41.86 15.24 -33.01
N LYS D 475 -41.51 13.96 -33.18
CA LYS D 475 -40.96 13.51 -34.46
C LYS D 475 -41.94 13.75 -35.60
N ASP D 476 -43.23 13.54 -35.35
CA ASP D 476 -44.22 13.78 -36.39
C ASP D 476 -44.35 15.27 -36.72
N HIS D 477 -44.17 16.13 -35.73
CA HIS D 477 -44.25 17.58 -35.92
C HIS D 477 -42.84 18.15 -35.78
N VAL D 478 -42.12 18.20 -36.90
CA VAL D 478 -40.77 18.72 -36.95
C VAL D 478 -40.65 19.66 -38.14
N VAL D 479 -40.05 20.83 -37.92
CA VAL D 479 -39.87 21.81 -38.98
C VAL D 479 -38.43 22.32 -38.96
N GLU D 480 -38.25 23.62 -39.16
CA GLU D 480 -36.93 24.25 -39.14
C GLU D 480 -36.73 24.91 -37.79
N VAL D 481 -35.88 24.31 -36.96
CA VAL D 481 -35.62 24.85 -35.63
C VAL D 481 -34.70 26.07 -35.75
N GLU D 482 -35.00 27.10 -34.99
CA GLU D 482 -34.20 28.32 -34.98
C GLU D 482 -33.12 28.22 -33.91
N HIS D 483 -31.87 28.46 -34.32
CA HIS D 483 -30.74 28.38 -33.42
C HIS D 483 -30.40 29.77 -32.88
N GLU D 484 -30.30 29.88 -31.57
CA GLU D 484 -29.98 31.14 -30.92
C GLU D 484 -29.80 30.90 -29.43
N PHE D 485 -28.86 31.65 -28.84
CA PHE D 485 -28.57 31.52 -27.41
C PHE D 485 -29.78 31.91 -26.57
N TYR D 486 -30.05 33.21 -26.49
CA TYR D 486 -31.18 33.69 -25.70
C TYR D 486 -32.50 33.29 -26.36
N VAL D 487 -33.40 32.73 -25.56
CA VAL D 487 -34.70 32.31 -26.09
C VAL D 487 -35.47 33.53 -26.57
N LYS D 488 -36.08 33.41 -27.74
CA LYS D 488 -36.86 34.48 -28.34
C LYS D 488 -38.35 34.28 -28.06
N LYS D 489 -39.17 35.14 -28.65
CA LYS D 489 -40.62 35.09 -28.50
C LYS D 489 -41.29 34.22 -29.54
N GLY D 490 -40.54 33.29 -30.15
CA GLY D 490 -41.11 32.42 -31.16
C GLY D 490 -41.87 31.24 -30.57
N GLY D 491 -42.98 31.52 -29.89
CA GLY D 491 -43.78 30.48 -29.28
C GLY D 491 -45.27 30.75 -29.36
N LYS E 220 -21.07 -28.59 -5.72
CA LYS E 220 -20.68 -28.55 -4.31
C LYS E 220 -20.77 -27.13 -3.76
N THR E 221 -21.28 -26.21 -4.58
CA THR E 221 -21.40 -24.81 -4.17
C THR E 221 -22.79 -24.28 -4.49
N SER E 222 -23.39 -24.77 -5.58
CA SER E 222 -24.71 -24.29 -5.98
C SER E 222 -25.76 -24.61 -4.92
N ALA E 223 -25.80 -25.87 -4.48
CA ALA E 223 -26.78 -26.26 -3.46
C ALA E 223 -26.52 -25.54 -2.14
N ARG E 224 -25.26 -25.38 -1.77
CA ARG E 224 -24.93 -24.67 -0.54
C ARG E 224 -25.41 -23.23 -0.59
N TYR E 225 -25.15 -22.54 -1.72
CA TYR E 225 -25.60 -21.16 -1.86
C TYR E 225 -27.12 -21.07 -1.86
N MET E 226 -27.78 -22.02 -2.51
CA MET E 226 -29.25 -22.02 -2.52
C MET E 226 -29.80 -22.19 -1.12
N GLU E 227 -29.24 -23.13 -0.35
CA GLU E 227 -29.71 -23.34 1.01
C GLU E 227 -29.44 -22.11 1.88
N LEU E 228 -28.27 -21.47 1.70
CA LEU E 228 -27.97 -20.28 2.46
C LEU E 228 -28.95 -19.15 2.14
N VAL E 229 -29.25 -18.95 0.86
CA VAL E 229 -30.20 -17.91 0.47
C VAL E 229 -31.58 -18.21 1.03
N GLY E 230 -32.00 -19.47 0.98
CA GLY E 230 -33.29 -19.84 1.54
C GLY E 230 -33.36 -19.58 3.04
N TRP E 231 -32.31 -19.95 3.76
CA TRP E 231 -32.28 -19.72 5.21
C TRP E 231 -32.30 -18.22 5.51
N LEU E 232 -31.55 -17.43 4.75
CA LEU E 232 -31.52 -15.99 4.97
C LEU E 232 -32.89 -15.37 4.68
N VAL E 233 -33.59 -15.87 3.66
CA VAL E 233 -34.90 -15.32 3.34
C VAL E 233 -35.93 -15.76 4.39
N ASP E 234 -35.79 -16.97 4.94
CA ASP E 234 -36.74 -17.43 5.94
C ASP E 234 -36.51 -16.75 7.29
N LYS E 235 -35.26 -16.42 7.62
CA LYS E 235 -34.96 -15.77 8.88
C LYS E 235 -34.89 -14.25 8.78
N GLY E 236 -34.48 -13.73 7.63
CA GLY E 236 -34.39 -12.29 7.45
C GLY E 236 -33.32 -11.66 8.31
N ILE E 237 -32.06 -11.83 7.94
CA ILE E 237 -30.93 -11.29 8.68
C ILE E 237 -30.58 -9.92 8.13
N THR E 238 -30.19 -9.00 9.02
CA THR E 238 -29.83 -7.65 8.62
C THR E 238 -28.44 -7.23 9.08
N SER E 239 -27.81 -7.96 10.01
CA SER E 239 -26.49 -7.60 10.49
C SER E 239 -25.66 -8.85 10.77
N GLU E 240 -24.80 -8.79 11.79
CA GLU E 240 -23.95 -9.91 12.17
C GLU E 240 -24.31 -10.49 13.54
N LYS E 241 -24.47 -9.63 14.55
CA LYS E 241 -24.82 -10.12 15.88
C LYS E 241 -26.17 -10.83 15.87
N GLN E 242 -27.09 -10.40 15.02
CA GLN E 242 -28.38 -11.05 14.94
C GLN E 242 -28.23 -12.52 14.55
N TRP E 243 -27.55 -12.78 13.43
CA TRP E 243 -27.30 -14.16 13.02
C TRP E 243 -26.42 -14.89 14.03
N ILE E 244 -25.55 -14.17 14.74
CA ILE E 244 -24.69 -14.81 15.73
C ILE E 244 -25.54 -15.40 16.85
N GLN E 245 -26.42 -14.58 17.44
CA GLN E 245 -27.28 -15.08 18.51
C GLN E 245 -28.38 -15.99 17.98
N GLU E 246 -28.68 -15.94 16.69
CA GLU E 246 -29.71 -16.79 16.11
C GLU E 246 -29.21 -18.23 15.99
N ASP E 247 -28.85 -18.63 14.77
CA ASP E 247 -28.36 -19.97 14.49
C ASP E 247 -26.96 -19.86 13.91
N GLN E 248 -25.95 -20.24 14.70
CA GLN E 248 -24.56 -20.18 14.27
C GLN E 248 -24.10 -21.46 13.58
N ALA E 249 -24.96 -22.46 13.47
CA ALA E 249 -24.57 -23.71 12.81
C ALA E 249 -24.39 -23.50 11.31
N SER E 250 -25.32 -22.77 10.68
CA SER E 250 -25.21 -22.53 9.24
C SER E 250 -23.96 -21.73 8.90
N TYR E 251 -23.64 -20.73 9.71
CA TYR E 251 -22.44 -19.93 9.46
C TYR E 251 -21.18 -20.78 9.59
N ILE E 252 -21.13 -21.62 10.63
CA ILE E 252 -19.95 -22.48 10.81
C ILE E 252 -19.83 -23.46 9.65
N SER E 253 -20.95 -24.03 9.21
CA SER E 253 -20.91 -24.95 8.09
C SER E 253 -20.44 -24.26 6.81
N PHE E 254 -20.92 -23.04 6.56
CA PHE E 254 -20.48 -22.31 5.38
C PHE E 254 -19.00 -21.98 5.45
N ASN E 255 -18.52 -21.59 6.64
CA ASN E 255 -17.10 -21.28 6.79
C ASN E 255 -16.24 -22.53 6.60
N ALA E 256 -16.72 -23.67 7.06
CA ALA E 256 -15.95 -24.90 6.90
C ALA E 256 -15.95 -25.37 5.45
N ALA E 257 -17.07 -25.18 4.75
CA ALA E 257 -17.14 -25.59 3.34
C ALA E 257 -16.30 -24.68 2.46
N SER E 258 -16.27 -23.38 2.77
CA SER E 258 -15.49 -22.42 1.99
C SER E 258 -15.45 -21.07 2.68
N ASN E 259 -14.25 -20.50 2.81
CA ASN E 259 -14.08 -19.21 3.45
C ASN E 259 -14.45 -18.03 2.56
N SER E 260 -14.82 -18.29 1.31
CA SER E 260 -15.20 -17.23 0.37
C SER E 260 -16.50 -16.60 0.85
N ARG E 261 -16.39 -15.52 1.61
CA ARG E 261 -17.56 -14.82 2.13
C ARG E 261 -18.25 -13.93 1.09
N SER E 262 -17.71 -13.87 -0.14
CA SER E 262 -18.31 -13.01 -1.16
C SER E 262 -19.72 -13.47 -1.51
N GLN E 263 -19.93 -14.79 -1.61
CA GLN E 263 -21.25 -15.31 -1.96
C GLN E 263 -22.28 -14.96 -0.90
N ILE E 264 -21.94 -15.20 0.38
CA ILE E 264 -22.88 -14.91 1.45
C ILE E 264 -23.11 -13.41 1.56
N LYS E 265 -22.08 -12.61 1.32
CA LYS E 265 -22.25 -11.16 1.37
C LYS E 265 -23.20 -10.68 0.28
N ALA E 266 -23.03 -11.20 -0.95
CA ALA E 266 -23.92 -10.83 -2.03
C ALA E 266 -25.36 -11.29 -1.75
N ALA E 267 -25.51 -12.49 -1.19
CA ALA E 267 -26.84 -12.98 -0.86
C ALA E 267 -27.51 -12.09 0.18
N LEU E 268 -26.78 -11.71 1.22
CA LEU E 268 -27.33 -10.83 2.25
C LEU E 268 -27.69 -9.47 1.67
N ASP E 269 -26.84 -8.94 0.79
CA ASP E 269 -27.13 -7.65 0.17
C ASP E 269 -28.39 -7.73 -0.68
N ASN E 270 -28.53 -8.80 -1.46
CA ASN E 270 -29.73 -8.96 -2.28
C ASN E 270 -30.97 -9.10 -1.42
N ALA E 271 -30.88 -9.87 -0.34
CA ALA E 271 -32.02 -10.02 0.57
C ALA E 271 -32.41 -8.68 1.18
N GLY E 272 -31.43 -7.91 1.64
CA GLY E 272 -31.73 -6.60 2.20
C GLY E 272 -32.35 -5.67 1.18
N LYS E 273 -31.83 -5.68 -0.05
CA LYS E 273 -32.41 -4.83 -1.09
C LYS E 273 -33.85 -5.23 -1.40
N ILE E 274 -34.12 -6.54 -1.47
CA ILE E 274 -35.47 -7.00 -1.75
C ILE E 274 -36.41 -6.63 -0.59
N MET E 275 -35.92 -6.70 0.64
CA MET E 275 -36.75 -6.36 1.78
C MET E 275 -37.01 -4.86 1.86
N SER E 276 -36.05 -4.03 1.46
CA SER E 276 -36.22 -2.59 1.53
C SER E 276 -37.10 -2.09 0.39
N LEU E 277 -36.76 -2.44 -0.85
CA LEU E 277 -37.53 -1.98 -2.00
C LEU E 277 -38.96 -2.52 -1.99
N THR E 278 -39.20 -3.64 -1.30
CA THR E 278 -40.54 -4.22 -1.24
C THR E 278 -41.21 -3.92 0.09
N LYS E 279 -40.68 -4.51 1.17
CA LYS E 279 -41.24 -4.32 2.50
C LYS E 279 -40.82 -2.94 3.01
N THR E 280 -41.70 -1.96 2.82
CA THR E 280 -41.41 -0.59 3.26
C THR E 280 -41.62 -0.46 4.76
N ALA E 281 -41.74 0.78 5.25
CA ALA E 281 -41.94 1.00 6.68
C ALA E 281 -43.27 0.45 7.15
N PRO E 282 -44.40 0.85 6.57
CA PRO E 282 -45.69 0.30 7.04
C PRO E 282 -45.77 -1.21 6.97
N ASP E 283 -45.04 -1.84 6.04
CA ASP E 283 -45.05 -3.30 5.96
C ASP E 283 -44.58 -3.94 7.26
N TYR E 284 -43.72 -3.25 8.00
CA TYR E 284 -43.22 -3.74 9.29
C TYR E 284 -43.94 -3.10 10.47
N LEU E 285 -44.99 -2.33 10.22
CA LEU E 285 -45.74 -1.66 11.27
C LEU E 285 -47.05 -2.37 11.60
N VAL E 286 -47.82 -2.74 10.59
CA VAL E 286 -49.09 -3.43 10.79
C VAL E 286 -48.83 -4.79 11.43
N GLY E 287 -49.14 -4.92 12.71
CA GLY E 287 -48.92 -6.18 13.40
C GLY E 287 -49.88 -7.25 12.92
N GLN E 288 -49.37 -8.44 12.64
CA GLN E 288 -50.22 -9.53 12.17
C GLN E 288 -51.18 -10.00 13.26
N GLN E 289 -50.78 -9.90 14.52
CA GLN E 289 -51.61 -10.31 15.63
C GLN E 289 -52.60 -9.21 15.99
N PRO E 290 -53.64 -9.53 16.76
CA PRO E 290 -54.62 -8.51 17.14
C PRO E 290 -54.01 -7.45 18.05
N VAL E 291 -54.59 -6.25 17.99
CA VAL E 291 -54.11 -5.15 18.81
C VAL E 291 -54.37 -5.37 20.28
N GLU E 292 -55.36 -6.21 20.62
CA GLU E 292 -55.69 -6.49 22.01
C GLU E 292 -56.14 -5.22 22.72
N ASP E 293 -55.18 -4.45 23.24
CA ASP E 293 -55.49 -3.22 23.95
C ASP E 293 -54.30 -2.27 23.86
N ILE E 294 -54.58 -0.98 23.91
CA ILE E 294 -53.52 0.03 23.84
C ILE E 294 -52.90 0.34 25.20
N SER E 295 -53.57 -0.02 26.28
CA SER E 295 -53.04 0.24 27.62
C SER E 295 -51.95 -0.75 28.03
N SER E 296 -51.70 -1.79 27.25
CA SER E 296 -50.69 -2.80 27.56
C SER E 296 -49.33 -2.45 26.98
N ASN E 297 -49.06 -1.16 26.78
CA ASN E 297 -47.78 -0.71 26.24
C ASN E 297 -47.23 0.43 27.09
N ARG E 298 -45.90 0.47 27.20
CA ARG E 298 -45.27 1.53 27.98
C ARG E 298 -45.50 2.90 27.38
N ILE E 299 -45.62 2.98 26.05
CA ILE E 299 -45.83 4.27 25.40
C ILE E 299 -47.12 4.91 25.89
N TYR E 300 -48.13 4.10 26.23
CA TYR E 300 -49.40 4.65 26.71
C TYR E 300 -49.18 5.49 27.96
N LYS E 301 -48.66 4.88 29.01
CA LYS E 301 -48.43 5.63 30.25
C LYS E 301 -47.37 6.69 30.08
N ILE E 302 -46.40 6.48 29.19
CA ILE E 302 -45.39 7.50 28.92
C ILE E 302 -46.06 8.78 28.41
N LEU E 303 -46.90 8.65 27.40
CA LEU E 303 -47.61 9.81 26.86
C LEU E 303 -48.59 10.38 27.87
N GLU E 304 -49.23 9.51 28.67
CA GLU E 304 -50.16 9.99 29.69
C GLU E 304 -49.44 10.88 30.70
N LEU E 305 -48.24 10.48 31.12
CA LEU E 305 -47.47 11.30 32.05
C LEU E 305 -46.93 12.55 31.38
N ASN E 306 -46.54 12.44 30.11
CA ASN E 306 -46.04 13.60 29.39
C ASN E 306 -47.17 14.53 28.96
N GLY E 307 -48.30 13.97 28.53
CA GLY E 307 -49.43 14.77 28.12
C GLY E 307 -49.50 14.98 26.62
N TYR E 308 -49.97 13.96 25.89
CA TYR E 308 -50.08 14.04 24.45
C TYR E 308 -51.29 13.24 24.00
N ASP E 309 -51.90 13.68 22.92
CA ASP E 309 -53.06 12.99 22.37
C ASP E 309 -52.64 11.66 21.76
N PRO E 310 -53.22 10.54 22.19
CA PRO E 310 -52.81 9.25 21.62
C PRO E 310 -53.29 9.05 20.19
N GLN E 311 -54.59 9.26 19.96
CA GLN E 311 -55.14 9.07 18.63
C GLN E 311 -54.54 10.06 17.64
N TYR E 312 -54.45 11.33 18.03
CA TYR E 312 -53.88 12.33 17.14
C TYR E 312 -52.41 12.05 16.84
N ALA E 313 -51.64 11.67 17.87
CA ALA E 313 -50.24 11.35 17.66
C ALA E 313 -50.09 10.15 16.73
N ALA E 314 -50.90 9.11 16.92
CA ALA E 314 -50.82 7.95 16.05
C ALA E 314 -51.19 8.30 14.61
N SER E 315 -52.22 9.14 14.42
CA SER E 315 -52.60 9.55 13.08
C SER E 315 -51.49 10.36 12.43
N VAL E 316 -50.85 11.26 13.18
CA VAL E 316 -49.76 12.06 12.63
C VAL E 316 -48.59 11.16 12.26
N PHE E 317 -48.27 10.19 13.11
CA PHE E 317 -47.16 9.28 12.80
C PHE E 317 -47.47 8.46 11.54
N LEU E 318 -48.72 7.98 11.41
CA LEU E 318 -49.09 7.22 10.23
C LEU E 318 -49.00 8.08 8.98
N GLY E 319 -49.49 9.31 9.04
CA GLY E 319 -49.41 10.20 7.89
C GLY E 319 -47.99 10.55 7.52
N TRP E 320 -47.11 10.67 8.51
CA TRP E 320 -45.71 10.99 8.23
C TRP E 320 -44.95 9.78 7.68
N ALA E 321 -45.31 8.56 8.12
CA ALA E 321 -44.63 7.38 7.63
C ALA E 321 -45.15 6.95 6.26
N THR E 322 -46.41 7.27 5.94
CA THR E 322 -46.96 6.89 4.64
C THR E 322 -46.44 7.76 3.50
N LYS E 323 -45.89 8.94 3.82
CA LYS E 323 -45.33 9.87 2.85
C LYS E 323 -46.41 10.49 1.95
N LYS E 324 -47.68 10.33 2.29
CA LYS E 324 -48.76 10.88 1.49
C LYS E 324 -49.06 12.34 1.82
N PHE E 325 -48.53 12.86 2.94
CA PHE E 325 -48.79 14.25 3.30
C PHE E 325 -48.21 15.21 2.28
N GLY E 326 -47.12 14.82 1.62
CA GLY E 326 -46.49 15.67 0.63
C GLY E 326 -45.14 16.19 1.06
N LYS E 327 -45.06 17.49 1.37
CA LYS E 327 -43.82 18.11 1.81
C LYS E 327 -43.55 17.94 3.29
N ARG E 328 -44.43 17.27 4.02
CA ARG E 328 -44.28 17.05 5.46
C ARG E 328 -43.82 15.61 5.68
N ASN E 329 -42.58 15.46 6.14
CA ASN E 329 -42.02 14.13 6.40
C ASN E 329 -40.82 14.23 7.33
N THR E 330 -41.03 14.70 8.55
CA THR E 330 -39.96 14.83 9.53
C THR E 330 -40.57 15.31 10.85
N ILE E 331 -40.15 14.68 11.94
CA ILE E 331 -40.63 15.01 13.28
C ILE E 331 -39.43 15.35 14.15
N TRP E 332 -39.57 16.38 14.98
CA TRP E 332 -38.53 16.83 15.88
C TRP E 332 -39.10 16.94 17.29
N LEU E 333 -38.27 16.62 18.28
CA LEU E 333 -38.66 16.67 19.69
C LEU E 333 -37.75 17.63 20.42
N PHE E 334 -38.34 18.48 21.27
CA PHE E 334 -37.61 19.47 22.06
C PHE E 334 -37.84 19.19 23.53
N GLY E 335 -36.78 18.85 24.25
CA GLY E 335 -36.86 18.55 25.66
C GLY E 335 -35.75 17.64 26.13
N PRO E 336 -35.73 17.33 27.42
CA PRO E 336 -34.68 16.47 27.95
C PRO E 336 -34.81 15.04 27.43
N ALA E 337 -33.72 14.29 27.55
CA ALA E 337 -33.70 12.90 27.10
C ALA E 337 -34.30 11.95 28.11
N THR E 338 -34.40 12.34 29.38
CA THR E 338 -34.97 11.48 30.41
C THR E 338 -36.50 11.44 30.37
N THR E 339 -37.13 12.23 29.52
CA THR E 339 -38.59 12.27 29.43
C THR E 339 -39.10 11.27 28.38
N GLY E 340 -38.69 10.01 28.51
CA GLY E 340 -39.10 8.99 27.58
C GLY E 340 -38.76 9.30 26.13
N LYS E 341 -37.54 9.78 25.89
CA LYS E 341 -37.10 10.14 24.54
C LYS E 341 -36.06 9.16 24.01
N THR E 342 -34.96 8.96 24.75
CA THR E 342 -33.92 8.06 24.28
C THR E 342 -34.42 6.62 24.17
N ASN E 343 -35.21 6.19 25.15
CA ASN E 343 -35.73 4.82 25.13
C ASN E 343 -36.67 4.62 23.95
N ILE E 344 -37.57 5.57 23.72
CA ILE E 344 -38.51 5.45 22.60
C ILE E 344 -37.75 5.48 21.27
N ALA E 345 -36.72 6.33 21.18
CA ALA E 345 -35.94 6.39 19.94
C ALA E 345 -35.22 5.07 19.69
N GLU E 346 -34.61 4.49 20.74
CA GLU E 346 -33.93 3.22 20.58
C GLU E 346 -34.91 2.11 20.19
N ALA E 347 -36.11 2.12 20.78
CA ALA E 347 -37.11 1.12 20.43
C ALA E 347 -37.54 1.27 18.98
N ILE E 348 -37.76 2.50 18.53
CA ILE E 348 -38.17 2.72 17.14
C ILE E 348 -37.05 2.30 16.18
N ALA E 349 -35.80 2.55 16.56
CA ALA E 349 -34.69 2.18 15.69
C ALA E 349 -34.53 0.67 15.63
N HIS E 350 -34.75 -0.03 16.75
CA HIS E 350 -34.62 -1.48 16.77
C HIS E 350 -35.81 -2.17 16.12
N THR E 351 -36.97 -1.51 16.09
CA THR E 351 -38.15 -2.12 15.48
C THR E 351 -37.94 -2.35 13.99
N VAL E 352 -37.66 -1.29 13.25
CA VAL E 352 -37.44 -1.41 11.80
C VAL E 352 -36.17 -2.19 11.56
N PRO E 353 -36.19 -3.23 10.71
CA PRO E 353 -34.96 -4.00 10.47
C PRO E 353 -33.91 -3.22 9.69
N PHE E 354 -34.32 -2.29 8.83
CA PHE E 354 -33.40 -1.49 8.02
C PHE E 354 -33.58 -0.03 8.41
N TYR E 355 -32.66 0.49 9.23
CA TYR E 355 -32.70 1.86 9.68
C TYR E 355 -31.32 2.50 9.50
N GLY E 356 -31.31 3.80 9.22
CA GLY E 356 -30.08 4.51 9.03
C GLY E 356 -29.70 5.39 10.20
N CYS E 357 -28.63 5.02 10.90
CA CYS E 357 -28.16 5.78 12.06
C CYS E 357 -27.14 6.79 11.57
N VAL E 358 -27.60 7.99 11.26
CA VAL E 358 -26.75 9.06 10.77
C VAL E 358 -26.17 9.82 11.96
N ASN E 359 -24.85 10.02 11.95
CA ASN E 359 -24.17 10.73 13.02
C ASN E 359 -23.12 11.66 12.42
N TRP E 360 -22.88 12.78 13.10
CA TRP E 360 -21.91 13.77 12.65
C TRP E 360 -20.49 13.44 13.06
N THR E 361 -20.15 12.15 13.14
CA THR E 361 -18.79 11.77 13.52
C THR E 361 -17.76 12.18 12.48
N ASN E 362 -18.19 12.40 11.23
CA ASN E 362 -17.30 12.82 10.15
C ASN E 362 -17.87 14.07 9.52
N GLU E 363 -17.25 15.23 9.82
CA GLU E 363 -17.74 16.49 9.28
C GLU E 363 -17.60 16.58 7.76
N ASN E 364 -16.71 15.78 7.17
CA ASN E 364 -16.54 15.83 5.72
C ASN E 364 -17.79 15.35 5.00
N PHE E 365 -18.43 14.31 5.50
CA PHE E 365 -19.67 13.79 4.92
C PHE E 365 -20.66 13.50 6.05
N PRO E 366 -21.54 14.45 6.37
CA PRO E 366 -22.52 14.20 7.44
C PRO E 366 -23.46 13.05 7.11
N PHE E 367 -24.32 13.25 6.11
CA PHE E 367 -25.26 12.20 5.71
C PHE E 367 -24.52 11.02 5.11
N ASN E 368 -24.76 9.83 5.66
CA ASN E 368 -24.11 8.62 5.16
C ASN E 368 -25.09 7.46 5.11
N ASP E 369 -25.13 6.65 6.17
CA ASP E 369 -26.04 5.51 6.22
C ASP E 369 -27.49 5.97 6.26
N CYS E 370 -28.09 6.14 5.08
CA CYS E 370 -29.48 6.56 4.99
C CYS E 370 -29.98 6.47 3.56
N VAL E 371 -29.55 5.44 2.83
CA VAL E 371 -29.95 5.22 1.45
C VAL E 371 -30.74 3.92 1.39
N ASP E 372 -31.99 4.01 0.94
CA ASP E 372 -32.87 2.85 0.83
C ASP E 372 -33.09 2.20 2.19
N LYS E 373 -33.47 3.03 3.17
CA LYS E 373 -33.74 2.57 4.52
C LYS E 373 -35.21 2.80 4.86
N MET E 374 -35.55 2.68 6.14
CA MET E 374 -36.90 2.87 6.63
C MET E 374 -37.05 4.06 7.55
N VAL E 375 -36.16 4.20 8.53
CA VAL E 375 -36.19 5.32 9.47
C VAL E 375 -34.78 5.87 9.61
N ILE E 376 -34.63 7.18 9.49
CA ILE E 376 -33.35 7.86 9.62
C ILE E 376 -33.29 8.45 11.02
N TRP E 377 -32.43 7.89 11.86
CA TRP E 377 -32.30 8.31 13.25
C TRP E 377 -31.30 9.46 13.35
N TRP E 378 -31.70 10.52 14.05
CA TRP E 378 -30.85 11.68 14.29
C TRP E 378 -30.78 11.89 15.79
N GLU E 379 -29.81 11.24 16.44
CA GLU E 379 -29.65 11.32 17.88
C GLU E 379 -28.54 12.26 18.33
N GLU E 380 -27.65 12.65 17.42
CA GLU E 380 -26.52 13.52 17.73
C GLU E 380 -26.56 14.76 16.84
N GLY E 381 -26.30 15.91 17.43
CA GLY E 381 -26.28 17.15 16.68
C GLY E 381 -27.60 17.46 15.99
N LYS E 382 -27.53 18.45 15.10
CA LYS E 382 -28.70 18.88 14.34
C LYS E 382 -28.43 18.84 12.85
N MET E 383 -29.37 19.34 12.05
CA MET E 383 -29.20 19.34 10.60
C MET E 383 -28.05 20.26 10.22
N THR E 384 -27.08 19.71 9.48
CA THR E 384 -25.93 20.49 9.05
C THR E 384 -26.30 21.41 7.90
N ALA E 385 -25.48 22.44 7.69
CA ALA E 385 -25.71 23.40 6.62
C ALA E 385 -25.07 23.01 5.31
N LYS E 386 -24.05 22.15 5.34
CA LYS E 386 -23.38 21.73 4.11
C LYS E 386 -24.25 20.82 3.26
N VAL E 387 -25.32 20.27 3.80
CA VAL E 387 -26.21 19.38 3.05
C VAL E 387 -27.65 19.82 3.26
N VAL E 388 -27.91 21.12 3.14
CA VAL E 388 -29.27 21.62 3.34
C VAL E 388 -30.18 21.15 2.23
N GLU E 389 -29.65 20.97 1.01
CA GLU E 389 -30.48 20.51 -0.10
C GLU E 389 -31.03 19.11 0.16
N SER E 390 -30.17 18.20 0.63
CA SER E 390 -30.64 16.84 0.92
C SER E 390 -31.68 16.84 2.03
N ALA E 391 -31.46 17.66 3.07
CA ALA E 391 -32.43 17.72 4.16
C ALA E 391 -33.77 18.26 3.67
N LYS E 392 -33.75 19.31 2.85
CA LYS E 392 -34.99 19.87 2.33
C LYS E 392 -35.70 18.87 1.42
N ALA E 393 -34.94 18.10 0.65
CA ALA E 393 -35.55 17.11 -0.24
C ALA E 393 -36.15 15.95 0.55
N ILE E 394 -35.50 15.56 1.65
CA ILE E 394 -36.03 14.47 2.46
C ILE E 394 -37.21 14.93 3.30
N LEU E 395 -37.28 16.23 3.61
CA LEU E 395 -38.39 16.72 4.41
C LEU E 395 -39.73 16.52 3.71
N GLY E 396 -39.75 16.64 2.39
CA GLY E 396 -40.99 16.46 1.64
C GLY E 396 -41.01 15.16 0.84
N GLY E 397 -40.25 14.18 1.29
CA GLY E 397 -40.21 12.90 0.60
C GLY E 397 -39.54 12.92 -0.76
N SER E 398 -38.86 14.01 -1.11
CA SER E 398 -38.19 14.12 -2.40
C SER E 398 -36.87 13.35 -2.38
N LYS E 399 -36.01 13.61 -3.36
CA LYS E 399 -34.72 12.95 -3.46
C LYS E 399 -33.69 13.95 -3.97
N VAL E 400 -32.42 13.57 -3.87
CA VAL E 400 -31.32 14.40 -4.32
C VAL E 400 -30.02 13.60 -4.28
N ARG E 401 -29.10 13.90 -5.20
CA ARG E 401 -27.83 13.19 -5.27
C ARG E 401 -26.89 13.75 -4.21
N VAL E 402 -26.58 12.94 -3.20
CA VAL E 402 -25.67 13.34 -2.12
C VAL E 402 -24.45 12.44 -2.16
N ASP E 403 -23.34 12.96 -1.67
CA ASP E 403 -22.08 12.22 -1.63
C ASP E 403 -21.94 11.50 -0.30
N GLN E 404 -21.39 10.29 -0.36
CA GLN E 404 -21.18 9.48 0.85
C GLN E 404 -19.73 9.54 1.29
N LYS E 405 -18.96 8.50 0.96
CA LYS E 405 -17.55 8.44 1.32
C LYS E 405 -16.70 9.24 0.34
N CYS E 406 -15.56 8.68 -0.06
CA CYS E 406 -14.65 9.33 -0.99
C CYS E 406 -15.07 8.99 -2.40
N LYS E 407 -15.57 9.99 -3.14
CA LYS E 407 -16.00 9.79 -4.51
C LYS E 407 -17.12 8.76 -4.59
N SER E 408 -18.35 9.19 -4.31
CA SER E 408 -19.50 8.29 -4.36
C SER E 408 -20.79 9.07 -4.17
N SER E 409 -21.37 9.57 -5.27
CA SER E 409 -22.61 10.33 -5.25
C SER E 409 -23.75 9.39 -5.60
N ALA E 410 -24.74 9.29 -4.71
CA ALA E 410 -25.88 8.42 -4.91
C ALA E 410 -27.16 9.16 -4.51
N GLN E 411 -28.28 8.65 -4.99
CA GLN E 411 -29.58 9.24 -4.70
C GLN E 411 -30.22 8.56 -3.49
N ILE E 412 -30.94 9.36 -2.70
CA ILE E 412 -31.63 8.88 -1.51
C ILE E 412 -33.12 8.84 -1.79
N ASP E 413 -33.77 7.74 -1.41
CA ASP E 413 -35.19 7.57 -1.62
C ASP E 413 -35.97 8.14 -0.44
N PRO E 414 -37.28 8.33 -0.61
CA PRO E 414 -38.10 8.86 0.49
C PRO E 414 -38.04 7.95 1.71
N THR E 415 -37.52 8.49 2.81
CA THR E 415 -37.37 7.74 4.05
C THR E 415 -37.71 8.66 5.22
N PRO E 416 -38.67 8.29 6.07
CA PRO E 416 -39.00 9.14 7.21
C PRO E 416 -37.79 9.31 8.13
N VAL E 417 -37.72 10.48 8.77
CA VAL E 417 -36.62 10.84 9.65
C VAL E 417 -37.19 11.16 11.02
N ILE E 418 -36.51 10.68 12.07
CA ILE E 418 -36.89 10.92 13.45
C ILE E 418 -35.67 11.42 14.20
N VAL E 419 -35.83 12.52 14.94
CA VAL E 419 -34.75 13.15 15.68
C VAL E 419 -34.82 12.70 17.13
N THR E 420 -33.65 12.54 17.75
CA THR E 420 -33.58 12.12 19.15
C THR E 420 -32.68 13.07 19.95
N SER E 421 -31.82 13.79 19.26
CA SER E 421 -30.92 14.72 19.94
C SER E 421 -31.72 15.79 20.67
N ASN E 422 -31.21 16.20 21.82
CA ASN E 422 -31.86 17.22 22.65
C ASN E 422 -31.47 18.62 22.20
N THR E 423 -31.53 18.87 20.90
CA THR E 423 -31.19 20.17 20.35
C THR E 423 -32.36 20.76 19.57
N ASN E 424 -32.07 21.70 18.67
CA ASN E 424 -33.09 22.35 17.85
C ASN E 424 -32.83 22.00 16.38
N MET E 425 -33.84 21.42 15.73
CA MET E 425 -33.69 21.04 14.33
C MET E 425 -33.52 22.27 13.44
N CYS E 426 -34.17 23.38 13.79
CA CYS E 426 -34.06 24.60 12.98
C CYS E 426 -32.66 25.19 13.01
N ALA E 427 -31.91 24.98 14.10
CA ALA E 427 -30.56 25.51 14.21
C ALA E 427 -29.60 24.78 13.27
N VAL E 428 -29.58 25.19 12.01
CA VAL E 428 -28.71 24.56 11.02
C VAL E 428 -27.27 24.95 11.32
N ILE E 429 -26.43 23.95 11.57
CA ILE E 429 -25.03 24.18 11.89
C ILE E 429 -24.28 24.46 10.59
N ASP E 430 -23.69 25.66 10.49
CA ASP E 430 -22.93 26.08 9.33
C ASP E 430 -21.53 26.49 9.77
N GLY E 431 -20.52 25.86 9.20
CA GLY E 431 -19.14 26.17 9.54
C GLY E 431 -18.86 26.01 11.02
N ASN E 432 -19.21 27.04 11.81
CA ASN E 432 -18.98 26.98 13.25
C ASN E 432 -20.04 27.72 14.05
N SER E 433 -21.19 28.02 13.46
CA SER E 433 -22.26 28.73 14.15
C SER E 433 -23.60 28.18 13.65
N THR E 434 -24.68 28.89 13.98
CA THR E 434 -26.02 28.50 13.58
C THR E 434 -26.57 29.50 12.58
N THR E 435 -27.30 28.99 11.59
CA THR E 435 -27.90 29.82 10.54
C THR E 435 -29.41 29.73 10.62
N PHE E 436 -30.09 30.86 10.43
CA PHE E 436 -31.54 30.96 10.49
C PHE E 436 -32.00 31.73 9.24
N GLU E 437 -32.01 31.04 8.10
CA GLU E 437 -32.43 31.64 6.84
C GLU E 437 -33.63 30.96 6.20
N HIS E 438 -33.84 29.67 6.48
CA HIS E 438 -34.98 28.95 5.90
C HIS E 438 -35.81 28.30 7.00
N GLN E 439 -36.13 29.07 8.05
CA GLN E 439 -36.93 28.53 9.14
C GLN E 439 -38.34 28.18 8.69
N GLN E 440 -38.91 28.97 7.77
CA GLN E 440 -40.26 28.69 7.30
C GLN E 440 -40.37 27.32 6.63
N PRO E 441 -39.51 26.96 5.68
CA PRO E 441 -39.63 25.61 5.09
C PRO E 441 -39.36 24.50 6.08
N LEU E 442 -38.40 24.70 6.99
CA LEU E 442 -38.12 23.68 8.00
C LEU E 442 -39.33 23.46 8.91
N GLN E 443 -40.03 24.54 9.25
CA GLN E 443 -41.21 24.41 10.09
C GLN E 443 -42.39 23.82 9.31
N ASP E 444 -42.50 24.14 8.02
CA ASP E 444 -43.61 23.61 7.23
C ASP E 444 -43.43 22.15 6.87
N ARG E 445 -42.18 21.68 6.80
CA ARG E 445 -41.88 20.29 6.46
C ARG E 445 -41.51 19.45 7.68
N MET E 446 -41.69 19.96 8.88
CA MET E 446 -41.36 19.24 10.09
C MET E 446 -42.39 19.55 11.18
N PHE E 447 -42.70 18.55 11.99
CA PHE E 447 -43.63 18.69 13.11
C PHE E 447 -42.85 18.69 14.41
N LYS E 448 -42.97 19.77 15.17
CA LYS E 448 -42.25 19.94 16.42
C LYS E 448 -43.11 19.52 17.60
N PHE E 449 -42.51 18.80 18.54
CA PHE E 449 -43.19 18.35 19.76
C PHE E 449 -42.37 18.80 20.96
N GLU E 450 -42.94 19.69 21.76
CA GLU E 450 -42.24 20.22 22.92
C GLU E 450 -42.37 19.26 24.11
N LEU E 451 -41.31 19.20 24.90
CA LEU E 451 -41.25 18.36 26.10
C LEU E 451 -40.96 19.22 27.32
N THR E 452 -41.63 18.91 28.42
CA THR E 452 -41.45 19.66 29.66
C THR E 452 -41.41 18.74 30.86
N ARG E 453 -42.57 18.23 31.27
CA ARG E 453 -42.66 17.33 32.42
C ARG E 453 -41.85 16.07 32.18
N ARG E 454 -40.73 15.94 32.88
CA ARG E 454 -39.88 14.77 32.72
C ARG E 454 -40.61 13.50 33.19
N LEU E 455 -40.02 12.36 32.87
CA LEU E 455 -40.59 11.07 33.25
C LEU E 455 -40.05 10.67 34.63
N ASP E 456 -40.06 9.38 34.93
CA ASP E 456 -39.59 8.89 36.22
C ASP E 456 -38.38 7.98 36.04
N HIS E 457 -38.36 6.87 36.79
CA HIS E 457 -37.27 5.90 36.73
C HIS E 457 -37.79 4.61 36.12
N ASP E 458 -37.07 4.09 35.13
CA ASP E 458 -37.44 2.85 34.44
C ASP E 458 -38.81 2.98 33.77
N PHE E 459 -38.88 3.93 32.84
CA PHE E 459 -40.12 4.19 32.10
C PHE E 459 -39.92 3.95 30.61
N GLY E 460 -39.51 2.74 30.26
CA GLY E 460 -39.30 2.40 28.87
C GLY E 460 -39.38 0.91 28.58
N LYS E 461 -38.30 0.33 28.06
CA LYS E 461 -38.27 -1.10 27.75
C LYS E 461 -39.32 -1.46 26.71
N VAL E 462 -39.42 -0.63 25.66
CA VAL E 462 -40.40 -0.89 24.61
C VAL E 462 -39.99 -2.13 23.83
N THR E 463 -40.93 -3.05 23.66
CA THR E 463 -40.70 -4.29 22.93
C THR E 463 -41.26 -4.18 21.52
N LYS E 464 -41.29 -5.30 20.80
CA LYS E 464 -41.80 -5.33 19.44
C LYS E 464 -43.31 -5.55 19.40
N GLN E 465 -43.84 -6.39 20.28
CA GLN E 465 -45.28 -6.64 20.29
C GLN E 465 -46.06 -5.37 20.62
N GLU E 466 -45.56 -4.58 21.57
CA GLU E 466 -46.24 -3.34 21.93
C GLU E 466 -46.26 -2.36 20.76
N VAL E 467 -45.13 -2.22 20.07
CA VAL E 467 -45.07 -1.31 18.92
C VAL E 467 -45.99 -1.80 17.82
N LYS E 468 -46.03 -3.12 17.59
CA LYS E 468 -46.91 -3.66 16.56
C LYS E 468 -48.37 -3.40 16.90
N ASP E 469 -48.75 -3.61 18.16
CA ASP E 469 -50.13 -3.35 18.56
C ASP E 469 -50.48 -1.87 18.43
N PHE E 470 -49.54 -1.00 18.79
CA PHE E 470 -49.79 0.44 18.65
C PHE E 470 -49.97 0.82 17.19
N PHE E 471 -49.12 0.29 16.32
CA PHE E 471 -49.25 0.60 14.89
C PHE E 471 -50.56 0.06 14.33
N ARG E 472 -50.96 -1.13 14.76
CA ARG E 472 -52.24 -1.69 14.30
C ARG E 472 -53.41 -0.83 14.76
N TRP E 473 -53.38 -0.38 16.02
CA TRP E 473 -54.46 0.46 16.52
C TRP E 473 -54.48 1.80 15.79
N ALA E 474 -53.31 2.36 15.48
CA ALA E 474 -53.27 3.61 14.75
C ALA E 474 -53.81 3.45 13.33
N LYS E 475 -53.48 2.33 12.68
CA LYS E 475 -53.99 2.09 11.33
C LYS E 475 -55.49 1.82 11.33
N ASP E 476 -56.00 1.21 12.40
CA ASP E 476 -57.44 0.93 12.49
C ASP E 476 -58.25 2.21 12.48
N HIS E 477 -58.18 2.97 13.58
CA HIS E 477 -58.91 4.22 13.71
C HIS E 477 -58.03 5.37 13.23
N VAL E 478 -58.50 6.10 12.22
CA VAL E 478 -57.77 7.23 11.66
C VAL E 478 -58.68 8.46 11.71
N VAL E 479 -58.10 9.59 12.12
CA VAL E 479 -58.85 10.84 12.21
C VAL E 479 -58.33 11.81 11.14
N GLU E 480 -58.77 13.05 11.20
CA GLU E 480 -58.35 14.07 10.25
C GLU E 480 -57.08 14.75 10.73
N VAL E 481 -56.16 14.98 9.79
CA VAL E 481 -54.88 15.62 10.08
C VAL E 481 -54.70 16.79 9.13
N GLU E 482 -54.19 17.90 9.66
CA GLU E 482 -53.96 19.10 8.87
C GLU E 482 -52.62 18.99 8.13
N HIS E 483 -52.26 20.06 7.42
CA HIS E 483 -51.02 20.12 6.67
C HIS E 483 -50.37 21.49 6.86
N GLU E 484 -50.12 21.85 8.13
CA GLU E 484 -49.50 23.12 8.46
C GLU E 484 -48.52 22.92 9.61
N PHE E 485 -47.62 23.89 9.77
CA PHE E 485 -46.64 23.79 10.85
C PHE E 485 -47.30 23.91 12.21
N TYR E 486 -48.11 24.94 12.41
CA TYR E 486 -48.81 25.15 13.67
C TYR E 486 -49.87 24.07 13.84
N VAL E 487 -49.43 22.90 14.30
CA VAL E 487 -50.33 21.76 14.49
C VAL E 487 -51.27 22.08 15.65
N LYS E 488 -52.57 22.06 15.39
CA LYS E 488 -53.57 22.33 16.41
C LYS E 488 -53.95 21.01 17.08
N LYS E 489 -53.08 20.56 17.97
CA LYS E 489 -53.30 19.32 18.71
C LYS E 489 -54.51 19.43 19.62
N GLY E 490 -55.68 19.06 19.10
CA GLY E 490 -56.90 19.13 19.88
C GLY E 490 -57.87 18.01 19.56
N GLY E 491 -57.35 16.85 19.17
CA GLY E 491 -58.19 15.71 18.83
C GLY E 491 -58.94 15.15 20.03
N LYS F 220 -20.06 -32.95 5.84
CA LYS F 220 -18.62 -33.21 5.89
C LYS F 220 -17.95 -32.35 6.95
N THR F 221 -17.60 -31.12 6.59
CA THR F 221 -16.95 -30.20 7.52
C THR F 221 -17.94 -29.48 8.42
N SER F 222 -19.24 -29.56 8.15
CA SER F 222 -20.22 -28.89 8.99
C SER F 222 -20.21 -29.45 10.41
N ALA F 223 -20.17 -30.78 10.53
CA ALA F 223 -20.14 -31.39 11.86
C ALA F 223 -18.87 -31.03 12.61
N ARG F 224 -17.73 -31.02 11.91
CA ARG F 224 -16.47 -30.64 12.56
C ARG F 224 -16.51 -29.20 13.03
N TYR F 225 -17.04 -28.29 12.20
CA TYR F 225 -17.13 -26.90 12.60
C TYR F 225 -18.07 -26.73 13.79
N MET F 226 -19.19 -27.46 13.79
CA MET F 226 -20.12 -27.38 14.92
C MET F 226 -19.46 -27.88 16.20
N GLU F 227 -18.73 -29.00 16.12
CA GLU F 227 -18.05 -29.52 17.29
C GLU F 227 -16.99 -28.54 17.80
N LEU F 228 -16.24 -27.93 16.87
CA LEU F 228 -15.23 -26.96 17.28
C LEU F 228 -15.88 -25.74 17.96
N VAL F 229 -17.00 -25.27 17.42
CA VAL F 229 -17.68 -24.13 18.02
C VAL F 229 -18.19 -24.50 19.41
N GLY F 230 -18.78 -25.69 19.55
CA GLY F 230 -19.23 -26.12 20.86
C GLY F 230 -18.12 -26.22 21.86
N TRP F 231 -16.96 -26.76 21.44
CA TRP F 231 -15.82 -26.87 22.33
C TRP F 231 -15.32 -25.49 22.75
N LEU F 232 -15.20 -24.57 21.78
CA LEU F 232 -14.75 -23.22 22.11
C LEU F 232 -15.74 -22.51 23.04
N VAL F 233 -17.03 -22.83 22.92
CA VAL F 233 -18.02 -22.19 23.78
C VAL F 233 -17.96 -22.77 25.19
N ASP F 234 -17.82 -24.09 25.30
CA ASP F 234 -17.76 -24.71 26.62
C ASP F 234 -16.43 -24.46 27.33
N LYS F 235 -15.37 -24.15 26.59
CA LYS F 235 -14.07 -23.88 27.19
C LYS F 235 -13.86 -22.40 27.50
N GLY F 236 -14.63 -21.51 26.89
CA GLY F 236 -14.46 -20.09 27.14
C GLY F 236 -13.11 -19.55 26.71
N ILE F 237 -12.60 -20.00 25.57
CA ILE F 237 -11.30 -19.55 25.09
C ILE F 237 -11.39 -18.08 24.69
N THR F 238 -10.33 -17.32 25.00
CA THR F 238 -10.26 -15.92 24.67
C THR F 238 -9.12 -15.55 23.73
N SER F 239 -8.18 -16.46 23.50
CA SER F 239 -7.04 -16.22 22.61
C SER F 239 -6.33 -17.53 22.40
N GLU F 240 -5.15 -17.48 21.78
CA GLU F 240 -4.39 -18.70 21.54
C GLU F 240 -3.81 -19.27 22.82
N LYS F 241 -3.51 -18.42 23.79
CA LYS F 241 -2.96 -18.90 25.07
C LYS F 241 -3.96 -19.80 25.78
N GLN F 242 -5.21 -19.34 25.90
CA GLN F 242 -6.22 -20.15 26.57
C GLN F 242 -6.50 -21.44 25.81
N TRP F 243 -6.50 -21.37 24.47
CA TRP F 243 -6.74 -22.57 23.67
C TRP F 243 -5.62 -23.59 23.87
N ILE F 244 -4.38 -23.12 23.94
CA ILE F 244 -3.26 -24.04 24.16
C ILE F 244 -3.28 -24.58 25.58
N GLN F 245 -3.71 -23.79 26.55
CA GLN F 245 -3.78 -24.25 27.93
C GLN F 245 -4.85 -25.33 28.09
N GLU F 246 -6.06 -25.06 27.58
CA GLU F 246 -7.16 -26.01 27.69
C GLU F 246 -6.92 -27.23 26.80
N ASP F 247 -7.62 -27.29 25.67
CA ASP F 247 -7.49 -28.40 24.73
C ASP F 247 -6.54 -27.97 23.62
N GLN F 248 -5.32 -28.53 23.66
CA GLN F 248 -4.30 -28.21 22.67
C GLN F 248 -4.28 -29.18 21.50
N ALA F 249 -4.92 -30.35 21.65
CA ALA F 249 -4.93 -31.32 20.56
C ALA F 249 -5.74 -30.83 19.37
N SER F 250 -6.89 -30.21 19.63
CA SER F 250 -7.71 -29.71 18.54
C SER F 250 -6.99 -28.61 17.76
N TYR F 251 -6.34 -27.68 18.46
CA TYR F 251 -5.61 -26.62 17.79
C TYR F 251 -4.46 -27.18 16.95
N ILE F 252 -3.72 -28.14 17.49
CA ILE F 252 -2.63 -28.74 16.75
C ILE F 252 -3.14 -29.46 15.51
N SER F 253 -4.25 -30.18 15.65
CA SER F 253 -4.82 -30.88 14.50
C SER F 253 -5.28 -29.90 13.44
N PHE F 254 -5.91 -28.80 13.85
CA PHE F 254 -6.37 -27.81 12.88
C PHE F 254 -5.20 -27.13 12.18
N ASN F 255 -4.11 -26.87 12.92
CA ASN F 255 -2.94 -26.26 12.30
C ASN F 255 -2.23 -27.22 11.36
N ALA F 256 -2.24 -28.51 11.67
CA ALA F 256 -1.60 -29.50 10.80
C ALA F 256 -2.43 -29.75 9.54
N ALA F 257 -3.75 -29.85 9.68
CA ALA F 257 -4.58 -30.09 8.51
C ALA F 257 -4.58 -28.90 7.55
N SER F 258 -4.37 -27.69 8.06
CA SER F 258 -4.35 -26.50 7.21
C SER F 258 -3.88 -25.29 8.01
N ASN F 259 -2.93 -24.54 7.46
CA ASN F 259 -2.42 -23.36 8.15
C ASN F 259 -3.43 -22.21 8.15
N SER F 260 -4.47 -22.29 7.32
CA SER F 260 -5.47 -21.23 7.26
C SER F 260 -6.20 -21.11 8.60
N ARG F 261 -5.72 -20.21 9.45
CA ARG F 261 -6.33 -19.99 10.77
C ARG F 261 -7.59 -19.13 10.70
N SER F 262 -8.08 -18.81 9.50
CA SER F 262 -9.28 -17.99 9.39
C SER F 262 -10.48 -18.68 10.00
N GLN F 263 -10.61 -20.00 9.77
CA GLN F 263 -11.76 -20.73 10.29
C GLN F 263 -11.78 -20.71 11.81
N ILE F 264 -10.66 -21.08 12.44
CA ILE F 264 -10.61 -21.11 13.90
C ILE F 264 -10.74 -19.71 14.47
N LYS F 265 -10.18 -18.70 13.78
CA LYS F 265 -10.32 -17.32 14.25
C LYS F 265 -11.78 -16.90 14.26
N ALA F 266 -12.51 -17.18 13.16
CA ALA F 266 -13.93 -16.84 13.11
C ALA F 266 -14.72 -17.60 14.15
N ALA F 267 -14.38 -18.87 14.36
CA ALA F 267 -15.07 -19.68 15.37
C ALA F 267 -14.88 -19.08 16.76
N LEU F 268 -13.63 -18.72 17.09
CA LEU F 268 -13.37 -18.12 18.39
C LEU F 268 -14.07 -16.78 18.55
N ASP F 269 -14.09 -15.97 17.48
CA ASP F 269 -14.79 -14.69 17.54
C ASP F 269 -16.28 -14.88 17.78
N ASN F 270 -16.90 -15.84 17.07
CA ASN F 270 -18.32 -16.10 17.25
C ASN F 270 -18.60 -16.61 18.66
N ALA F 271 -17.74 -17.49 19.18
CA ALA F 271 -17.93 -18.00 20.53
C ALA F 271 -17.83 -16.87 21.55
N GLY F 272 -16.84 -15.99 21.39
CA GLY F 272 -16.72 -14.86 22.31
C GLY F 272 -17.90 -13.92 22.24
N LYS F 273 -18.39 -13.64 21.02
CA LYS F 273 -19.57 -12.78 20.88
C LYS F 273 -20.79 -13.42 21.54
N ILE F 274 -20.98 -14.72 21.35
CA ILE F 274 -22.12 -15.40 21.96
C ILE F 274 -22.01 -15.35 23.48
N MET F 275 -20.81 -15.59 24.01
CA MET F 275 -20.63 -15.57 25.45
C MET F 275 -20.84 -14.17 26.02
N SER F 276 -20.46 -13.13 25.27
CA SER F 276 -20.65 -11.77 25.76
C SER F 276 -22.10 -11.33 25.65
N LEU F 277 -22.84 -11.83 24.66
CA LEU F 277 -24.23 -11.45 24.48
C LEU F 277 -25.19 -12.28 25.33
N THR F 278 -24.78 -13.47 25.78
CA THR F 278 -25.63 -14.34 26.58
C THR F 278 -25.09 -14.54 27.99
N LYS F 279 -23.84 -14.99 28.12
CA LYS F 279 -23.27 -15.21 29.45
C LYS F 279 -23.19 -13.91 30.23
N THR F 280 -23.38 -14.02 31.55
CA THR F 280 -23.34 -12.84 32.41
C THR F 280 -22.45 -13.09 33.63
N ALA F 281 -23.01 -12.93 34.83
CA ALA F 281 -22.27 -13.11 36.06
C ALA F 281 -22.65 -14.42 36.74
N PRO F 282 -23.94 -14.67 36.99
CA PRO F 282 -24.32 -15.92 37.65
C PRO F 282 -23.81 -17.17 36.95
N ASP F 283 -23.46 -17.08 35.67
CA ASP F 283 -22.90 -18.23 34.97
C ASP F 283 -21.63 -18.73 35.65
N TYR F 284 -20.79 -17.81 36.14
CA TYR F 284 -19.56 -18.18 36.83
C TYR F 284 -19.22 -17.31 38.02
N LEU F 285 -19.84 -16.13 38.17
CA LEU F 285 -19.53 -15.27 39.30
C LEU F 285 -20.26 -15.72 40.56
N VAL F 286 -21.43 -16.34 40.43
CA VAL F 286 -22.23 -16.82 41.54
C VAL F 286 -22.12 -18.34 41.56
N GLY F 287 -21.51 -18.87 42.62
CA GLY F 287 -21.35 -20.32 42.72
C GLY F 287 -22.67 -21.01 43.00
N GLN F 288 -22.76 -22.28 42.58
CA GLN F 288 -23.98 -23.04 42.81
C GLN F 288 -24.18 -23.36 44.28
N GLN F 289 -23.10 -23.43 45.05
CA GLN F 289 -23.17 -23.73 46.47
C GLN F 289 -22.47 -22.64 47.27
N PRO F 290 -23.12 -22.05 48.27
CA PRO F 290 -22.48 -20.99 49.06
C PRO F 290 -21.37 -21.54 49.96
N VAL F 291 -20.76 -20.66 50.74
CA VAL F 291 -19.69 -21.07 51.64
C VAL F 291 -20.20 -21.53 53.00
N GLU F 292 -21.36 -21.04 53.45
CA GLU F 292 -21.95 -21.44 54.72
C GLU F 292 -21.08 -21.03 55.90
N ASP F 293 -20.42 -19.88 55.79
CA ASP F 293 -19.56 -19.35 56.85
C ASP F 293 -19.02 -18.01 56.38
N ILE F 294 -18.13 -17.42 57.18
CA ILE F 294 -17.53 -16.13 56.86
C ILE F 294 -16.03 -16.20 57.12
N SER F 295 -15.64 -16.99 58.11
CA SER F 295 -14.22 -17.14 58.46
C SER F 295 -13.60 -18.30 57.68
N SER F 296 -13.56 -18.12 56.36
CA SER F 296 -12.99 -19.13 55.48
C SER F 296 -12.35 -18.56 54.21
N ASN F 297 -12.55 -17.27 53.90
CA ASN F 297 -11.97 -16.66 52.72
C ASN F 297 -11.27 -15.36 53.12
N ARG F 298 -10.16 -15.05 52.45
CA ARG F 298 -9.42 -13.84 52.75
C ARG F 298 -10.15 -12.57 52.29
N ILE F 299 -11.22 -12.71 51.50
CA ILE F 299 -11.96 -11.54 51.06
C ILE F 299 -12.57 -10.81 52.25
N TYR F 300 -13.26 -11.55 53.12
CA TYR F 300 -13.86 -10.93 54.30
C TYR F 300 -12.79 -10.39 55.23
N LYS F 301 -11.66 -11.09 55.34
CA LYS F 301 -10.56 -10.60 56.17
C LYS F 301 -10.09 -9.23 55.67
N ILE F 302 -9.81 -9.12 54.38
CA ILE F 302 -9.34 -7.86 53.83
C ILE F 302 -10.42 -6.79 53.95
N LEU F 303 -11.69 -7.17 53.82
CA LEU F 303 -12.76 -6.20 53.96
C LEU F 303 -12.81 -5.62 55.38
N GLU F 304 -12.83 -6.49 56.39
CA GLU F 304 -12.86 -6.01 57.76
C GLU F 304 -11.55 -5.31 58.14
N LEU F 305 -10.47 -5.58 57.42
CA LEU F 305 -9.22 -4.86 57.66
C LEU F 305 -9.27 -3.46 57.09
N ASN F 306 -9.88 -3.30 55.91
CA ASN F 306 -9.98 -1.97 55.31
C ASN F 306 -10.98 -1.11 56.06
N GLY F 307 -12.14 -1.66 56.40
CA GLY F 307 -13.15 -0.93 57.12
C GLY F 307 -14.27 -0.41 56.23
N TYR F 308 -15.19 -1.30 55.85
CA TYR F 308 -16.30 -0.93 54.99
C TYR F 308 -17.51 -1.78 55.35
N ASP F 309 -18.68 -1.33 54.94
CA ASP F 309 -19.91 -2.06 55.20
C ASP F 309 -19.95 -3.33 54.36
N PRO F 310 -20.14 -4.49 54.96
CA PRO F 310 -20.18 -5.73 54.18
C PRO F 310 -21.46 -5.86 53.36
N GLN F 311 -22.61 -5.71 54.02
CA GLN F 311 -23.88 -5.84 53.33
C GLN F 311 -24.05 -4.76 52.27
N TYR F 312 -23.71 -3.51 52.62
CA TYR F 312 -23.82 -2.43 51.65
C TYR F 312 -22.89 -2.63 50.47
N ALA F 313 -21.66 -3.08 50.75
CA ALA F 313 -20.71 -3.33 49.67
C ALA F 313 -21.20 -4.44 48.75
N ALA F 314 -21.73 -5.52 49.33
CA ALA F 314 -22.26 -6.61 48.52
C ALA F 314 -23.44 -6.15 47.67
N SER F 315 -24.32 -5.34 48.26
CA SER F 315 -25.46 -4.83 47.51
C SER F 315 -25.00 -3.94 46.36
N VAL F 316 -24.03 -3.06 46.61
CA VAL F 316 -23.52 -2.19 45.54
C VAL F 316 -22.87 -3.03 44.45
N PHE F 317 -22.13 -4.07 44.82
CA PHE F 317 -21.49 -4.91 43.82
C PHE F 317 -22.52 -5.64 42.98
N LEU F 318 -23.55 -6.19 43.62
CA LEU F 318 -24.59 -6.90 42.87
C LEU F 318 -25.37 -5.95 41.97
N GLY F 319 -25.58 -4.70 42.40
CA GLY F 319 -26.28 -3.75 41.56
C GLY F 319 -25.45 -3.25 40.41
N TRP F 320 -24.14 -3.15 40.60
CA TRP F 320 -23.26 -2.70 39.52
C TRP F 320 -22.96 -3.81 38.51
N ALA F 321 -22.89 -5.05 38.97
CA ALA F 321 -22.61 -6.19 38.09
C ALA F 321 -23.88 -6.75 37.46
N THR F 322 -24.87 -7.10 38.29
CA THR F 322 -26.11 -7.66 37.77
C THR F 322 -26.98 -6.61 37.10
N LYS F 323 -26.71 -5.33 37.32
CA LYS F 323 -27.49 -4.26 36.71
C LYS F 323 -28.94 -4.33 37.16
N LYS F 324 -29.27 -3.66 38.26
CA LYS F 324 -30.62 -3.63 38.80
C LYS F 324 -31.26 -2.25 38.75
N PHE F 325 -30.55 -1.25 38.25
CA PHE F 325 -31.10 0.11 38.18
C PHE F 325 -31.02 0.64 36.75
N GLY F 326 -29.93 1.31 36.41
CA GLY F 326 -29.76 1.86 35.08
C GLY F 326 -28.56 2.78 34.96
N LYS F 327 -28.72 4.02 35.40
CA LYS F 327 -27.63 4.99 35.31
C LYS F 327 -26.44 4.55 36.15
N ARG F 328 -26.64 4.40 37.46
CA ARG F 328 -25.58 3.99 38.36
C ARG F 328 -25.08 2.60 38.00
N ASN F 329 -23.86 2.51 37.47
CA ASN F 329 -23.31 1.22 37.08
C ASN F 329 -21.78 1.29 36.99
N THR F 330 -21.15 1.88 38.00
CA THR F 330 -19.70 2.00 38.03
C THR F 330 -19.24 2.09 39.48
N ILE F 331 -18.02 1.64 39.74
CA ILE F 331 -17.42 1.69 41.07
C ILE F 331 -15.96 2.10 40.93
N TRP F 332 -15.48 2.92 41.86
CA TRP F 332 -14.11 3.40 41.87
C TRP F 332 -13.55 3.24 43.28
N LEU F 333 -12.68 2.25 43.46
CA LEU F 333 -12.06 1.97 44.75
C LEU F 333 -10.60 2.40 44.69
N PHE F 334 -10.25 3.41 45.49
CA PHE F 334 -8.89 3.93 45.54
C PHE F 334 -8.11 3.26 46.66
N GLY F 335 -6.86 2.91 46.39
CA GLY F 335 -6.02 2.27 47.35
C GLY F 335 -4.59 2.07 46.85
N PRO F 336 -3.61 2.39 47.68
CA PRO F 336 -2.21 2.22 47.26
C PRO F 336 -1.85 0.76 47.01
N ALA F 337 -0.58 0.50 46.75
CA ALA F 337 -0.10 -0.86 46.49
C ALA F 337 0.14 -1.67 47.77
N THR F 338 -0.39 -1.22 48.90
CA THR F 338 -0.22 -1.92 50.16
C THR F 338 -1.51 -2.24 50.89
N THR F 339 -2.63 -1.58 50.56
CA THR F 339 -3.89 -1.84 51.23
C THR F 339 -4.55 -3.13 50.75
N GLY F 340 -4.03 -3.76 49.70
CA GLY F 340 -4.59 -4.99 49.18
C GLY F 340 -5.62 -4.83 48.09
N LYS F 341 -6.00 -3.60 47.76
CA LYS F 341 -6.99 -3.40 46.71
C LYS F 341 -6.46 -3.84 45.34
N THR F 342 -5.16 -3.69 45.10
CA THR F 342 -4.59 -4.11 43.83
C THR F 342 -4.71 -5.61 43.66
N ASN F 343 -4.46 -6.38 44.72
CA ASN F 343 -4.59 -7.83 44.63
C ASN F 343 -6.03 -8.24 44.35
N ILE F 344 -7.00 -7.59 45.03
CA ILE F 344 -8.40 -7.91 44.79
C ILE F 344 -8.79 -7.58 43.35
N ALA F 345 -8.30 -6.44 42.84
CA ALA F 345 -8.62 -6.07 41.47
C ALA F 345 -8.03 -7.06 40.47
N GLU F 346 -6.78 -7.46 40.69
CA GLU F 346 -6.16 -8.43 39.79
C GLU F 346 -6.87 -9.77 39.84
N ALA F 347 -7.30 -10.19 41.03
CA ALA F 347 -8.04 -11.45 41.14
C ALA F 347 -9.38 -11.37 40.43
N ILE F 348 -10.09 -10.24 40.58
CA ILE F 348 -11.36 -10.07 39.89
C ILE F 348 -11.16 -10.07 38.38
N ALA F 349 -10.08 -9.46 37.92
CA ALA F 349 -9.81 -9.42 36.48
C ALA F 349 -9.47 -10.81 35.95
N HIS F 350 -8.68 -11.58 36.71
CA HIS F 350 -8.33 -12.93 36.27
C HIS F 350 -9.53 -13.87 36.34
N THR F 351 -10.47 -13.62 37.24
CA THR F 351 -11.64 -14.48 37.35
C THR F 351 -12.45 -14.45 36.05
N VAL F 352 -12.86 -13.26 35.62
CA VAL F 352 -13.63 -13.11 34.39
C VAL F 352 -12.69 -13.27 33.20
N PRO F 353 -12.79 -14.37 32.45
CA PRO F 353 -11.87 -14.55 31.31
C PRO F 353 -12.13 -13.56 30.18
N PHE F 354 -13.40 -13.28 29.89
CA PHE F 354 -13.76 -12.36 28.80
C PHE F 354 -13.84 -10.92 29.30
N TYR F 355 -12.78 -10.46 29.95
CA TYR F 355 -12.69 -9.10 30.47
C TYR F 355 -11.73 -8.28 29.61
N GLY F 356 -11.69 -6.97 29.88
CA GLY F 356 -10.83 -6.08 29.14
C GLY F 356 -10.17 -5.02 30.00
N CYS F 357 -8.85 -4.92 29.92
CA CYS F 357 -8.10 -3.93 30.71
C CYS F 357 -7.91 -2.66 29.87
N VAL F 358 -9.01 -1.91 29.74
CA VAL F 358 -9.01 -0.67 28.99
C VAL F 358 -8.06 0.33 29.64
N ASN F 359 -6.78 0.26 29.27
CA ASN F 359 -5.78 1.17 29.82
C ASN F 359 -5.83 2.51 29.09
N TRP F 360 -5.98 3.59 29.85
CA TRP F 360 -6.04 4.93 29.29
C TRP F 360 -4.67 5.54 29.03
N THR F 361 -3.72 4.75 28.55
CA THR F 361 -2.38 5.24 28.26
C THR F 361 -2.27 5.78 26.84
N ASN F 362 -2.75 5.04 25.86
CA ASN F 362 -2.69 5.49 24.47
C ASN F 362 -3.71 6.58 24.23
N GLU F 363 -3.24 7.71 23.68
CA GLU F 363 -4.09 8.86 23.39
C GLU F 363 -4.72 8.78 22.00
N ASN F 364 -4.79 7.59 21.41
CA ASN F 364 -5.38 7.40 20.10
C ASN F 364 -6.63 6.54 20.11
N PHE F 365 -6.67 5.49 20.91
CA PHE F 365 -7.83 4.61 20.99
C PHE F 365 -7.88 3.99 22.38
N PRO F 366 -8.48 4.69 23.34
CA PRO F 366 -8.56 4.16 24.71
C PRO F 366 -9.49 2.96 24.80
N PHE F 367 -10.76 3.15 24.42
CA PHE F 367 -11.74 2.07 24.47
C PHE F 367 -11.42 1.00 23.44
N ASN F 368 -10.58 0.04 23.82
CA ASN F 368 -10.19 -1.05 22.92
C ASN F 368 -10.33 -2.41 23.57
N ASP F 369 -10.90 -2.50 24.77
CA ASP F 369 -11.09 -3.76 25.48
C ASP F 369 -12.37 -3.73 26.29
N CYS F 370 -13.43 -3.17 25.71
CA CYS F 370 -14.72 -3.08 26.39
C CYS F 370 -15.89 -3.45 25.47
N VAL F 371 -15.61 -4.01 24.30
CA VAL F 371 -16.65 -4.40 23.35
C VAL F 371 -16.89 -5.90 23.51
N ASP F 372 -18.07 -6.26 24.00
CA ASP F 372 -18.44 -7.66 24.21
C ASP F 372 -17.50 -8.32 25.22
N LYS F 373 -17.41 -7.72 26.40
CA LYS F 373 -16.58 -8.21 27.49
C LYS F 373 -17.41 -8.39 28.74
N MET F 374 -16.80 -9.02 29.74
CA MET F 374 -17.46 -9.27 31.02
C MET F 374 -17.22 -8.13 32.02
N VAL F 375 -15.98 -7.69 32.14
CA VAL F 375 -15.62 -6.61 33.04
C VAL F 375 -14.68 -5.65 32.32
N ILE F 376 -14.68 -4.39 32.77
CA ILE F 376 -13.82 -3.35 32.21
C ILE F 376 -12.94 -2.85 33.34
N TRP F 377 -11.67 -3.27 33.32
CA TRP F 377 -10.72 -2.88 34.36
C TRP F 377 -10.06 -1.56 33.99
N TRP F 378 -10.02 -0.64 34.95
CA TRP F 378 -9.40 0.67 34.78
C TRP F 378 -8.32 0.83 35.86
N GLU F 379 -7.14 0.28 35.58
CA GLU F 379 -6.02 0.33 36.51
C GLU F 379 -4.90 1.25 36.08
N GLU F 380 -4.91 1.72 34.83
CA GLU F 380 -3.89 2.62 34.32
C GLU F 380 -4.55 3.81 33.65
N GLY F 381 -4.02 5.00 33.94
CA GLY F 381 -4.55 6.23 33.37
C GLY F 381 -5.86 6.66 33.97
N LYS F 382 -6.23 7.91 33.75
CA LYS F 382 -7.47 8.48 34.27
C LYS F 382 -8.50 8.52 33.13
N MET F 383 -9.10 9.65 32.80
CA MET F 383 -10.08 9.75 31.73
C MET F 383 -9.65 10.81 30.72
N THR F 384 -10.11 10.67 29.50
CA THR F 384 -9.79 11.59 28.41
C THR F 384 -11.00 12.45 28.10
N ALA F 385 -10.75 13.73 27.83
CA ALA F 385 -11.84 14.66 27.53
C ALA F 385 -12.30 14.57 26.08
N LYS F 386 -11.50 14.00 25.19
CA LYS F 386 -11.89 13.87 23.79
C LYS F 386 -13.12 12.98 23.65
N VAL F 387 -13.17 11.87 24.39
CA VAL F 387 -14.30 10.96 24.33
C VAL F 387 -14.94 10.87 25.71
N VAL F 388 -15.80 11.83 26.03
CA VAL F 388 -16.47 11.87 27.32
C VAL F 388 -17.87 11.27 27.18
N GLU F 389 -18.47 11.44 25.99
CA GLU F 389 -19.80 10.90 25.77
C GLU F 389 -19.81 9.38 25.87
N SER F 390 -18.85 8.72 25.23
CA SER F 390 -18.79 7.26 25.30
C SER F 390 -18.54 6.79 26.73
N ALA F 391 -17.67 7.49 27.46
CA ALA F 391 -17.40 7.12 28.85
C ALA F 391 -18.66 7.24 29.70
N LYS F 392 -19.41 8.35 29.53
CA LYS F 392 -20.63 8.52 30.30
C LYS F 392 -21.68 7.48 29.93
N ALA F 393 -21.75 7.13 28.64
CA ALA F 393 -22.70 6.11 28.22
C ALA F 393 -22.35 4.75 28.79
N ILE F 394 -21.05 4.41 28.84
CA ILE F 394 -20.63 3.14 29.41
C ILE F 394 -20.87 3.12 30.92
N LEU F 395 -20.69 4.27 31.58
CA LEU F 395 -20.93 4.33 33.02
C LEU F 395 -22.41 4.22 33.34
N GLY F 396 -23.26 4.83 32.53
CA GLY F 396 -24.69 4.79 32.73
C GLY F 396 -25.39 3.56 32.20
N GLY F 397 -24.64 2.56 31.73
CA GLY F 397 -25.23 1.35 31.19
C GLY F 397 -26.06 1.60 29.94
N SER F 398 -25.39 1.71 28.80
CA SER F 398 -26.06 1.93 27.54
C SER F 398 -25.03 1.87 26.42
N LYS F 399 -25.51 1.92 25.19
CA LYS F 399 -24.64 1.86 24.02
C LYS F 399 -24.15 3.26 23.65
N VAL F 400 -23.12 3.29 22.80
CA VAL F 400 -22.54 4.55 22.35
C VAL F 400 -21.51 4.22 21.28
N ARG F 401 -21.20 5.21 20.45
CA ARG F 401 -20.23 5.06 19.37
C ARG F 401 -18.92 5.72 19.77
N VAL F 402 -17.81 5.00 19.54
CA VAL F 402 -16.48 5.47 19.87
C VAL F 402 -15.65 5.55 18.59
N ASP F 403 -14.80 6.57 18.49
CA ASP F 403 -13.94 6.76 17.32
C ASP F 403 -12.79 5.76 17.39
N GLN F 404 -13.11 4.51 17.08
CA GLN F 404 -12.12 3.44 17.09
C GLN F 404 -11.16 3.57 15.91
N LYS F 405 -11.11 2.55 15.07
CA LYS F 405 -10.24 2.57 13.90
C LYS F 405 -10.85 3.45 12.82
N CYS F 406 -10.25 3.44 11.62
CA CYS F 406 -10.75 4.25 10.53
C CYS F 406 -11.96 3.64 9.84
N LYS F 407 -12.18 2.34 10.01
CA LYS F 407 -13.32 1.64 9.40
C LYS F 407 -14.01 0.76 10.43
N SER F 408 -14.29 1.34 11.61
CA SER F 408 -14.96 0.60 12.67
C SER F 408 -15.36 1.55 13.80
N SER F 409 -16.62 1.45 14.22
CA SER F 409 -17.13 2.30 15.30
C SER F 409 -18.52 1.87 15.72
N ALA F 410 -18.64 0.65 16.26
CA ALA F 410 -19.91 0.13 16.71
C ALA F 410 -20.20 0.55 18.14
N GLN F 411 -21.33 0.09 18.67
CA GLN F 411 -21.72 0.43 20.03
C GLN F 411 -20.99 -0.48 21.03
N ILE F 412 -21.26 -0.27 22.31
CA ILE F 412 -20.65 -1.04 23.39
C ILE F 412 -21.76 -1.62 24.25
N ASP F 413 -21.65 -2.90 24.58
CA ASP F 413 -22.65 -3.56 25.41
C ASP F 413 -22.44 -3.15 26.87
N PRO F 414 -23.53 -2.99 27.64
CA PRO F 414 -23.39 -2.63 29.05
C PRO F 414 -22.52 -3.61 29.82
N THR F 415 -21.29 -3.20 30.13
CA THR F 415 -20.35 -4.05 30.84
C THR F 415 -19.94 -3.39 32.15
N PRO F 416 -19.95 -4.13 33.27
CA PRO F 416 -19.54 -3.52 34.54
C PRO F 416 -18.10 -3.05 34.49
N VAL F 417 -17.88 -1.81 34.92
CA VAL F 417 -16.57 -1.18 34.91
C VAL F 417 -16.10 -1.03 36.35
N ILE F 418 -14.86 -1.46 36.62
CA ILE F 418 -14.26 -1.36 37.94
C ILE F 418 -12.93 -0.63 37.79
N VAL F 419 -12.71 0.39 38.61
CA VAL F 419 -11.52 1.22 38.55
C VAL F 419 -10.50 0.70 39.55
N THR F 420 -9.22 0.79 39.18
CA THR F 420 -8.13 0.36 40.06
C THR F 420 -6.95 1.31 40.12
N SER F 421 -6.76 2.19 39.14
CA SER F 421 -5.63 3.11 39.16
C SER F 421 -5.72 4.02 40.37
N ASN F 422 -4.56 4.32 40.97
CA ASN F 422 -4.54 5.19 42.14
C ASN F 422 -4.97 6.61 41.80
N THR F 423 -4.75 7.05 40.57
CA THR F 423 -5.14 8.39 40.16
C THR F 423 -6.66 8.52 40.14
N ASN F 424 -7.15 9.69 40.51
CA ASN F 424 -8.59 9.95 40.53
C ASN F 424 -9.17 9.89 39.12
N MET F 425 -10.03 8.90 38.87
CA MET F 425 -10.64 8.78 37.55
C MET F 425 -11.60 9.93 37.25
N CYS F 426 -12.13 10.59 38.27
CA CYS F 426 -13.04 11.72 38.03
C CYS F 426 -12.34 12.87 37.33
N ALA F 427 -11.04 13.04 37.58
CA ALA F 427 -10.26 14.12 36.97
C ALA F 427 -9.97 13.74 35.52
N VAL F 428 -10.80 14.25 34.60
CA VAL F 428 -10.61 13.94 33.18
C VAL F 428 -9.32 14.57 32.69
N ILE F 429 -8.60 13.83 31.84
CA ILE F 429 -7.34 14.28 31.27
C ILE F 429 -7.61 14.74 29.85
N ASP F 430 -7.49 16.04 29.60
CA ASP F 430 -7.70 16.63 28.28
C ASP F 430 -6.35 17.02 27.71
N GLY F 431 -5.88 16.26 26.72
CA GLY F 431 -4.60 16.53 26.11
C GLY F 431 -3.45 16.50 27.09
N ASN F 432 -3.27 17.59 27.84
CA ASN F 432 -2.19 17.66 28.82
C ASN F 432 -2.61 18.37 30.10
N SER F 433 -3.91 18.58 30.33
CA SER F 433 -4.41 19.26 31.51
C SER F 433 -5.47 18.41 32.19
N THR F 434 -5.86 18.82 33.38
CA THR F 434 -6.88 18.12 34.17
C THR F 434 -8.12 19.00 34.28
N THR F 435 -9.28 18.38 34.08
CA THR F 435 -10.55 19.09 34.15
C THR F 435 -11.31 18.67 35.40
N PHE F 436 -12.19 19.56 35.87
CA PHE F 436 -12.98 19.31 37.06
C PHE F 436 -14.48 19.56 36.88
N GLU F 437 -14.89 20.31 35.86
CA GLU F 437 -16.32 20.56 35.66
C GLU F 437 -17.06 19.28 35.27
N HIS F 438 -16.39 18.35 34.59
CA HIS F 438 -17.00 17.09 34.16
C HIS F 438 -16.91 16.02 35.23
N GLN F 439 -17.05 16.38 36.50
CA GLN F 439 -16.97 15.44 37.60
C GLN F 439 -18.33 15.07 38.19
N GLN F 440 -19.34 15.92 38.00
CA GLN F 440 -20.66 15.62 38.56
C GLN F 440 -21.22 14.31 38.04
N PRO F 441 -21.32 14.07 36.73
CA PRO F 441 -21.84 12.78 36.27
C PRO F 441 -20.90 11.63 36.58
N LEU F 442 -19.60 11.84 36.44
CA LEU F 442 -18.64 10.78 36.76
C LEU F 442 -18.75 10.33 38.22
N GLN F 443 -19.21 11.23 39.10
CA GLN F 443 -19.38 10.89 40.50
C GLN F 443 -20.76 10.35 40.81
N ASP F 444 -21.80 10.84 40.11
CA ASP F 444 -23.16 10.37 40.36
C ASP F 444 -23.48 9.06 39.65
N ARG F 445 -22.64 8.62 38.72
CA ARG F 445 -22.85 7.38 37.99
C ARG F 445 -21.88 6.29 38.44
N MET F 446 -21.59 6.25 39.74
CA MET F 446 -20.67 5.26 40.29
C MET F 446 -20.60 5.48 41.80
N PHE F 447 -19.98 4.53 42.48
CA PHE F 447 -19.77 4.58 43.93
C PHE F 447 -18.27 4.70 44.21
N LYS F 448 -17.90 5.73 44.96
CA LYS F 448 -16.50 6.00 45.29
C LYS F 448 -16.19 5.44 46.67
N PHE F 449 -15.11 4.65 46.75
CA PHE F 449 -14.66 4.07 48.00
C PHE F 449 -13.16 4.30 48.16
N GLU F 450 -12.73 4.46 49.41
CA GLU F 450 -11.33 4.72 49.73
C GLU F 450 -10.84 3.68 50.73
N LEU F 451 -9.62 3.22 50.51
CA LEU F 451 -8.98 2.23 51.39
C LEU F 451 -7.85 2.90 52.15
N THR F 452 -8.01 3.00 53.47
CA THR F 452 -7.01 3.66 54.32
C THR F 452 -6.01 2.64 54.85
N ARG F 453 -6.49 1.71 55.69
CA ARG F 453 -5.60 0.70 56.25
C ARG F 453 -5.04 -0.20 55.16
N ARG F 454 -3.81 -0.66 55.37
CA ARG F 454 -3.14 -1.53 54.41
C ARG F 454 -3.53 -2.98 54.63
N LEU F 455 -2.57 -3.89 54.53
CA LEU F 455 -2.83 -5.32 54.72
C LEU F 455 -1.70 -5.98 55.49
N ASP F 456 -1.43 -7.25 55.17
CA ASP F 456 -0.35 -7.98 55.83
C ASP F 456 0.78 -8.28 54.87
N HIS F 457 1.32 -9.49 54.91
CA HIS F 457 2.42 -9.92 54.05
C HIS F 457 1.82 -10.75 52.91
N ASP F 458 1.54 -10.10 51.78
CA ASP F 458 0.97 -10.77 50.63
C ASP F 458 -0.39 -11.36 50.97
N PHE F 459 -1.43 -10.54 50.92
CA PHE F 459 -2.80 -10.94 51.22
C PHE F 459 -3.67 -10.62 50.00
N GLY F 460 -3.84 -11.60 49.13
CA GLY F 460 -4.65 -11.42 47.93
C GLY F 460 -4.77 -12.67 47.10
N LYS F 461 -4.42 -12.56 45.81
CA LYS F 461 -4.49 -13.68 44.87
C LYS F 461 -5.79 -14.47 45.02
N VAL F 462 -6.90 -13.72 45.04
CA VAL F 462 -8.21 -14.35 45.19
C VAL F 462 -8.48 -15.25 43.99
N THR F 463 -9.01 -16.44 44.26
CA THR F 463 -9.32 -17.40 43.21
C THR F 463 -10.77 -17.25 42.78
N LYS F 464 -11.30 -18.27 42.10
CA LYS F 464 -12.69 -18.21 41.64
C LYS F 464 -13.66 -18.75 42.70
N GLN F 465 -13.22 -19.75 43.47
CA GLN F 465 -14.09 -20.30 44.50
C GLN F 465 -14.42 -19.26 45.57
N GLU F 466 -13.44 -18.44 45.95
CA GLU F 466 -13.68 -17.40 46.94
C GLU F 466 -14.68 -16.37 46.42
N VAL F 467 -14.52 -15.95 45.16
CA VAL F 467 -15.46 -14.99 44.59
C VAL F 467 -16.86 -15.58 44.51
N LYS F 468 -16.96 -16.85 44.12
CA LYS F 468 -18.27 -17.49 44.06
C LYS F 468 -18.92 -17.58 45.43
N ASP F 469 -18.15 -17.94 46.46
CA ASP F 469 -18.69 -18.01 47.80
C ASP F 469 -19.13 -16.63 48.29
N PHE F 470 -18.34 -15.60 47.99
CA PHE F 470 -18.72 -14.24 48.39
C PHE F 470 -20.01 -13.81 47.69
N PHE F 471 -20.12 -14.08 46.39
CA PHE F 471 -21.34 -13.73 45.68
C PHE F 471 -22.55 -14.48 46.21
N ARG F 472 -22.37 -15.76 46.56
CA ARG F 472 -23.46 -16.53 47.14
C ARG F 472 -23.90 -15.95 48.49
N TRP F 473 -22.92 -15.65 49.35
CA TRP F 473 -23.24 -15.06 50.65
C TRP F 473 -23.96 -13.73 50.47
N ALA F 474 -23.53 -12.92 49.50
CA ALA F 474 -24.21 -11.65 49.23
C ALA F 474 -25.65 -11.89 48.81
N LYS F 475 -25.85 -12.69 47.76
CA LYS F 475 -27.19 -12.98 47.29
C LYS F 475 -28.08 -13.54 48.40
N ASP F 476 -27.48 -14.24 49.36
CA ASP F 476 -28.26 -14.78 50.47
C ASP F 476 -28.58 -13.71 51.51
N HIS F 477 -27.68 -12.76 51.74
CA HIS F 477 -27.88 -11.72 52.75
C HIS F 477 -27.56 -10.37 52.10
N VAL F 478 -28.60 -9.66 51.68
CA VAL F 478 -28.46 -8.33 51.08
C VAL F 478 -29.63 -7.47 51.53
N VAL F 479 -29.33 -6.23 51.91
CA VAL F 479 -30.36 -5.27 52.33
C VAL F 479 -30.79 -4.46 51.12
N GLU F 480 -30.98 -3.16 51.33
CA GLU F 480 -31.39 -2.24 50.27
C GLU F 480 -30.16 -1.55 49.70
N VAL F 481 -30.34 -0.91 48.55
CA VAL F 481 -29.29 -0.19 47.86
C VAL F 481 -29.67 1.28 47.80
N GLU F 482 -28.69 2.14 48.09
CA GLU F 482 -28.90 3.59 48.09
C GLU F 482 -28.15 4.22 46.92
N HIS F 483 -28.62 5.39 46.50
CA HIS F 483 -28.02 6.14 45.41
C HIS F 483 -27.22 7.29 46.01
N GLU F 484 -25.91 7.09 46.13
CA GLU F 484 -25.03 8.10 46.69
C GLU F 484 -23.63 7.90 46.13
N PHE F 485 -22.84 8.98 46.17
CA PHE F 485 -21.46 8.97 45.69
C PHE F 485 -20.43 8.94 46.80
N TYR F 486 -20.63 9.70 47.86
CA TYR F 486 -19.70 9.75 48.98
C TYR F 486 -20.01 8.61 49.95
N VAL F 487 -19.02 7.77 50.23
CA VAL F 487 -19.21 6.65 51.13
C VAL F 487 -19.27 7.15 52.57
N LYS F 488 -20.17 6.58 53.36
CA LYS F 488 -20.33 6.97 54.76
C LYS F 488 -19.23 6.34 55.60
N LYS F 489 -19.17 6.77 56.86
CA LYS F 489 -18.18 6.27 57.81
C LYS F 489 -18.65 5.04 58.56
N GLY F 490 -19.71 4.37 58.08
CA GLY F 490 -20.22 3.18 58.72
C GLY F 490 -19.71 1.91 58.08
N GLY F 491 -19.71 0.84 58.87
CA GLY F 491 -19.26 -0.46 58.40
C GLY F 491 -17.77 -0.66 58.60
N LYS G 220 -2.55 -35.65 6.82
CA LYS G 220 -1.41 -35.51 5.92
C LYS G 220 -0.27 -34.76 6.59
N THR G 221 -0.61 -33.81 7.45
CA THR G 221 0.38 -33.01 8.16
C THR G 221 0.14 -32.95 9.66
N SER G 222 -0.93 -33.57 10.17
CA SER G 222 -1.20 -33.53 11.60
C SER G 222 -0.09 -34.21 12.40
N ALA G 223 0.37 -35.37 11.93
CA ALA G 223 1.45 -36.07 12.62
C ALA G 223 2.73 -35.25 12.62
N ARG G 224 3.07 -34.65 11.49
CA ARG G 224 4.26 -33.81 11.42
C ARG G 224 4.16 -32.61 12.36
N TYR G 225 2.98 -31.97 12.39
CA TYR G 225 2.80 -30.82 13.27
C TYR G 225 2.91 -31.22 14.74
N MET G 226 2.30 -32.35 15.10
CA MET G 226 2.38 -32.79 16.49
C MET G 226 3.80 -33.17 16.87
N GLU G 227 4.54 -33.81 15.96
CA GLU G 227 5.93 -34.14 16.25
C GLU G 227 6.78 -32.89 16.41
N LEU G 228 6.56 -31.88 15.56
CA LEU G 228 7.30 -30.64 15.68
C LEU G 228 6.98 -29.94 16.99
N VAL G 229 5.70 -29.92 17.39
CA VAL G 229 5.31 -29.30 18.65
C VAL G 229 5.96 -30.02 19.82
N GLY G 230 5.95 -31.35 19.79
CA GLY G 230 6.59 -32.10 20.86
C GLY G 230 8.08 -31.85 20.94
N TRP G 231 8.75 -31.81 19.78
CA TRP G 231 10.19 -31.54 19.77
C TRP G 231 10.48 -30.14 20.31
N LEU G 232 9.68 -29.16 19.93
CA LEU G 232 9.90 -27.79 20.41
C LEU G 232 9.63 -27.69 21.91
N VAL G 233 8.66 -28.44 22.42
CA VAL G 233 8.37 -28.40 23.85
C VAL G 233 9.44 -29.13 24.65
N ASP G 234 10.02 -30.19 24.08
CA ASP G 234 11.07 -30.94 24.77
C ASP G 234 12.38 -30.16 24.78
N LYS G 235 12.88 -29.82 23.59
CA LYS G 235 14.14 -29.10 23.49
C LYS G 235 14.05 -27.66 23.99
N GLY G 236 12.84 -27.14 24.20
CA GLY G 236 12.70 -25.77 24.67
C GLY G 236 13.25 -24.74 23.71
N ILE G 237 13.11 -24.98 22.41
CA ILE G 237 13.61 -24.06 21.40
C ILE G 237 12.70 -22.84 21.32
N THR G 238 13.30 -21.66 21.16
CA THR G 238 12.56 -20.42 21.07
C THR G 238 12.74 -19.70 19.74
N SER G 239 13.86 -19.88 19.06
CA SER G 239 14.13 -19.25 17.79
C SER G 239 14.40 -20.32 16.73
N GLU G 240 14.27 -19.91 15.46
CA GLU G 240 14.50 -20.85 14.36
C GLU G 240 15.96 -21.26 14.27
N LYS G 241 16.88 -20.39 14.70
CA LYS G 241 18.30 -20.73 14.64
C LYS G 241 18.63 -21.90 15.55
N GLN G 242 18.03 -21.94 16.74
CA GLN G 242 18.29 -23.04 17.66
C GLN G 242 17.83 -24.36 17.07
N TRP G 243 16.63 -24.39 16.48
CA TRP G 243 16.13 -25.61 15.87
C TRP G 243 16.97 -26.02 14.66
N ILE G 244 17.41 -25.03 13.88
CA ILE G 244 18.26 -25.34 12.72
C ILE G 244 19.57 -25.95 13.17
N GLN G 245 20.14 -25.44 14.27
CA GLN G 245 21.39 -26.00 14.78
C GLN G 245 21.18 -27.39 15.37
N GLU G 246 20.03 -27.60 16.02
CA GLU G 246 19.74 -28.90 16.63
C GLU G 246 19.27 -29.90 15.58
N ASP G 247 17.99 -30.25 15.64
CA ASP G 247 17.44 -31.22 14.68
C ASP G 247 17.45 -30.63 13.28
N GLN G 248 17.83 -31.47 12.31
CA GLN G 248 17.89 -31.06 10.91
C GLN G 248 17.05 -31.92 9.98
N ALA G 249 16.80 -33.18 10.34
CA ALA G 249 15.99 -34.04 9.48
C ALA G 249 14.54 -33.56 9.43
N SER G 250 13.92 -33.39 10.59
CA SER G 250 12.53 -32.93 10.62
C SER G 250 12.41 -31.53 10.03
N TYR G 251 13.39 -30.67 10.28
CA TYR G 251 13.34 -29.31 9.76
C TYR G 251 13.33 -29.29 8.24
N ILE G 252 14.29 -29.97 7.62
CA ILE G 252 14.35 -30.00 6.16
C ILE G 252 13.17 -30.75 5.58
N SER G 253 12.68 -31.78 6.28
CA SER G 253 11.50 -32.50 5.80
C SER G 253 10.28 -31.59 5.75
N PHE G 254 10.07 -30.80 6.82
CA PHE G 254 8.95 -29.87 6.83
C PHE G 254 9.14 -28.78 5.78
N ASN G 255 10.37 -28.31 5.59
CA ASN G 255 10.62 -27.31 4.56
C ASN G 255 10.27 -27.84 3.18
N ALA G 256 10.65 -29.09 2.89
CA ALA G 256 10.35 -29.69 1.60
C ALA G 256 8.84 -29.92 1.44
N ALA G 257 8.18 -30.37 2.51
CA ALA G 257 6.74 -30.61 2.46
C ALA G 257 5.97 -29.31 2.36
N SER G 258 5.67 -28.70 3.51
CA SER G 258 4.93 -27.45 3.54
C SER G 258 5.87 -26.28 3.25
N ASN G 259 5.49 -25.46 2.28
CA ASN G 259 6.29 -24.31 1.87
C ASN G 259 6.01 -23.08 2.72
N SER G 260 5.19 -23.21 3.78
CA SER G 260 4.85 -22.10 4.65
C SER G 260 5.34 -22.39 6.06
N ARG G 261 5.95 -21.39 6.69
CA ARG G 261 6.47 -21.51 8.04
C ARG G 261 5.42 -21.26 9.12
N SER G 262 4.13 -21.29 8.76
CA SER G 262 3.08 -21.05 9.74
C SER G 262 3.10 -22.12 10.83
N GLN G 263 3.29 -23.38 10.45
CA GLN G 263 3.29 -24.46 11.43
C GLN G 263 4.44 -24.29 12.42
N ILE G 264 5.65 -24.04 11.91
CA ILE G 264 6.80 -23.88 12.80
C ILE G 264 6.64 -22.64 13.68
N LYS G 265 6.07 -21.58 13.11
CA LYS G 265 5.85 -20.36 13.90
C LYS G 265 4.87 -20.63 15.04
N ALA G 266 3.77 -21.31 14.74
CA ALA G 266 2.80 -21.64 15.78
C ALA G 266 3.40 -22.55 16.84
N ALA G 267 4.20 -23.53 16.41
CA ALA G 267 4.84 -24.43 17.37
C ALA G 267 5.78 -23.67 18.29
N LEU G 268 6.60 -22.79 17.73
CA LEU G 268 7.52 -22.00 18.54
C LEU G 268 6.77 -21.09 19.50
N ASP G 269 5.68 -20.48 19.02
CA ASP G 269 4.89 -19.62 19.90
C ASP G 269 4.28 -20.40 21.06
N ASN G 270 3.72 -21.58 20.76
CA ASN G 270 3.14 -22.40 21.82
C ASN G 270 4.21 -22.84 22.82
N ALA G 271 5.40 -23.23 22.32
CA ALA G 271 6.47 -23.63 23.22
C ALA G 271 6.90 -22.48 24.12
N GLY G 272 7.08 -21.30 23.53
CA GLY G 272 7.44 -20.14 24.33
C GLY G 272 6.40 -19.79 25.37
N LYS G 273 5.12 -19.88 24.99
CA LYS G 273 4.05 -19.60 25.94
C LYS G 273 4.07 -20.60 27.09
N ILE G 274 4.16 -21.90 26.77
CA ILE G 274 4.16 -22.92 27.80
C ILE G 274 5.39 -22.78 28.70
N MET G 275 6.49 -22.27 28.16
CA MET G 275 7.71 -22.16 28.95
C MET G 275 7.74 -20.90 29.81
N SER G 276 7.11 -19.81 29.35
CA SER G 276 7.13 -18.54 30.08
C SER G 276 5.89 -18.37 30.97
N LEU G 277 4.70 -18.36 30.37
CA LEU G 277 3.48 -18.13 31.15
C LEU G 277 3.29 -19.23 32.19
N THR G 278 3.28 -20.48 31.75
CA THR G 278 3.07 -21.60 32.67
C THR G 278 4.33 -21.87 33.50
N LYS G 279 5.45 -22.14 32.84
CA LYS G 279 6.70 -22.42 33.53
C LYS G 279 7.38 -21.14 33.96
N THR G 280 8.66 -21.23 34.34
CA THR G 280 9.41 -20.06 34.77
C THR G 280 10.81 -20.07 34.20
N ALA G 281 11.81 -20.32 35.05
CA ALA G 281 13.20 -20.37 34.61
C ALA G 281 14.00 -21.30 35.53
N PRO G 282 14.04 -21.05 36.83
CA PRO G 282 14.79 -21.94 37.73
C PRO G 282 14.37 -23.39 37.61
N ASP G 283 13.12 -23.66 37.24
CA ASP G 283 12.68 -25.03 37.05
C ASP G 283 13.59 -25.81 36.13
N TYR G 284 14.12 -25.15 35.08
CA TYR G 284 15.09 -25.77 34.19
C TYR G 284 16.46 -25.10 34.30
N LEU G 285 16.71 -24.36 35.38
CA LEU G 285 17.98 -23.68 35.61
C LEU G 285 18.75 -24.21 36.80
N VAL G 286 18.06 -24.64 37.85
CA VAL G 286 18.71 -25.19 39.03
C VAL G 286 18.99 -26.66 38.83
N GLY G 287 20.15 -26.97 38.24
CA GLY G 287 20.50 -28.35 38.00
C GLY G 287 20.64 -29.14 39.30
N GLN G 288 20.19 -30.39 39.26
CA GLN G 288 20.26 -31.25 40.44
C GLN G 288 21.68 -31.70 40.76
N GLN G 289 22.64 -31.45 39.87
CA GLN G 289 24.02 -31.85 40.11
C GLN G 289 24.75 -30.77 40.90
N PRO G 290 25.03 -31.01 42.18
CA PRO G 290 25.73 -30.00 42.99
C PRO G 290 27.14 -29.76 42.47
N VAL G 291 27.79 -28.75 43.06
CA VAL G 291 29.16 -28.43 42.67
C VAL G 291 30.18 -29.43 43.21
N GLU G 292 29.83 -30.14 44.29
CA GLU G 292 30.70 -31.12 44.93
C GLU G 292 31.89 -30.48 45.64
N ASP G 293 31.86 -29.18 45.87
CA ASP G 293 32.95 -28.48 46.56
C ASP G 293 32.51 -27.03 46.78
N ILE G 294 33.40 -26.24 47.37
CA ILE G 294 33.11 -24.84 47.66
C ILE G 294 32.92 -24.08 46.36
N SER G 295 34.00 -23.90 45.60
CA SER G 295 33.95 -23.18 44.34
C SER G 295 34.73 -23.98 43.30
N SER G 296 34.04 -24.40 42.24
CA SER G 296 34.66 -25.17 41.17
C SER G 296 34.98 -24.34 39.94
N ASN G 297 34.51 -23.10 39.87
CA ASN G 297 34.78 -22.25 38.72
C ASN G 297 35.48 -20.97 39.14
N ARG G 298 35.16 -19.86 38.48
CA ARG G 298 35.76 -18.57 38.78
C ARG G 298 34.74 -17.50 39.18
N ILE G 299 33.45 -17.86 39.27
CA ILE G 299 32.44 -16.88 39.63
C ILE G 299 32.68 -16.36 41.04
N TYR G 300 32.97 -17.27 41.98
CA TYR G 300 33.21 -16.84 43.35
C TYR G 300 34.51 -16.05 43.46
N LYS G 301 35.53 -16.43 42.69
CA LYS G 301 36.76 -15.65 42.68
C LYS G 301 36.52 -14.23 42.18
N ILE G 302 35.73 -14.09 41.11
CA ILE G 302 35.42 -12.76 40.58
C ILE G 302 34.62 -11.97 41.60
N LEU G 303 33.66 -12.61 42.27
CA LEU G 303 32.86 -11.92 43.28
C LEU G 303 33.73 -11.44 44.43
N GLU G 304 34.68 -12.27 44.87
CA GLU G 304 35.57 -11.86 45.96
C GLU G 304 36.50 -10.73 45.51
N LEU G 305 36.98 -10.78 44.27
CA LEU G 305 37.84 -9.72 43.78
C LEU G 305 37.08 -8.40 43.65
N ASN G 306 35.79 -8.47 43.30
CA ASN G 306 35.00 -7.25 43.17
C ASN G 306 34.72 -6.63 44.53
N GLY G 307 34.42 -7.45 45.53
CA GLY G 307 34.14 -6.96 46.86
C GLY G 307 32.67 -6.87 47.17
N TYR G 308 32.05 -8.00 47.52
CA TYR G 308 30.63 -8.05 47.83
C TYR G 308 30.40 -9.09 48.91
N ASP G 309 29.26 -8.96 49.60
CA ASP G 309 28.91 -9.90 50.64
C ASP G 309 28.63 -11.27 50.02
N PRO G 310 29.18 -12.35 50.57
CA PRO G 310 28.94 -13.68 49.99
C PRO G 310 27.53 -14.19 50.25
N GLN G 311 27.20 -14.38 51.53
CA GLN G 311 25.87 -14.89 51.87
C GLN G 311 24.79 -13.93 51.43
N TYR G 312 25.00 -12.62 51.62
CA TYR G 312 24.00 -11.65 51.22
C TYR G 312 23.79 -11.66 49.71
N ALA G 313 24.87 -11.73 48.93
CA ALA G 313 24.74 -11.78 47.48
C ALA G 313 24.04 -13.06 47.04
N ALA G 314 24.37 -14.18 47.67
CA ALA G 314 23.71 -15.45 47.33
C ALA G 314 22.22 -15.37 47.63
N SER G 315 21.85 -14.81 48.77
CA SER G 315 20.44 -14.68 49.11
C SER G 315 19.71 -13.76 48.13
N VAL G 316 20.35 -12.65 47.77
CA VAL G 316 19.74 -11.72 46.81
C VAL G 316 19.55 -12.41 45.47
N PHE G 317 20.53 -13.19 45.02
CA PHE G 317 20.42 -13.89 43.75
C PHE G 317 19.31 -14.93 43.79
N LEU G 318 19.22 -15.69 44.89
CA LEU G 318 18.17 -16.68 45.01
C LEU G 318 16.79 -16.03 45.03
N GLY G 319 16.66 -14.89 45.71
CA GLY G 319 15.39 -14.19 45.73
C GLY G 319 15.02 -13.64 44.37
N TRP G 320 16.00 -13.13 43.63
CA TRP G 320 15.73 -12.62 42.29
C TRP G 320 15.35 -13.74 41.34
N ALA G 321 15.96 -14.92 41.50
CA ALA G 321 15.63 -16.05 40.64
C ALA G 321 14.26 -16.61 40.97
N THR G 322 13.89 -16.63 42.26
CA THR G 322 12.59 -17.15 42.67
C THR G 322 11.51 -16.08 42.70
N LYS G 323 11.87 -14.84 43.04
CA LYS G 323 10.91 -13.75 43.09
C LYS G 323 9.84 -14.03 44.14
N LYS G 324 10.02 -13.47 45.35
CA LYS G 324 9.07 -13.66 46.43
C LYS G 324 9.41 -12.78 47.61
N PHE G 325 10.65 -12.28 47.66
CA PHE G 325 11.11 -11.42 48.76
C PHE G 325 10.64 -9.99 48.51
N GLY G 326 9.33 -9.79 48.65
CA GLY G 326 8.77 -8.47 48.46
C GLY G 326 8.94 -7.98 47.03
N LYS G 327 8.86 -6.65 46.89
CA LYS G 327 9.00 -6.02 45.58
C LYS G 327 10.45 -6.00 45.10
N ARG G 328 11.41 -6.24 45.98
CA ARG G 328 12.82 -6.23 45.58
C ARG G 328 13.11 -7.34 44.58
N ASN G 329 13.26 -6.97 43.31
CA ASN G 329 13.54 -7.94 42.26
C ASN G 329 14.20 -7.28 41.06
N THR G 330 15.31 -6.57 41.30
CA THR G 330 16.03 -5.90 40.24
C THR G 330 17.41 -5.51 40.76
N ILE G 331 18.39 -5.55 39.87
CA ILE G 331 19.77 -5.21 40.21
C ILE G 331 20.28 -4.17 39.21
N TRP G 332 21.05 -3.20 39.70
CA TRP G 332 21.61 -2.13 38.88
C TRP G 332 23.11 -2.05 39.16
N LEU G 333 23.92 -2.29 38.13
CA LEU G 333 25.36 -2.25 38.26
C LEU G 333 25.90 -0.88 37.88
N PHE G 334 27.05 -0.53 38.45
CA PHE G 334 27.68 0.75 38.17
C PHE G 334 29.18 0.63 38.44
N GLY G 335 29.98 1.17 37.53
CA GLY G 335 31.42 1.12 37.68
C GLY G 335 32.12 1.12 36.33
N PRO G 336 33.22 0.38 36.23
CA PRO G 336 33.95 0.31 34.96
C PRO G 336 33.08 -0.28 33.86
N ALA G 337 33.37 0.12 32.62
CA ALA G 337 32.64 -0.35 31.45
C ALA G 337 33.04 -1.76 31.03
N THR G 338 33.91 -2.41 31.78
CA THR G 338 34.34 -3.77 31.46
C THR G 338 34.82 -4.48 32.72
N THR G 339 33.95 -4.52 33.73
CA THR G 339 34.29 -5.16 35.01
C THR G 339 33.96 -6.65 34.95
N GLY G 340 34.29 -7.31 33.84
CA GLY G 340 34.02 -8.73 33.71
C GLY G 340 32.56 -9.10 33.82
N LYS G 341 31.65 -8.16 33.56
CA LYS G 341 30.22 -8.42 33.63
C LYS G 341 29.56 -8.58 32.27
N THR G 342 30.13 -7.99 31.22
CA THR G 342 29.54 -8.12 29.89
C THR G 342 29.55 -9.57 29.42
N ASN G 343 30.66 -10.27 29.62
CA ASN G 343 30.73 -11.68 29.24
C ASN G 343 29.75 -12.53 30.04
N ILE G 344 29.63 -12.25 31.34
CA ILE G 344 28.70 -13.01 32.17
C ILE G 344 27.27 -12.78 31.69
N ALA G 345 26.92 -11.52 31.39
CA ALA G 345 25.58 -11.23 30.90
C ALA G 345 25.31 -11.91 29.57
N GLU G 346 26.30 -11.88 28.66
CA GLU G 346 26.12 -12.54 27.38
C GLU G 346 25.92 -14.04 27.54
N ALA G 347 26.70 -14.67 28.43
CA ALA G 347 26.55 -16.10 28.68
C ALA G 347 25.19 -16.42 29.28
N ILE G 348 24.73 -15.58 30.22
CA ILE G 348 23.43 -15.82 30.84
C ILE G 348 22.32 -15.67 29.81
N ALA G 349 22.45 -14.71 28.89
CA ALA G 349 21.44 -14.52 27.86
C ALA G 349 21.45 -15.66 26.86
N HIS G 350 22.63 -16.18 26.53
CA HIS G 350 22.72 -17.28 25.57
C HIS G 350 22.24 -18.59 26.17
N THR G 351 22.45 -18.79 27.48
CA THR G 351 22.02 -20.03 28.12
C THR G 351 20.50 -20.11 28.20
N VAL G 352 19.87 -19.12 28.83
CA VAL G 352 18.41 -19.13 28.97
C VAL G 352 17.79 -18.90 27.59
N PRO G 353 16.77 -19.67 27.20
CA PRO G 353 16.15 -19.46 25.89
C PRO G 353 15.31 -18.20 25.81
N PHE G 354 14.83 -17.69 26.93
CA PHE G 354 13.99 -16.48 26.96
C PHE G 354 14.78 -15.37 27.63
N TYR G 355 15.11 -14.33 26.86
CA TYR G 355 15.84 -13.19 27.37
C TYR G 355 15.45 -11.95 26.58
N GLY G 356 15.06 -10.90 27.29
CA GLY G 356 14.66 -9.66 26.65
C GLY G 356 15.73 -8.59 26.71
N CYS G 357 16.36 -8.30 25.58
CA CYS G 357 17.42 -7.30 25.49
C CYS G 357 16.78 -5.94 25.23
N VAL G 358 16.76 -5.09 26.25
CA VAL G 358 16.18 -3.76 26.13
C VAL G 358 17.20 -2.86 25.43
N ASN G 359 16.87 -2.41 24.22
CA ASN G 359 17.73 -1.55 23.44
C ASN G 359 17.10 -0.17 23.32
N TRP G 360 17.95 0.83 23.07
CA TRP G 360 17.48 2.21 22.92
C TRP G 360 17.20 2.54 21.46
N THR G 361 16.71 1.56 20.70
CA THR G 361 16.40 1.79 19.30
C THR G 361 15.24 2.77 19.15
N ASN G 362 14.14 2.51 19.83
CA ASN G 362 12.97 3.40 19.77
C ASN G 362 13.19 4.63 20.65
N GLU G 363 12.58 5.74 20.23
CA GLU G 363 12.70 6.99 20.96
C GLU G 363 11.65 7.11 22.06
N ASN G 364 10.38 7.04 21.69
CA ASN G 364 9.27 7.16 22.64
C ASN G 364 8.86 5.82 23.24
N PHE G 365 9.28 4.70 22.66
CA PHE G 365 8.93 3.37 23.16
C PHE G 365 10.19 2.53 23.30
N PRO G 366 11.11 2.92 24.19
CA PRO G 366 12.33 2.13 24.37
C PRO G 366 12.05 0.72 24.88
N PHE G 367 11.15 0.58 25.85
CA PHE G 367 10.83 -0.73 26.40
C PHE G 367 9.97 -1.51 25.42
N ASN G 368 10.55 -2.57 24.84
CA ASN G 368 9.83 -3.38 23.87
C ASN G 368 10.12 -4.87 23.98
N ASP G 369 11.16 -5.28 24.71
CA ASP G 369 11.48 -6.70 24.84
C ASP G 369 11.30 -7.17 26.28
N CYS G 370 10.10 -7.01 26.83
CA CYS G 370 9.81 -7.41 28.20
C CYS G 370 8.52 -8.20 28.35
N VAL G 371 7.73 -8.37 27.28
CA VAL G 371 6.48 -9.12 27.35
C VAL G 371 6.79 -10.59 27.10
N ASP G 372 6.38 -11.44 28.04
CA ASP G 372 6.60 -12.87 27.91
C ASP G 372 8.10 -13.20 27.85
N LYS G 373 8.77 -13.18 29.00
CA LYS G 373 10.19 -13.47 29.05
C LYS G 373 10.55 -13.87 30.47
N MET G 374 11.67 -14.60 30.59
CA MET G 374 12.15 -15.05 31.89
C MET G 374 13.05 -14.03 32.56
N VAL G 375 13.95 -13.40 31.82
CA VAL G 375 14.85 -12.39 32.35
C VAL G 375 14.97 -11.25 31.35
N ILE G 376 15.19 -10.05 31.86
CA ILE G 376 15.37 -8.85 31.04
C ILE G 376 16.75 -8.27 31.33
N TRP G 377 17.42 -7.80 30.30
CA TRP G 377 18.78 -7.26 30.40
C TRP G 377 18.79 -5.85 29.87
N TRP G 378 19.34 -4.93 30.66
CA TRP G 378 19.48 -3.52 30.26
C TRP G 378 20.91 -3.29 29.80
N GLU G 379 21.09 -3.10 28.50
CA GLU G 379 22.42 -2.88 27.93
C GLU G 379 23.01 -1.57 28.41
N GLU G 380 23.02 -0.57 27.53
CA GLU G 380 23.56 0.76 27.84
C GLU G 380 22.49 1.81 27.59
N GLY G 381 22.76 3.01 28.09
CA GLY G 381 21.85 4.13 27.93
C GLY G 381 21.01 4.36 29.17
N LYS G 382 20.71 5.62 29.43
CA LYS G 382 19.91 5.99 30.59
C LYS G 382 18.44 5.72 30.33
N MET G 383 17.70 5.46 31.41
CA MET G 383 16.28 5.18 31.30
C MET G 383 15.54 6.41 30.81
N THR G 384 14.58 6.19 29.91
CA THR G 384 13.78 7.27 29.35
C THR G 384 12.60 7.58 30.26
N ALA G 385 11.89 8.66 29.92
CA ALA G 385 10.73 9.10 30.68
C ALA G 385 9.42 8.76 30.01
N LYS G 386 9.44 8.32 28.75
CA LYS G 386 8.19 7.98 28.07
C LYS G 386 7.53 6.75 28.68
N VAL G 387 8.33 5.80 29.19
CA VAL G 387 7.80 4.59 29.80
C VAL G 387 8.51 4.35 31.13
N VAL G 388 8.09 5.08 32.17
CA VAL G 388 8.68 4.94 33.49
C VAL G 388 7.77 4.10 34.37
N GLU G 389 6.45 4.18 34.12
CA GLU G 389 5.50 3.42 34.91
C GLU G 389 5.71 1.91 34.71
N SER G 390 5.98 1.50 33.47
CA SER G 390 6.22 0.08 33.21
C SER G 390 7.43 -0.43 33.97
N ALA G 391 8.52 0.35 33.96
CA ALA G 391 9.72 -0.06 34.69
C ALA G 391 9.47 -0.09 36.19
N LYS G 392 8.77 0.92 36.71
CA LYS G 392 8.47 0.96 38.14
C LYS G 392 7.62 -0.23 38.55
N ALA G 393 6.68 -0.65 37.69
CA ALA G 393 5.85 -1.80 38.02
C ALA G 393 6.64 -3.10 37.92
N ILE G 394 7.54 -3.20 36.93
CA ILE G 394 8.33 -4.42 36.78
C ILE G 394 9.34 -4.54 37.91
N LEU G 395 9.78 -3.42 38.48
CA LEU G 395 10.74 -3.47 39.58
C LEU G 395 10.18 -4.24 40.77
N GLY G 396 8.96 -3.89 41.19
CA GLY G 396 8.34 -4.55 42.32
C GLY G 396 7.38 -5.66 41.92
N GLY G 397 7.51 -6.13 40.68
CA GLY G 397 6.67 -7.20 40.17
C GLY G 397 5.31 -6.75 39.66
N SER G 398 4.96 -5.47 39.80
CA SER G 398 3.69 -4.99 39.32
C SER G 398 3.68 -4.92 37.80
N LYS G 399 2.57 -4.44 37.25
CA LYS G 399 2.43 -4.32 35.80
C LYS G 399 1.57 -3.10 35.48
N VAL G 400 1.69 -2.64 34.25
CA VAL G 400 0.92 -1.48 33.78
C VAL G 400 0.87 -1.51 32.27
N ARG G 401 -0.29 -1.19 31.71
CA ARG G 401 -0.48 -1.21 30.26
C ARG G 401 0.04 0.08 29.64
N VAL G 402 0.90 -0.05 28.63
CA VAL G 402 1.47 1.08 27.93
C VAL G 402 1.39 0.82 26.43
N ASP G 403 1.43 1.89 25.65
CA ASP G 403 1.41 1.79 24.20
C ASP G 403 2.74 1.23 23.68
N GLN G 404 2.74 0.85 22.41
CA GLN G 404 3.93 0.31 21.78
C GLN G 404 4.21 1.01 20.46
N LYS G 405 4.03 0.29 19.34
CA LYS G 405 4.28 0.86 18.03
C LYS G 405 3.19 1.87 17.65
N CYS G 406 2.62 1.71 16.46
CA CYS G 406 1.58 2.62 15.97
C CYS G 406 0.23 1.95 16.15
N LYS G 407 -0.63 2.56 16.96
CA LYS G 407 -1.98 2.07 17.22
C LYS G 407 -1.93 0.65 17.82
N SER G 408 -1.50 0.61 19.08
CA SER G 408 -1.40 -0.65 19.81
C SER G 408 -0.91 -0.41 21.24
N SER G 409 -1.58 -1.03 22.21
CA SER G 409 -1.21 -0.91 23.61
C SER G 409 -1.29 -2.27 24.26
N ALA G 410 -0.27 -2.62 25.06
CA ALA G 410 -0.21 -3.92 25.70
C ALA G 410 0.31 -3.75 27.12
N GLN G 411 0.13 -4.79 27.93
CA GLN G 411 0.58 -4.81 29.31
C GLN G 411 1.89 -5.59 29.40
N ILE G 412 2.95 -4.91 29.86
CA ILE G 412 4.26 -5.54 29.97
C ILE G 412 4.23 -6.54 31.12
N ASP G 413 4.45 -7.81 30.81
CA ASP G 413 4.44 -8.84 31.85
C ASP G 413 5.62 -8.64 32.78
N PRO G 414 5.38 -8.60 34.10
CA PRO G 414 6.50 -8.44 35.03
C PRO G 414 7.53 -9.54 34.86
N THR G 415 8.81 -9.16 34.88
CA THR G 415 9.90 -10.10 34.69
C THR G 415 11.14 -9.56 35.40
N PRO G 416 11.92 -10.43 36.04
CA PRO G 416 13.15 -9.96 36.70
C PRO G 416 14.09 -9.30 35.69
N VAL G 417 14.54 -8.10 36.03
CA VAL G 417 15.41 -7.31 35.16
C VAL G 417 16.75 -7.10 35.86
N ILE G 418 17.80 -7.04 35.05
CA ILE G 418 19.15 -6.78 35.52
C ILE G 418 19.77 -5.73 34.62
N VAL G 419 20.38 -4.71 35.23
CA VAL G 419 20.98 -3.59 34.50
C VAL G 419 22.48 -3.80 34.42
N THR G 420 23.06 -3.44 33.28
CA THR G 420 24.50 -3.56 33.06
C THR G 420 25.19 -2.23 32.76
N SER G 421 24.48 -1.25 32.22
CA SER G 421 25.08 0.04 31.91
C SER G 421 25.57 0.71 33.19
N ASN G 422 26.86 1.06 33.23
CA ASN G 422 27.44 1.69 34.40
C ASN G 422 27.01 3.14 34.56
N THR G 423 26.37 3.73 33.56
CA THR G 423 25.92 5.10 33.66
C THR G 423 24.84 5.24 34.74
N ASN G 424 24.58 6.49 35.12
CA ASN G 424 23.58 6.78 36.14
C ASN G 424 22.19 6.33 35.69
N MET G 425 21.89 5.03 35.86
CA MET G 425 20.60 4.51 35.45
C MET G 425 19.45 5.09 36.29
N CYS G 426 19.74 5.59 37.49
CA CYS G 426 18.68 6.17 38.32
C CYS G 426 18.07 7.40 37.66
N ALA G 427 18.86 8.16 36.91
CA ALA G 427 18.34 9.34 36.22
C ALA G 427 17.38 8.94 35.11
N VAL G 428 16.44 9.83 34.82
CA VAL G 428 15.43 9.61 33.79
C VAL G 428 15.59 10.68 32.73
N ILE G 429 15.56 10.25 31.46
CA ILE G 429 15.69 11.15 30.32
C ILE G 429 14.28 11.60 29.94
N ASP G 430 13.90 12.80 30.38
CA ASP G 430 12.59 13.36 30.12
C ASP G 430 12.71 14.35 28.97
N GLY G 431 12.24 13.94 27.79
CA GLY G 431 12.31 14.80 26.61
C GLY G 431 13.72 15.21 26.26
N ASN G 432 14.28 16.16 27.04
CA ASN G 432 15.65 16.63 26.79
C ASN G 432 16.34 17.05 28.08
N SER G 433 15.93 16.49 29.21
CA SER G 433 16.52 16.83 30.50
C SER G 433 16.72 15.56 31.31
N THR G 434 17.52 15.68 32.37
CA THR G 434 17.83 14.57 33.27
C THR G 434 17.14 14.82 34.60
N THR G 435 16.07 14.08 34.86
CA THR G 435 15.29 14.21 36.10
C THR G 435 15.70 13.13 37.08
N PHE G 436 15.75 13.50 38.37
CA PHE G 436 16.12 12.58 39.44
C PHE G 436 14.94 12.22 40.33
N GLU G 437 13.71 12.50 39.90
CA GLU G 437 12.54 12.19 40.72
C GLU G 437 12.39 10.68 40.89
N HIS G 438 12.42 9.94 39.79
CA HIS G 438 12.29 8.48 39.82
C HIS G 438 13.64 7.86 40.21
N GLN G 439 13.99 8.05 41.49
CA GLN G 439 15.24 7.54 42.02
C GLN G 439 15.00 6.76 43.31
N GLN G 440 14.21 7.33 44.22
CA GLN G 440 13.92 6.66 45.48
C GLN G 440 13.20 5.33 45.28
N PRO G 441 12.10 5.25 44.51
CA PRO G 441 11.47 3.95 44.29
C PRO G 441 12.36 2.97 43.56
N LEU G 442 13.13 3.45 42.57
CA LEU G 442 14.03 2.55 41.85
C LEU G 442 15.08 1.96 42.78
N GLN G 443 15.61 2.77 43.70
CA GLN G 443 16.59 2.26 44.66
C GLN G 443 15.94 1.34 45.68
N ASP G 444 14.71 1.63 46.08
CA ASP G 444 14.02 0.79 47.06
C ASP G 444 13.59 -0.56 46.47
N ARG G 445 13.38 -0.62 45.16
CA ARG G 445 12.97 -1.85 44.49
C ARG G 445 14.11 -2.52 43.75
N MET G 446 15.34 -2.06 43.92
CA MET G 446 16.50 -2.63 43.26
C MET G 446 17.68 -2.63 44.21
N PHE G 447 18.76 -3.31 43.79
CA PHE G 447 19.98 -3.41 44.56
C PHE G 447 21.13 -2.83 43.74
N LYS G 448 21.87 -1.89 44.32
CA LYS G 448 22.98 -1.23 43.64
C LYS G 448 24.25 -2.05 43.83
N PHE G 449 24.99 -2.25 42.74
CA PHE G 449 26.25 -2.99 42.74
C PHE G 449 27.33 -2.07 42.18
N GLU G 450 28.10 -1.45 43.07
CA GLU G 450 29.16 -0.52 42.67
C GLU G 450 30.39 -1.33 42.27
N LEU G 451 30.69 -1.35 40.98
CA LEU G 451 31.84 -2.06 40.46
C LEU G 451 33.06 -1.15 40.41
N THR G 452 34.23 -1.71 40.71
CA THR G 452 35.47 -0.94 40.71
C THR G 452 36.60 -1.75 40.08
N ARG G 453 37.04 -2.81 40.77
CA ARG G 453 38.12 -3.65 40.28
C ARG G 453 37.60 -4.56 39.17
N ARG G 454 38.27 -4.52 38.02
CA ARG G 454 37.89 -5.35 36.89
C ARG G 454 38.60 -6.70 36.94
N LEU G 455 38.40 -7.50 35.90
CA LEU G 455 38.99 -8.83 35.77
C LEU G 455 40.15 -8.76 34.78
N ASP G 456 40.47 -9.89 34.15
CA ASP G 456 41.57 -9.94 33.20
C ASP G 456 41.07 -9.68 31.78
N HIS G 457 41.46 -10.55 30.84
CA HIS G 457 41.05 -10.41 29.45
C HIS G 457 39.93 -11.42 29.18
N ASP G 458 38.70 -10.91 29.11
CA ASP G 458 37.53 -11.74 28.86
C ASP G 458 37.36 -12.81 29.94
N PHE G 459 37.40 -12.36 31.19
CA PHE G 459 37.26 -13.25 32.34
C PHE G 459 35.79 -13.60 32.52
N GLY G 460 35.41 -14.81 32.10
CA GLY G 460 34.04 -15.26 32.22
C GLY G 460 33.79 -16.60 31.58
N LYS G 461 33.20 -16.60 30.39
CA LYS G 461 32.90 -17.84 29.66
C LYS G 461 31.92 -18.71 30.45
N VAL G 462 30.85 -18.09 30.92
CA VAL G 462 29.84 -18.82 31.69
C VAL G 462 29.08 -19.77 30.78
N THR G 463 28.86 -20.99 31.26
CA THR G 463 28.14 -22.01 30.53
C THR G 463 26.93 -22.47 31.33
N LYS G 464 26.08 -23.27 30.67
CA LYS G 464 24.88 -23.78 31.35
C LYS G 464 25.24 -24.65 32.54
N GLN G 465 26.30 -25.47 32.41
CA GLN G 465 26.70 -26.34 33.50
C GLN G 465 27.14 -25.53 34.71
N GLU G 466 27.90 -24.45 34.49
CA GLU G 466 28.35 -23.62 35.60
C GLU G 466 27.17 -22.95 36.30
N VAL G 467 26.21 -22.43 35.52
CA VAL G 467 25.04 -21.80 36.12
C VAL G 467 24.23 -22.81 36.92
N LYS G 468 24.08 -24.03 36.39
CA LYS G 468 23.34 -25.07 37.10
C LYS G 468 24.03 -25.43 38.40
N ASP G 469 25.37 -25.60 38.37
CA ASP G 469 26.10 -25.93 39.58
C ASP G 469 25.98 -24.81 40.61
N PHE G 470 26.08 -23.55 40.16
CA PHE G 470 25.94 -22.43 41.09
C PHE G 470 24.56 -22.41 41.72
N PHE G 471 23.51 -22.58 40.92
CA PHE G 471 22.16 -22.58 41.45
C PHE G 471 21.97 -23.72 42.44
N ARG G 472 22.51 -24.90 42.13
CA ARG G 472 22.36 -26.04 43.03
C ARG G 472 23.06 -25.80 44.35
N TRP G 473 24.30 -25.28 44.30
CA TRP G 473 25.04 -25.05 45.53
C TRP G 473 24.42 -23.92 46.34
N ALA G 474 23.76 -22.98 45.67
CA ALA G 474 23.09 -21.90 46.39
C ALA G 474 21.81 -22.39 47.05
N LYS G 475 21.06 -23.26 46.36
CA LYS G 475 19.85 -23.82 46.95
C LYS G 475 20.16 -24.81 48.06
N ASP G 476 21.34 -25.46 48.01
CA ASP G 476 21.70 -26.39 49.06
C ASP G 476 21.89 -25.70 50.41
N HIS G 477 22.37 -24.46 50.39
CA HIS G 477 22.61 -23.69 51.61
C HIS G 477 21.96 -22.32 51.44
N VAL G 478 20.89 -22.07 52.20
CA VAL G 478 20.16 -20.81 52.16
C VAL G 478 20.20 -20.18 53.54
N VAL G 479 20.42 -18.86 53.58
CA VAL G 479 20.47 -18.13 54.84
C VAL G 479 19.48 -16.98 54.79
N GLU G 480 19.45 -16.18 55.86
CA GLU G 480 18.52 -15.06 55.91
C GLU G 480 18.90 -14.00 54.87
N VAL G 481 17.95 -13.12 54.59
CA VAL G 481 18.12 -12.06 53.60
C VAL G 481 17.98 -10.72 54.29
N GLU G 482 18.81 -9.76 53.91
CA GLU G 482 18.79 -8.41 54.45
C GLU G 482 18.36 -7.47 53.32
N HIS G 483 17.06 -7.24 53.22
CA HIS G 483 16.52 -6.38 52.17
C HIS G 483 16.99 -4.94 52.39
N GLU G 484 17.63 -4.36 51.38
CA GLU G 484 18.12 -3.00 51.46
C GLU G 484 18.68 -2.61 50.09
N PHE G 485 18.72 -1.30 49.84
CA PHE G 485 19.23 -0.80 48.57
C PHE G 485 20.76 -0.79 48.56
N TYR G 486 21.37 -0.02 49.47
CA TYR G 486 22.82 0.09 49.53
C TYR G 486 23.45 -1.27 49.85
N VAL G 487 24.15 -1.84 48.88
CA VAL G 487 24.81 -3.14 49.05
C VAL G 487 26.19 -2.85 49.63
N LYS G 488 26.26 -2.83 50.96
CA LYS G 488 27.52 -2.57 51.65
C LYS G 488 28.51 -3.70 51.39
N LYS G 489 29.62 -3.39 50.75
CA LYS G 489 30.63 -4.41 50.45
C LYS G 489 31.29 -4.91 51.73
N GLY G 490 31.55 -4.01 52.67
CA GLY G 490 32.19 -4.39 53.92
C GLY G 490 31.26 -5.12 54.87
N GLY G 491 31.48 -6.42 55.05
CA GLY G 491 30.65 -7.22 55.94
C GLY G 491 29.32 -7.60 55.33
#